data_5UGF
#
_entry.id   5UGF
#
_cell.length_a   104.960
_cell.length_b   124.270
_cell.length_c   136.730
_cell.angle_alpha   90.00
_cell.angle_beta   90.00
_cell.angle_gamma   90.00
#
_symmetry.space_group_name_H-M   'P 21 21 21'
#
loop_
_entity.id
_entity.type
_entity.pdbx_description
1 polymer 'Purine nucleoside phosphorylase'
2 non-polymer 'PHOSPHATE ION'
3 non-polymer 2-amino-7-{[(3R,4R)-3-hydroxy-4-(hydroxymethyl)pyrrolidin-1-yl]methyl}-3,5-dihydro-4H-pyrrolo[3,2-d]pyrimidin-4-one
4 water water
#
_entity_poly.entity_id   1
_entity_poly.type   'polypeptide(L)'
_entity_poly.pdbx_seq_one_letter_code
;HHHHHHGMASMTGGQQMGRDLYDDDDKDPTLMENGYTYEDYKNTAEWLLSHTKHRPQVAIICGSGLGGLTDKLTQAQIFD
YSEIPNFPRSTVPGHAGRLVFGFLNGRACVMMQGRFHMYEGYPLWKVTFPVRVFHLLGVDTLVVTNAAGGLNPKFEVGDI
MLIRDHINLPGFSGQNPLRGPNDERFGDRYPAMSDAYDRTMRQRALSTWKQMGEQRELQEGTYVMVAGPSFETVAECRVL
QKLGADAVGMSTVPEVIVARHCGLRVFGFSLITNKVIMDYESLEKANHEEVLAAGKQAAQKLEQFVSILMASIPLPDKAS
;
_entity_poly.pdbx_strand_id   A,B,C,D,E,F
#
loop_
_chem_comp.id
_chem_comp.type
_chem_comp.name
_chem_comp.formula
IM5 non-polymer 2-amino-7-{[(3R,4R)-3-hydroxy-4-(hydroxymethyl)pyrrolidin-1-yl]methyl}-3,5-dihydro-4H-pyrrolo[3,2-d]pyrimidin-4-one 'C12 H17 N5 O3'
PO4 non-polymer 'PHOSPHATE ION' 'O4 P -3'
#
# COMPACT_ATOMS: atom_id res chain seq x y z
N MET A 32 8.93 13.39 -4.04
CA MET A 32 10.00 13.30 -2.99
C MET A 32 11.36 13.35 -3.64
N GLU A 33 12.03 12.20 -3.86
CA GLU A 33 13.41 12.20 -4.33
C GLU A 33 13.74 11.12 -5.38
N ASN A 34 14.86 11.34 -6.06
CA ASN A 34 15.51 10.37 -6.95
C ASN A 34 15.75 9.05 -6.22
N GLY A 35 15.29 7.95 -6.82
CA GLY A 35 15.49 6.59 -6.30
C GLY A 35 16.86 5.99 -6.60
N TYR A 36 17.57 6.54 -7.57
CA TYR A 36 18.93 6.10 -7.93
C TYR A 36 19.98 6.83 -7.09
N THR A 37 20.98 6.09 -6.64
CA THR A 37 22.19 6.67 -6.03
C THR A 37 23.21 6.95 -7.12
N TYR A 38 24.27 7.70 -6.80
CA TYR A 38 25.39 7.90 -7.74
C TYR A 38 26.00 6.57 -8.16
N GLU A 39 26.07 5.61 -7.22
CA GLU A 39 26.66 4.31 -7.46
C GLU A 39 25.88 3.50 -8.49
N ASP A 40 24.55 3.65 -8.51
CA ASP A 40 23.70 2.98 -9.50
C ASP A 40 24.04 3.41 -10.93
N TYR A 41 24.18 4.72 -11.13
CA TYR A 41 24.57 5.26 -12.46
C TYR A 41 25.95 4.74 -12.86
N LYS A 42 26.87 4.77 -11.90
CA LYS A 42 28.25 4.32 -12.10
C LYS A 42 28.33 2.83 -12.44
N ASN A 43 27.60 2.00 -11.70
CA ASN A 43 27.52 0.55 -11.96
C ASN A 43 27.02 0.25 -13.38
N THR A 44 26.01 1.00 -13.83
CA THR A 44 25.46 0.81 -15.18
C THR A 44 26.46 1.21 -16.26
N ALA A 45 27.12 2.36 -16.08
CA ALA A 45 28.15 2.82 -17.00
C ALA A 45 29.33 1.84 -17.10
N GLU A 46 29.85 1.41 -15.95
CA GLU A 46 30.95 0.44 -15.89
C GLU A 46 30.57 -0.90 -16.51
N TRP A 47 29.33 -1.33 -16.31
CA TRP A 47 28.83 -2.54 -16.95
C TRP A 47 28.88 -2.42 -18.46
N LEU A 48 28.35 -1.31 -18.98
CA LEU A 48 28.38 -1.04 -20.43
C LEU A 48 29.81 -0.95 -20.97
N LEU A 49 30.68 -0.23 -20.27
CA LEU A 49 32.09 -0.08 -20.67
C LEU A 49 32.86 -1.41 -20.71
N SER A 50 32.53 -2.32 -19.81
CA SER A 50 33.18 -3.64 -19.76
C SER A 50 32.54 -4.67 -20.71
N HIS A 51 31.40 -4.36 -21.31
CA HIS A 51 30.72 -5.24 -22.27
C HIS A 51 30.77 -4.76 -23.73
N THR A 52 31.38 -3.60 -23.99
CA THR A 52 31.63 -3.13 -25.35
C THR A 52 33.01 -2.46 -25.42
N LYS A 53 33.64 -2.55 -26.59
CA LYS A 53 34.88 -1.86 -26.87
C LYS A 53 34.63 -0.41 -27.28
N HIS A 54 33.37 -0.09 -27.62
CA HIS A 54 32.99 1.25 -28.04
C HIS A 54 33.12 2.25 -26.88
N ARG A 55 33.61 3.43 -27.21
CA ARG A 55 33.78 4.52 -26.26
C ARG A 55 33.14 5.78 -26.87
N PRO A 56 31.83 5.97 -26.65
CA PRO A 56 31.09 7.02 -27.36
C PRO A 56 31.40 8.43 -26.88
N GLN A 57 31.49 9.36 -27.81
CA GLN A 57 31.61 10.80 -27.53
C GLN A 57 30.24 11.49 -27.56
N VAL A 58 29.34 10.99 -28.41
CA VAL A 58 28.05 11.60 -28.65
C VAL A 58 26.95 10.60 -28.30
N ALA A 59 25.96 11.04 -27.52
CA ALA A 59 24.76 10.24 -27.28
C ALA A 59 23.61 10.84 -28.08
N ILE A 60 22.82 9.97 -28.74
CA ILE A 60 21.69 10.40 -29.56
C ILE A 60 20.42 9.70 -29.07
N ILE A 61 19.41 10.48 -28.68
CA ILE A 61 18.11 9.93 -28.29
C ILE A 61 17.17 10.01 -29.48
N CYS A 62 16.71 8.86 -29.95
CA CYS A 62 15.83 8.77 -31.12
C CYS A 62 14.36 8.87 -30.68
N GLY A 63 13.63 9.78 -31.33
CA GLY A 63 12.21 9.98 -31.03
C GLY A 63 11.27 9.03 -31.76
N SER A 64 9.97 9.31 -31.66
CA SER A 64 8.92 8.43 -32.16
C SER A 64 8.99 8.39 -33.69
N GLY A 65 9.12 7.18 -34.24
CA GLY A 65 9.30 6.97 -35.68
C GLY A 65 10.66 7.38 -36.23
N LEU A 66 11.63 7.64 -35.35
CA LEU A 66 12.98 8.05 -35.76
C LEU A 66 14.03 6.97 -35.44
N GLY A 67 13.57 5.77 -35.07
CA GLY A 67 14.47 4.66 -34.73
C GLY A 67 15.38 4.20 -35.86
N GLY A 68 14.97 4.45 -37.10
CA GLY A 68 15.80 4.18 -38.29
C GLY A 68 17.12 4.95 -38.38
N LEU A 69 17.31 5.97 -37.53
CA LEU A 69 18.60 6.66 -37.40
C LEU A 69 19.77 5.77 -36.97
N THR A 70 19.48 4.64 -36.31
CA THR A 70 20.49 3.66 -35.92
C THR A 70 21.00 2.76 -37.07
N ASP A 71 20.34 2.81 -38.23
CA ASP A 71 20.69 1.95 -39.38
C ASP A 71 22.07 2.26 -39.97
N LYS A 72 22.43 3.54 -40.03
CA LYS A 72 23.71 3.98 -40.61
C LYS A 72 24.94 3.78 -39.72
N LEU A 73 24.74 3.33 -38.48
CA LEU A 73 25.87 3.00 -37.59
C LEU A 73 26.69 1.86 -38.17
N THR A 74 28.02 2.04 -38.21
CA THR A 74 28.96 0.99 -38.57
C THR A 74 29.56 0.37 -37.31
N GLN A 75 29.98 -0.89 -37.42
CA GLN A 75 30.48 -1.69 -36.28
C GLN A 75 29.50 -1.70 -35.11
N ALA A 76 28.20 -1.84 -35.42
CA ALA A 76 27.15 -1.69 -34.42
C ALA A 76 27.15 -2.82 -33.40
N GLN A 77 26.96 -2.46 -32.14
CA GLN A 77 26.73 -3.43 -31.06
C GLN A 77 25.45 -3.04 -30.31
N ILE A 78 24.53 -4.00 -30.18
CA ILE A 78 23.20 -3.78 -29.63
C ILE A 78 23.11 -4.33 -28.21
N PHE A 79 22.56 -3.51 -27.31
CA PHE A 79 22.13 -3.95 -25.97
C PHE A 79 20.65 -3.67 -25.84
N ASP A 80 19.85 -4.68 -25.53
CA ASP A 80 18.45 -4.47 -25.15
C ASP A 80 18.45 -3.85 -23.76
N TYR A 81 17.49 -2.96 -23.48
CA TYR A 81 17.39 -2.32 -22.16
C TYR A 81 17.27 -3.32 -21.01
N SER A 82 16.60 -4.44 -21.27
CA SER A 82 16.46 -5.54 -20.29
C SER A 82 17.79 -6.14 -19.82
N GLU A 83 18.81 -6.14 -20.69
CA GLU A 83 20.15 -6.62 -20.32
C GLU A 83 20.89 -5.70 -19.35
N ILE A 84 20.59 -4.40 -19.41
CA ILE A 84 21.42 -3.38 -18.76
C ILE A 84 20.96 -3.19 -17.32
N PRO A 85 21.88 -3.28 -16.33
CA PRO A 85 21.49 -3.04 -14.94
C PRO A 85 20.93 -1.64 -14.68
N ASN A 86 19.88 -1.57 -13.86
CA ASN A 86 19.22 -0.33 -13.43
C ASN A 86 18.44 0.43 -14.50
N PHE A 87 18.34 -0.10 -15.71
CA PHE A 87 17.69 0.59 -16.81
C PHE A 87 16.18 0.39 -16.67
N PRO A 88 15.36 1.44 -16.94
CA PRO A 88 13.90 1.25 -16.94
C PRO A 88 13.43 0.27 -18.06
N ARG A 89 12.33 -0.45 -17.80
CA ARG A 89 12.07 -1.75 -18.47
C ARG A 89 10.95 -1.86 -19.45
N SER A 90 9.89 -1.00 -19.45
CA SER A 90 8.70 -1.23 -20.31
C SER A 90 8.89 -0.91 -21.78
N THR A 91 7.79 -0.78 -22.55
CA THR A 91 7.81 -0.52 -24.02
C THR A 91 7.41 0.86 -24.72
N VAL A 92 6.14 0.91 -25.21
CA VAL A 92 5.54 1.80 -26.22
C VAL A 92 5.71 1.28 -27.68
N PRO A 93 4.66 1.30 -28.52
CA PRO A 93 4.83 0.96 -29.94
C PRO A 93 5.32 2.16 -30.78
N GLY A 94 6.36 1.93 -31.59
CA GLY A 94 7.13 2.99 -32.26
C GLY A 94 8.50 3.23 -31.61
N HIS A 95 8.75 2.55 -30.49
CA HIS A 95 9.98 2.71 -29.70
C HIS A 95 10.46 1.29 -29.29
N ALA A 96 11.63 0.88 -29.77
CA ALA A 96 12.09 -0.52 -29.68
C ALA A 96 12.46 -1.01 -28.28
N GLY A 97 13.38 -0.28 -27.63
CA GLY A 97 13.88 -0.62 -26.30
C GLY A 97 15.31 -1.15 -26.28
N ARG A 98 16.21 -0.43 -26.96
CA ARG A 98 17.60 -0.87 -27.09
C ARG A 98 18.62 0.28 -27.21
N LEU A 99 19.83 0.01 -26.73
CA LEU A 99 20.95 0.93 -26.80
C LEU A 99 21.91 0.39 -27.86
N VAL A 100 22.27 1.23 -28.84
CA VAL A 100 23.14 0.83 -29.94
C VAL A 100 24.42 1.67 -29.97
N PHE A 101 25.56 1.02 -29.75
CA PHE A 101 26.88 1.67 -29.86
C PHE A 101 27.40 1.47 -31.29
N GLY A 102 28.13 2.46 -31.79
CA GLY A 102 28.69 2.37 -33.14
C GLY A 102 29.31 3.67 -33.60
N PHE A 103 29.68 3.71 -34.88
CA PHE A 103 30.25 4.90 -35.50
C PHE A 103 29.28 5.47 -36.52
N LEU A 104 29.07 6.77 -36.44
CA LEU A 104 28.22 7.48 -37.39
C LEU A 104 29.06 8.53 -38.08
N ASN A 105 29.31 8.33 -39.37
CA ASN A 105 30.23 9.18 -40.15
C ASN A 105 31.60 9.27 -39.46
N GLY A 106 32.08 8.13 -38.99
CA GLY A 106 33.38 8.03 -38.32
C GLY A 106 33.44 8.53 -36.88
N ARG A 107 32.30 8.93 -36.28
CA ARG A 107 32.25 9.42 -34.92
C ARG A 107 31.64 8.44 -33.97
N ALA A 108 32.29 8.23 -32.83
CA ALA A 108 31.85 7.25 -31.83
C ALA A 108 30.55 7.70 -31.15
N CYS A 109 29.46 6.96 -31.41
CA CYS A 109 28.12 7.28 -30.90
C CYS A 109 27.51 6.17 -30.06
N VAL A 110 26.59 6.56 -29.18
CA VAL A 110 25.66 5.64 -28.53
C VAL A 110 24.26 6.18 -28.76
N MET A 111 23.34 5.31 -29.18
CA MET A 111 22.00 5.73 -29.59
C MET A 111 20.92 5.01 -28.80
N MET A 112 19.97 5.80 -28.26
CA MET A 112 18.76 5.26 -27.64
C MET A 112 17.70 5.11 -28.70
N GLN A 113 17.32 3.87 -28.99
CA GLN A 113 16.18 3.60 -29.85
C GLN A 113 15.04 3.25 -28.91
N GLY A 114 14.22 4.26 -28.62
CA GLY A 114 13.16 4.14 -27.63
C GLY A 114 13.48 4.95 -26.39
N ARG A 115 12.75 6.04 -26.19
CA ARG A 115 12.87 6.83 -24.98
C ARG A 115 11.71 6.57 -24.04
N PHE A 116 11.81 7.09 -22.83
CA PHE A 116 10.77 6.95 -21.82
C PHE A 116 10.05 8.29 -21.68
N HIS A 117 8.75 8.21 -21.39
CA HIS A 117 7.90 9.39 -21.31
C HIS A 117 7.20 9.46 -19.96
N MET A 118 6.96 10.68 -19.50
CA MET A 118 6.25 10.91 -18.24
C MET A 118 4.82 10.36 -18.30
N TYR A 119 4.15 10.48 -19.46
CA TYR A 119 2.78 9.95 -19.63
C TYR A 119 2.64 8.43 -19.45
N GLU A 120 3.71 7.68 -19.65
CA GLU A 120 3.75 6.23 -19.40
C GLU A 120 3.62 5.88 -17.92
N GLY A 121 3.88 6.84 -17.04
CA GLY A 121 3.84 6.62 -15.60
C GLY A 121 5.20 6.71 -14.93
N TYR A 122 6.26 6.86 -15.71
CA TYR A 122 7.60 7.02 -15.15
C TYR A 122 7.78 8.37 -14.48
N PRO A 123 8.38 8.40 -13.28
CA PRO A 123 8.85 9.69 -12.77
C PRO A 123 10.05 10.19 -13.58
N LEU A 124 10.27 11.50 -13.57
CA LEU A 124 11.28 12.10 -14.44
C LEU A 124 12.71 11.64 -14.16
N TRP A 125 12.99 11.25 -12.92
CA TRP A 125 14.30 10.66 -12.57
C TRP A 125 14.55 9.26 -13.18
N LYS A 126 13.48 8.55 -13.56
CA LYS A 126 13.60 7.35 -14.40
C LYS A 126 13.74 7.72 -15.88
N VAL A 127 12.93 8.67 -16.33
CA VAL A 127 12.95 9.14 -17.72
C VAL A 127 14.36 9.58 -18.14
N THR A 128 15.05 10.29 -17.25
CA THR A 128 16.33 10.90 -17.54
C THR A 128 17.55 10.09 -17.09
N PHE A 129 17.33 8.92 -16.49
CA PHE A 129 18.41 8.03 -16.02
C PHE A 129 19.53 7.81 -17.05
N PRO A 130 19.19 7.46 -18.30
CA PRO A 130 20.24 7.23 -19.30
C PRO A 130 21.17 8.43 -19.58
N VAL A 131 20.67 9.65 -19.41
CA VAL A 131 21.48 10.85 -19.68
C VAL A 131 22.70 10.90 -18.76
N ARG A 132 22.49 10.62 -17.47
CA ARG A 132 23.60 10.56 -16.52
C ARG A 132 24.51 9.37 -16.75
N VAL A 133 23.95 8.25 -17.20
CA VAL A 133 24.75 7.10 -17.61
C VAL A 133 25.70 7.51 -18.75
N PHE A 134 25.17 8.20 -19.76
CA PHE A 134 26.00 8.65 -20.89
C PHE A 134 27.14 9.54 -20.45
N HIS A 135 26.84 10.47 -19.54
CA HIS A 135 27.85 11.32 -18.91
C HIS A 135 28.98 10.47 -18.32
N LEU A 136 28.62 9.44 -17.56
CA LEU A 136 29.60 8.55 -16.95
C LEU A 136 30.35 7.63 -17.93
N LEU A 137 29.73 7.32 -19.07
CA LEU A 137 30.45 6.65 -20.17
C LEU A 137 31.53 7.50 -20.83
N GLY A 138 31.50 8.83 -20.61
CA GLY A 138 32.45 9.76 -21.20
C GLY A 138 31.90 10.53 -22.39
N VAL A 139 30.58 10.46 -22.64
CA VAL A 139 29.92 11.28 -23.65
C VAL A 139 30.03 12.74 -23.21
N ASP A 140 30.35 13.63 -24.15
CA ASP A 140 30.40 15.09 -23.87
C ASP A 140 29.25 15.87 -24.58
N THR A 141 28.52 15.21 -25.50
CA THR A 141 27.49 15.85 -26.27
C THR A 141 26.25 14.96 -26.36
N LEU A 142 25.09 15.53 -26.04
CA LEU A 142 23.79 14.86 -26.18
C LEU A 142 23.03 15.48 -27.33
N VAL A 143 22.62 14.64 -28.29
CA VAL A 143 21.74 15.05 -29.38
C VAL A 143 20.36 14.50 -29.05
N VAL A 144 19.39 15.40 -28.87
CA VAL A 144 18.01 15.02 -28.60
C VAL A 144 17.18 15.22 -29.86
N THR A 145 16.43 14.18 -30.23
CA THR A 145 15.56 14.24 -31.39
C THR A 145 14.15 13.88 -30.92
N ASN A 146 13.16 14.41 -31.64
CA ASN A 146 11.78 14.06 -31.38
C ASN A 146 10.90 14.29 -32.60
N ALA A 147 9.71 13.70 -32.56
CA ALA A 147 8.61 14.13 -33.40
C ALA A 147 7.92 15.27 -32.65
N ALA A 148 7.35 16.23 -33.37
CA ALA A 148 6.63 17.33 -32.74
C ALA A 148 5.51 17.83 -33.63
N GLY A 149 4.47 18.37 -33.00
CA GLY A 149 3.39 19.03 -33.70
C GLY A 149 3.80 20.46 -34.02
N GLY A 150 3.55 20.89 -35.25
CA GLY A 150 3.83 22.26 -35.67
C GLY A 150 2.80 23.24 -35.15
N LEU A 151 3.27 24.24 -34.40
CA LEU A 151 2.44 25.37 -33.95
C LEU A 151 2.66 26.62 -34.80
N ASN A 152 3.90 26.82 -35.27
CA ASN A 152 4.23 27.92 -36.18
C ASN A 152 3.61 27.62 -37.55
N PRO A 153 2.69 28.50 -38.03
CA PRO A 153 1.98 28.19 -39.28
C PRO A 153 2.84 28.06 -40.54
N LYS A 154 4.04 28.63 -40.54
CA LYS A 154 4.95 28.50 -41.68
C LYS A 154 5.64 27.13 -41.78
N PHE A 155 5.60 26.32 -40.71
CA PHE A 155 6.15 24.98 -40.77
C PHE A 155 5.24 24.06 -41.58
N GLU A 156 5.87 23.19 -42.37
CA GLU A 156 5.17 22.15 -43.12
C GLU A 156 5.55 20.80 -42.55
N VAL A 157 4.70 19.80 -42.81
CA VAL A 157 4.98 18.43 -42.40
C VAL A 157 6.24 17.97 -43.13
N GLY A 158 7.14 17.32 -42.40
CA GLY A 158 8.45 16.93 -42.93
C GLY A 158 9.58 17.91 -42.65
N ASP A 159 9.28 19.12 -42.17
CA ASP A 159 10.33 20.06 -41.78
C ASP A 159 11.15 19.55 -40.59
N ILE A 160 12.42 19.92 -40.58
CA ILE A 160 13.31 19.73 -39.45
C ILE A 160 13.43 21.09 -38.79
N MET A 161 13.12 21.16 -37.49
CA MET A 161 13.25 22.38 -36.71
C MET A 161 14.37 22.20 -35.73
N LEU A 162 15.41 23.03 -35.84
CA LEU A 162 16.43 23.13 -34.81
C LEU A 162 15.81 23.71 -33.54
N ILE A 163 16.08 23.07 -32.41
CA ILE A 163 15.58 23.55 -31.12
C ILE A 163 16.55 24.60 -30.59
N ARG A 164 16.16 25.87 -30.72
CA ARG A 164 16.91 26.98 -30.14
C ARG A 164 16.65 27.11 -28.64
N ASP A 165 15.46 26.75 -28.21
CA ASP A 165 15.04 26.95 -26.83
C ASP A 165 13.83 26.08 -26.50
N HIS A 166 13.49 25.98 -25.22
CA HIS A 166 12.27 25.29 -24.82
C HIS A 166 11.44 26.05 -23.79
N ILE A 167 10.19 25.62 -23.65
CA ILE A 167 9.31 26.05 -22.58
C ILE A 167 8.90 24.78 -21.80
N ASN A 168 9.28 24.72 -20.53
CA ASN A 168 9.06 23.54 -19.70
C ASN A 168 7.81 23.74 -18.83
N LEU A 169 6.65 23.47 -19.41
CA LEU A 169 5.39 23.66 -18.67
C LEU A 169 5.24 22.76 -17.44
N PRO A 170 5.58 21.47 -17.55
CA PRO A 170 5.57 20.62 -16.34
C PRO A 170 6.53 21.10 -15.25
N GLY A 171 7.68 21.59 -15.66
CA GLY A 171 8.67 22.16 -14.75
C GLY A 171 8.16 23.33 -13.93
N PHE A 172 7.38 24.22 -14.54
CA PHE A 172 6.76 25.33 -13.81
C PHE A 172 5.95 24.87 -12.61
N SER A 173 5.27 23.72 -12.74
CA SER A 173 4.38 23.19 -11.70
C SER A 173 5.03 22.25 -10.68
N GLY A 174 6.28 21.86 -10.88
CA GLY A 174 6.96 20.94 -9.96
C GLY A 174 7.63 19.76 -10.61
N GLN A 175 7.15 19.39 -11.81
CA GLN A 175 7.70 18.24 -12.54
C GLN A 175 9.00 18.60 -13.26
N ASN A 176 10.07 18.61 -12.48
CA ASN A 176 11.44 18.85 -12.96
C ASN A 176 12.26 17.63 -12.52
N PRO A 177 13.11 17.07 -13.41
CA PRO A 177 13.89 15.87 -13.04
C PRO A 177 14.90 16.08 -11.90
N LEU A 178 15.27 17.32 -11.64
CA LEU A 178 16.18 17.66 -10.54
C LEU A 178 15.50 17.85 -9.19
N ARG A 179 14.17 17.72 -9.12
CA ARG A 179 13.46 17.87 -7.85
C ARG A 179 13.95 16.86 -6.81
N GLY A 180 14.07 17.32 -5.57
CA GLY A 180 14.62 16.53 -4.48
C GLY A 180 16.00 17.03 -4.15
N PRO A 181 16.73 16.29 -3.28
CA PRO A 181 18.13 16.61 -2.98
C PRO A 181 18.98 16.63 -4.24
N ASN A 182 19.85 17.63 -4.35
CA ASN A 182 20.79 17.72 -5.46
C ASN A 182 21.95 16.78 -5.19
N ASP A 183 22.37 16.04 -6.22
CA ASP A 183 23.60 15.26 -6.14
C ASP A 183 24.75 16.14 -6.67
N GLU A 184 25.60 16.57 -5.77
CA GLU A 184 26.73 17.49 -6.05
C GLU A 184 27.73 16.88 -7.04
N ARG A 185 27.85 15.54 -7.04
CA ARG A 185 28.76 14.87 -7.97
C ARG A 185 28.34 14.96 -9.45
N PHE A 186 27.07 15.27 -9.71
CA PHE A 186 26.61 15.56 -11.08
C PHE A 186 26.63 17.06 -11.39
N GLY A 187 26.12 17.89 -10.49
CA GLY A 187 26.06 19.32 -10.76
C GLY A 187 25.52 20.17 -9.63
N ASP A 188 25.23 21.43 -9.97
CA ASP A 188 24.81 22.42 -8.98
C ASP A 188 23.33 22.29 -8.60
N ARG A 189 22.98 22.88 -7.46
CA ARG A 189 21.60 22.90 -6.98
C ARG A 189 20.68 23.67 -7.93
N TYR A 190 21.15 24.82 -8.42
CA TYR A 190 20.37 25.71 -9.27
C TYR A 190 21.04 25.95 -10.62
N PRO A 191 20.98 24.97 -11.54
CA PRO A 191 21.63 25.14 -12.84
C PRO A 191 20.86 26.09 -13.75
N ALA A 192 21.60 26.88 -14.54
CA ALA A 192 20.99 27.78 -15.51
C ALA A 192 20.61 27.01 -16.78
N MET A 193 19.53 27.42 -17.42
CA MET A 193 19.07 26.82 -18.68
C MET A 193 18.98 27.79 -19.86
N SER A 194 19.34 29.06 -19.65
CA SER A 194 19.25 30.07 -20.73
C SER A 194 20.20 29.82 -21.91
N ASP A 195 21.25 29.03 -21.67
CA ASP A 195 22.23 28.64 -22.70
C ASP A 195 22.19 27.13 -23.01
N ALA A 196 21.04 26.49 -22.84
CA ALA A 196 20.95 25.03 -22.92
C ALA A 196 21.28 24.47 -24.30
N TYR A 197 20.79 25.10 -25.37
CA TYR A 197 20.98 24.58 -26.73
C TYR A 197 22.16 25.27 -27.37
N ASP A 198 23.26 24.52 -27.50
CA ASP A 198 24.57 25.07 -27.92
C ASP A 198 24.50 26.00 -29.12
N ARG A 199 24.89 27.25 -28.93
CA ARG A 199 24.82 28.29 -29.96
C ARG A 199 25.67 27.93 -31.20
N THR A 200 26.91 27.52 -30.96
CA THR A 200 27.86 27.23 -32.06
C THR A 200 27.40 26.07 -32.95
N MET A 201 26.92 24.98 -32.33
CA MET A 201 26.39 23.84 -33.10
C MET A 201 25.20 24.21 -34.00
N ARG A 202 24.31 25.05 -33.50
CA ARG A 202 23.16 25.51 -34.29
C ARG A 202 23.58 26.37 -35.48
N GLN A 203 24.52 27.29 -35.26
CA GLN A 203 25.11 28.10 -36.33
C GLN A 203 25.78 27.21 -37.40
N ARG A 204 26.58 26.25 -36.94
CA ARG A 204 27.24 25.31 -37.87
C ARG A 204 26.25 24.42 -38.62
N ALA A 205 25.23 23.93 -37.93
CA ALA A 205 24.16 23.13 -38.59
C ALA A 205 23.42 23.93 -39.65
N LEU A 206 23.14 25.21 -39.38
CA LEU A 206 22.49 26.11 -40.35
C LEU A 206 23.36 26.35 -41.59
N SER A 207 24.61 26.77 -41.37
CA SER A 207 25.56 27.03 -42.47
C SER A 207 25.85 25.77 -43.32
N THR A 208 25.95 24.62 -42.67
CA THR A 208 26.19 23.36 -43.40
C THR A 208 24.97 22.96 -44.25
N TRP A 209 23.76 23.07 -43.69
CA TRP A 209 22.49 22.65 -44.39
C TRP A 209 22.42 22.94 -45.90
N LYS A 210 23.13 23.94 -46.37
CA LYS A 210 23.54 24.06 -47.78
C LYS A 210 23.97 22.75 -48.51
N GLN A 211 24.73 21.89 -47.81
CA GLN A 211 25.22 20.60 -48.33
C GLN A 211 24.12 19.55 -48.54
N MET A 212 23.00 19.69 -47.81
CA MET A 212 21.87 18.74 -47.93
C MET A 212 21.14 18.86 -49.27
N GLY A 213 21.17 20.05 -49.89
CA GLY A 213 20.53 20.28 -51.17
C GLY A 213 19.02 20.15 -51.14
N GLU A 214 18.38 20.72 -50.12
CA GLU A 214 16.95 20.57 -49.89
C GLU A 214 16.20 21.79 -50.38
N GLN A 215 14.95 21.57 -50.82
CA GLN A 215 14.04 22.64 -51.19
C GLN A 215 13.65 23.48 -49.96
N ARG A 216 13.23 22.79 -48.88
CA ARG A 216 12.88 23.44 -47.63
C ARG A 216 14.12 23.85 -46.85
N GLU A 217 14.14 25.11 -46.40
CA GLU A 217 15.16 25.61 -45.50
C GLU A 217 15.02 24.98 -44.10
N LEU A 218 16.13 24.95 -43.38
CA LEU A 218 16.16 24.42 -42.02
C LEU A 218 15.45 25.39 -41.08
N GLN A 219 14.41 24.91 -40.39
CA GLN A 219 13.66 25.77 -39.45
C GLN A 219 14.39 25.84 -38.10
N GLU A 220 14.07 26.87 -37.33
CA GLU A 220 14.61 27.08 -36.00
C GLU A 220 13.52 27.65 -35.10
N GLY A 221 13.41 27.18 -33.86
CA GLY A 221 12.37 27.67 -32.96
C GLY A 221 12.32 27.05 -31.59
N THR A 222 11.24 27.37 -30.87
CA THR A 222 11.04 26.96 -29.49
C THR A 222 10.15 25.74 -29.40
N TYR A 223 10.63 24.73 -28.67
CA TYR A 223 9.89 23.51 -28.37
C TYR A 223 9.20 23.68 -27.01
N VAL A 224 7.89 23.44 -26.96
CA VAL A 224 7.19 23.43 -25.66
C VAL A 224 6.88 21.98 -25.29
N MET A 225 7.22 21.58 -24.06
CA MET A 225 6.83 20.27 -23.55
C MET A 225 5.49 20.37 -22.83
N VAL A 226 4.59 19.45 -23.17
CA VAL A 226 3.37 19.19 -22.42
C VAL A 226 3.35 17.70 -22.09
N ALA A 227 2.71 17.32 -21.00
CA ALA A 227 2.80 15.95 -20.51
C ALA A 227 2.08 14.92 -21.39
N GLY A 228 0.94 15.29 -21.99
CA GLY A 228 0.12 14.34 -22.71
C GLY A 228 -0.54 13.35 -21.74
N PRO A 229 -0.98 12.17 -22.20
CA PRO A 229 -0.75 11.63 -23.54
C PRO A 229 -1.77 12.02 -24.61
N SER A 230 -2.86 12.69 -24.23
CA SER A 230 -3.86 13.12 -25.19
C SER A 230 -3.34 14.33 -25.98
N PHE A 231 -3.78 14.46 -27.23
CA PHE A 231 -3.38 15.58 -28.08
C PHE A 231 -4.14 16.85 -27.69
N GLU A 232 -3.67 17.99 -28.22
CA GLU A 232 -4.13 19.30 -27.79
C GLU A 232 -5.51 19.60 -28.33
N THR A 233 -6.27 20.38 -27.58
CA THR A 233 -7.46 21.04 -28.10
C THR A 233 -7.05 22.25 -28.92
N VAL A 234 -8.00 22.82 -29.65
CA VAL A 234 -7.77 24.04 -30.44
C VAL A 234 -7.39 25.20 -29.52
N ALA A 235 -8.13 25.35 -28.42
CA ALA A 235 -7.84 26.42 -27.45
C ALA A 235 -6.43 26.26 -26.85
N GLU A 236 -6.05 25.02 -26.54
CA GLU A 236 -4.71 24.71 -26.03
C GLU A 236 -3.63 25.01 -27.07
N CYS A 237 -3.86 24.62 -28.33
CA CYS A 237 -2.96 24.99 -29.42
C CYS A 237 -2.73 26.50 -29.47
N ARG A 238 -3.82 27.27 -29.37
CA ARG A 238 -3.71 28.73 -29.37
C ARG A 238 -2.98 29.29 -28.14
N VAL A 239 -3.14 28.66 -26.97
CA VAL A 239 -2.35 29.01 -25.78
C VAL A 239 -0.86 28.87 -26.11
N LEU A 240 -0.47 27.70 -26.60
CA LEU A 240 0.93 27.41 -26.88
C LEU A 240 1.51 28.35 -27.94
N GLN A 241 0.69 28.70 -28.95
CA GLN A 241 1.08 29.71 -29.95
C GLN A 241 1.29 31.08 -29.31
N LYS A 242 0.33 31.52 -28.49
CA LYS A 242 0.44 32.79 -27.75
C LYS A 242 1.68 32.85 -26.84
N LEU A 243 2.03 31.73 -26.22
CA LEU A 243 3.23 31.64 -25.38
C LEU A 243 4.56 31.72 -26.17
N GLY A 244 4.50 31.60 -27.49
CA GLY A 244 5.66 31.74 -28.35
C GLY A 244 6.34 30.42 -28.69
N ALA A 245 5.62 29.31 -28.54
CA ALA A 245 6.14 28.00 -28.92
C ALA A 245 5.91 27.78 -30.42
N ASP A 246 6.90 27.18 -31.07
CA ASP A 246 6.85 26.85 -32.50
C ASP A 246 6.49 25.40 -32.76
N ALA A 247 6.85 24.51 -31.83
CA ALA A 247 6.49 23.10 -31.91
C ALA A 247 6.17 22.55 -30.53
N VAL A 248 5.36 21.50 -30.48
CA VAL A 248 4.93 20.88 -29.21
C VAL A 248 5.17 19.37 -29.21
N GLY A 249 5.60 18.86 -28.07
CA GLY A 249 5.75 17.42 -27.86
C GLY A 249 5.68 17.05 -26.39
N MET A 250 5.95 15.79 -26.07
CA MET A 250 5.78 15.26 -24.72
C MET A 250 7.04 14.68 -24.10
N SER A 251 8.19 15.19 -24.54
CA SER A 251 9.48 14.60 -24.16
C SER A 251 10.58 15.66 -24.16
N THR A 252 11.83 15.20 -24.12
CA THR A 252 13.02 15.96 -24.53
C THR A 252 13.53 16.94 -23.48
N VAL A 253 12.64 17.79 -22.98
CA VAL A 253 13.01 18.83 -22.02
C VAL A 253 13.64 18.29 -20.73
N PRO A 254 13.07 17.22 -20.14
CA PRO A 254 13.71 16.66 -18.93
C PRO A 254 15.14 16.15 -19.18
N GLU A 255 15.34 15.48 -20.31
CA GLU A 255 16.68 15.01 -20.70
C GLU A 255 17.67 16.17 -20.86
N VAL A 256 17.22 17.25 -21.49
CA VAL A 256 18.04 18.45 -21.70
C VAL A 256 18.46 19.07 -20.37
N ILE A 257 17.52 19.17 -19.43
CA ILE A 257 17.82 19.72 -18.10
C ILE A 257 18.88 18.89 -17.36
N VAL A 258 18.71 17.58 -17.37
CA VAL A 258 19.67 16.68 -16.72
C VAL A 258 21.04 16.71 -17.43
N ALA A 259 21.02 16.79 -18.76
CA ALA A 259 22.25 16.93 -19.54
C ALA A 259 23.04 18.18 -19.16
N ARG A 260 22.35 19.32 -19.15
CA ARG A 260 22.98 20.58 -18.79
C ARG A 260 23.42 20.64 -17.33
N HIS A 261 22.65 20.00 -16.45
CA HIS A 261 23.03 19.88 -15.04
C HIS A 261 24.41 19.22 -14.87
N CYS A 262 24.69 18.18 -15.65
CA CYS A 262 26.00 17.49 -15.57
C CYS A 262 27.04 17.94 -16.61
N GLY A 263 26.81 19.07 -17.28
CA GLY A 263 27.81 19.70 -18.15
C GLY A 263 27.89 19.26 -19.61
N LEU A 264 26.95 18.45 -20.04
CA LEU A 264 26.91 17.98 -21.44
C LEU A 264 26.52 19.12 -22.37
N ARG A 265 27.19 19.19 -23.53
CA ARG A 265 26.76 20.06 -24.63
C ARG A 265 25.49 19.43 -25.21
N VAL A 266 24.52 20.27 -25.57
CA VAL A 266 23.22 19.78 -26.05
C VAL A 266 22.85 20.39 -27.40
N PHE A 267 22.43 19.51 -28.31
CA PHE A 267 21.87 19.91 -29.59
C PHE A 267 20.53 19.18 -29.73
N GLY A 268 19.53 19.87 -30.27
CA GLY A 268 18.19 19.31 -30.40
C GLY A 268 17.54 19.64 -31.73
N PHE A 269 16.75 18.70 -32.25
CA PHE A 269 15.87 19.00 -33.37
C PHE A 269 14.58 18.19 -33.34
N SER A 270 13.56 18.78 -33.95
CA SER A 270 12.23 18.17 -34.06
C SER A 270 11.94 17.90 -35.52
N LEU A 271 11.35 16.74 -35.81
CA LEU A 271 10.68 16.51 -37.07
C LEU A 271 9.23 16.95 -36.89
N ILE A 272 8.79 17.89 -37.70
CA ILE A 272 7.40 18.34 -37.68
C ILE A 272 6.56 17.26 -38.39
N THR A 273 5.88 16.44 -37.60
CA THR A 273 5.13 15.29 -38.11
C THR A 273 3.67 15.59 -38.44
N ASN A 274 3.16 16.70 -37.94
CA ASN A 274 1.77 17.11 -38.16
C ASN A 274 1.60 18.56 -37.78
N LYS A 275 0.63 19.22 -38.41
CA LYS A 275 0.28 20.59 -38.05
C LYS A 275 -0.85 20.54 -37.05
N VAL A 276 -0.64 21.14 -35.88
CA VAL A 276 -1.60 21.07 -34.78
C VAL A 276 -2.87 21.79 -35.21
N ILE A 277 -4.01 21.21 -34.86
CA ILE A 277 -5.31 21.75 -35.30
C ILE A 277 -5.56 23.04 -34.53
N MET A 278 -5.76 24.14 -35.25
CA MET A 278 -5.91 25.48 -34.68
C MET A 278 -7.21 26.20 -35.04
N ASP A 279 -8.16 25.48 -35.63
CA ASP A 279 -9.49 26.04 -35.91
C ASP A 279 -10.58 24.97 -35.77
N TYR A 280 -11.80 25.43 -35.48
CA TYR A 280 -12.93 24.53 -35.23
C TYR A 280 -13.61 24.02 -36.51
N GLU A 281 -13.29 24.62 -37.66
CA GLU A 281 -13.87 24.19 -38.95
C GLU A 281 -13.26 22.86 -39.44
N SER A 282 -11.97 22.65 -39.17
CA SER A 282 -11.27 21.44 -39.65
C SER A 282 -11.88 20.17 -39.07
N LEU A 283 -11.93 19.12 -39.90
CA LEU A 283 -12.34 17.77 -39.49
C LEU A 283 -11.13 16.88 -39.24
N GLU A 284 -9.93 17.40 -39.46
CA GLU A 284 -8.70 16.64 -39.23
C GLU A 284 -8.40 16.53 -37.74
N LYS A 285 -7.74 15.43 -37.36
CA LYS A 285 -7.42 15.13 -35.98
C LYS A 285 -5.99 14.60 -35.91
N ALA A 286 -5.25 15.03 -34.89
CA ALA A 286 -3.93 14.48 -34.64
C ALA A 286 -4.07 13.00 -34.31
N ASN A 287 -3.10 12.20 -34.74
CA ASN A 287 -3.14 10.76 -34.52
C ASN A 287 -1.75 10.16 -34.68
N HIS A 288 -1.49 9.10 -33.91
CA HIS A 288 -0.17 8.47 -33.86
C HIS A 288 0.28 7.85 -35.18
N GLU A 289 -0.67 7.26 -35.91
CA GLU A 289 -0.37 6.62 -37.20
C GLU A 289 0.22 7.62 -38.20
N GLU A 290 -0.36 8.82 -38.27
N GLU A 290 -0.36 8.82 -38.27
CA GLU A 290 0.17 9.90 -39.13
CA GLU A 290 0.17 9.90 -39.13
C GLU A 290 1.55 10.37 -38.67
C GLU A 290 1.55 10.36 -38.68
N VAL A 291 1.79 10.38 -37.36
CA VAL A 291 3.09 10.75 -36.79
C VAL A 291 4.19 9.76 -37.20
N LEU A 292 3.92 8.46 -37.05
CA LEU A 292 4.86 7.41 -37.49
C LEU A 292 5.13 7.47 -38.99
N ALA A 293 4.10 7.71 -39.78
CA ALA A 293 4.21 7.79 -41.24
C ALA A 293 5.12 8.94 -41.66
N ALA A 294 4.95 10.11 -41.04
CA ALA A 294 5.80 11.27 -41.31
C ALA A 294 7.27 10.98 -40.99
N GLY A 295 7.50 10.25 -39.90
CA GLY A 295 8.84 9.81 -39.50
C GLY A 295 9.51 8.94 -40.54
N LYS A 296 8.80 7.92 -40.99
CA LYS A 296 9.30 6.98 -42.00
C LYS A 296 9.58 7.66 -43.35
N GLN A 297 8.71 8.59 -43.75
CA GLN A 297 8.92 9.36 -44.99
C GLN A 297 10.15 10.28 -44.95
N ALA A 298 10.50 10.77 -43.76
CA ALA A 298 11.66 11.68 -43.60
C ALA A 298 12.96 10.97 -43.19
N ALA A 299 12.90 9.64 -42.99
CA ALA A 299 13.99 8.84 -42.41
C ALA A 299 15.34 9.02 -43.13
N GLN A 300 15.29 8.96 -44.46
CA GLN A 300 16.50 9.19 -45.29
C GLN A 300 17.09 10.57 -45.07
N LYS A 301 16.24 11.59 -45.06
CA LYS A 301 16.67 12.98 -44.86
C LYS A 301 17.24 13.21 -43.45
N LEU A 302 16.66 12.55 -42.45
CA LEU A 302 17.16 12.63 -41.07
C LEU A 302 18.55 12.00 -40.91
N GLU A 303 18.78 10.88 -41.61
CA GLU A 303 20.06 10.19 -41.54
C GLU A 303 21.19 11.03 -42.17
N GLN A 304 20.89 11.65 -43.30
CA GLN A 304 21.83 12.55 -43.98
C GLN A 304 22.13 13.79 -43.12
N PHE A 305 21.10 14.32 -42.45
CA PHE A 305 21.26 15.47 -41.58
C PHE A 305 22.08 15.14 -40.32
N VAL A 306 21.82 14.00 -39.70
CA VAL A 306 22.58 13.57 -38.53
C VAL A 306 24.06 13.28 -38.89
N SER A 307 24.29 12.79 -40.10
CA SER A 307 25.66 12.63 -40.64
C SER A 307 26.45 13.96 -40.70
N ILE A 308 25.86 14.99 -41.29
CA ILE A 308 26.45 16.33 -41.32
C ILE A 308 26.61 16.91 -39.91
N LEU A 309 25.65 16.59 -39.04
CA LEU A 309 25.67 17.05 -37.65
C LEU A 309 26.90 16.55 -36.88
N MET A 310 27.29 15.28 -37.06
CA MET A 310 28.48 14.72 -36.40
C MET A 310 29.76 15.48 -36.74
N ALA A 311 29.88 15.92 -37.98
CA ALA A 311 31.03 16.74 -38.41
C ALA A 311 31.13 18.10 -37.72
N SER A 312 30.00 18.67 -37.30
CA SER A 312 29.97 19.94 -36.54
C SER A 312 30.20 19.82 -35.01
N ILE A 313 30.41 18.61 -34.49
CA ILE A 313 30.55 18.40 -33.04
C ILE A 313 32.03 18.49 -32.62
N PRO A 314 32.36 19.39 -31.68
CA PRO A 314 33.76 19.42 -31.18
C PRO A 314 34.22 18.10 -30.53
N LEU A 315 35.52 17.84 -30.62
CA LEU A 315 36.16 16.69 -30.00
C LEU A 315 36.36 16.89 -28.51
N PRO A 316 36.56 15.80 -27.73
CA PRO A 316 36.79 15.94 -26.29
C PRO A 316 38.09 16.66 -25.92
N ASP A 317 38.23 16.96 -24.62
CA ASP A 317 39.24 17.87 -24.07
C ASP A 317 38.91 19.31 -24.49
N LEU B 31 6.35 3.52 -10.68
CA LEU B 31 5.41 3.77 -11.81
C LEU B 31 4.05 4.35 -11.35
N MET B 32 3.79 5.60 -11.74
CA MET B 32 2.52 6.28 -11.44
C MET B 32 1.42 5.76 -12.37
N GLU B 33 0.53 4.93 -11.83
CA GLU B 33 -0.52 4.31 -12.64
C GLU B 33 -1.90 4.25 -11.95
N ASN B 34 -2.90 4.01 -12.79
CA ASN B 34 -4.28 3.69 -12.39
C ASN B 34 -4.29 2.49 -11.42
N GLY B 35 -4.95 2.67 -10.28
CA GLY B 35 -5.12 1.61 -9.29
C GLY B 35 -6.25 0.63 -9.57
N TYR B 36 -7.16 0.99 -10.48
CA TYR B 36 -8.24 0.10 -10.92
C TYR B 36 -7.78 -0.77 -12.09
N THR B 37 -8.16 -2.05 -12.05
CA THR B 37 -8.02 -2.96 -13.19
C THR B 37 -9.26 -2.86 -14.07
N TYR B 38 -9.21 -3.44 -15.27
CA TYR B 38 -10.40 -3.54 -16.13
C TYR B 38 -11.55 -4.28 -15.41
N GLU B 39 -11.17 -5.31 -14.65
CA GLU B 39 -12.14 -6.13 -13.91
C GLU B 39 -12.90 -5.34 -12.84
N ASP B 40 -12.23 -4.39 -12.21
CA ASP B 40 -12.88 -3.51 -11.21
C ASP B 40 -14.01 -2.69 -11.83
N TYR B 41 -13.75 -2.08 -13.00
CA TYR B 41 -14.78 -1.32 -13.71
C TYR B 41 -15.95 -2.23 -14.10
N LYS B 42 -15.60 -3.40 -14.63
CA LYS B 42 -16.59 -4.40 -15.07
C LYS B 42 -17.45 -4.91 -13.90
N ASN B 43 -16.82 -5.22 -12.76
CA ASN B 43 -17.55 -5.65 -11.56
C ASN B 43 -18.57 -4.60 -11.09
N THR B 44 -18.18 -3.33 -11.13
CA THR B 44 -19.05 -2.23 -10.73
C THR B 44 -20.24 -2.06 -11.69
N ALA B 45 -19.96 -2.11 -12.99
CA ALA B 45 -20.99 -2.04 -14.02
C ALA B 45 -21.99 -3.18 -13.90
N GLU B 46 -21.49 -4.41 -13.80
CA GLU B 46 -22.33 -5.61 -13.64
C GLU B 46 -23.16 -5.57 -12.37
N TRP B 47 -22.58 -5.06 -11.29
CA TRP B 47 -23.32 -4.87 -10.04
C TRP B 47 -24.51 -3.93 -10.24
N LEU B 48 -24.24 -2.77 -10.85
CA LEU B 48 -25.30 -1.80 -11.15
C LEU B 48 -26.37 -2.38 -12.09
N LEU B 49 -25.94 -3.06 -13.16
CA LEU B 49 -26.86 -3.68 -14.12
C LEU B 49 -27.77 -4.75 -13.50
N SER B 50 -27.25 -5.49 -12.52
CA SER B 50 -28.03 -6.52 -11.83
C SER B 50 -28.88 -5.99 -10.66
N HIS B 51 -28.68 -4.73 -10.27
CA HIS B 51 -29.47 -4.09 -9.20
C HIS B 51 -30.46 -3.02 -9.67
N THR B 52 -30.49 -2.74 -10.98
CA THR B 52 -31.52 -1.87 -11.56
C THR B 52 -31.96 -2.43 -12.91
N LYS B 53 -33.23 -2.21 -13.24
CA LYS B 53 -33.77 -2.54 -14.56
C LYS B 53 -33.44 -1.47 -15.58
N HIS B 54 -33.02 -0.29 -15.10
CA HIS B 54 -32.68 0.82 -15.99
C HIS B 54 -31.44 0.51 -16.82
N ARG B 55 -31.49 0.92 -18.08
CA ARG B 55 -30.40 0.75 -19.03
C ARG B 55 -30.16 2.13 -19.67
N PRO B 56 -29.28 2.95 -19.05
CA PRO B 56 -29.12 4.34 -19.48
C PRO B 56 -28.34 4.47 -20.79
N GLN B 57 -28.78 5.40 -21.62
CA GLN B 57 -28.05 5.82 -22.81
C GLN B 57 -27.17 7.04 -22.57
N VAL B 58 -27.62 7.93 -21.67
CA VAL B 58 -26.98 9.19 -21.40
C VAL B 58 -26.57 9.25 -19.93
N ALA B 59 -25.33 9.63 -19.66
CA ALA B 59 -24.86 9.91 -18.30
C ALA B 59 -24.76 11.42 -18.12
N ILE B 60 -25.24 11.93 -16.99
CA ILE B 60 -25.21 13.37 -16.68
C ILE B 60 -24.50 13.61 -15.36
N ILE B 61 -23.42 14.39 -15.38
CA ILE B 61 -22.70 14.74 -14.15
C ILE B 61 -23.18 16.11 -13.69
N CYS B 62 -23.77 16.15 -12.50
CA CYS B 62 -24.30 17.39 -11.92
C CYS B 62 -23.23 18.12 -11.12
N GLY B 63 -23.05 19.40 -11.43
CA GLY B 63 -22.06 20.24 -10.74
C GLY B 63 -22.55 20.85 -9.44
N SER B 64 -21.74 21.76 -8.90
CA SER B 64 -21.98 22.36 -7.58
C SER B 64 -23.24 23.22 -7.63
N GLY B 65 -24.19 22.92 -6.75
CA GLY B 65 -25.49 23.58 -6.73
C GLY B 65 -26.44 23.18 -7.86
N LEU B 66 -26.09 22.15 -8.63
CA LEU B 66 -26.90 21.72 -9.78
C LEU B 66 -27.54 20.34 -9.55
N GLY B 67 -27.50 19.85 -8.30
CA GLY B 67 -28.09 18.57 -7.93
C GLY B 67 -29.59 18.44 -8.15
N GLY B 68 -30.30 19.58 -8.16
CA GLY B 68 -31.73 19.63 -8.49
C GLY B 68 -32.13 19.19 -9.89
N LEU B 69 -31.14 19.01 -10.79
CA LEU B 69 -31.39 18.42 -12.11
C LEU B 69 -31.93 16.98 -12.08
N THR B 70 -31.71 16.26 -10.97
CA THR B 70 -32.26 14.92 -10.79
C THR B 70 -33.75 14.87 -10.43
N ASP B 71 -34.35 16.02 -10.11
CA ASP B 71 -35.75 16.10 -9.66
C ASP B 71 -36.76 15.69 -10.75
N LYS B 72 -36.49 16.06 -11.99
CA LYS B 72 -37.41 15.78 -13.11
C LYS B 72 -37.36 14.33 -13.65
N LEU B 73 -36.44 13.51 -13.13
CA LEU B 73 -36.38 12.09 -13.50
C LEU B 73 -37.66 11.36 -13.11
N THR B 74 -38.22 10.61 -14.04
CA THR B 74 -39.35 9.71 -13.78
C THR B 74 -38.85 8.28 -13.60
N GLN B 75 -39.61 7.46 -12.88
CA GLN B 75 -39.24 6.10 -12.49
C GLN B 75 -37.84 6.03 -11.85
N ALA B 76 -37.56 6.99 -10.96
CA ALA B 76 -36.23 7.15 -10.40
C ALA B 76 -35.83 6.00 -9.47
N GLN B 77 -34.58 5.54 -9.58
CA GLN B 77 -33.98 4.62 -8.62
C GLN B 77 -32.64 5.20 -8.15
N ILE B 78 -32.48 5.27 -6.83
CA ILE B 78 -31.33 5.92 -6.20
C ILE B 78 -30.36 4.88 -5.64
N PHE B 79 -29.07 5.07 -5.94
CA PHE B 79 -27.97 4.35 -5.28
C PHE B 79 -27.07 5.39 -4.62
N ASP B 80 -26.82 5.24 -3.32
CA ASP B 80 -25.76 6.02 -2.67
C ASP B 80 -24.42 5.46 -3.12
N TYR B 81 -23.41 6.33 -3.27
CA TYR B 81 -22.07 5.90 -3.70
C TYR B 81 -21.46 4.83 -2.77
N SER B 82 -21.78 4.92 -1.48
CA SER B 82 -21.33 3.93 -0.49
C SER B 82 -21.82 2.49 -0.77
N GLU B 83 -22.99 2.35 -1.39
CA GLU B 83 -23.51 1.02 -1.79
C GLU B 83 -22.72 0.37 -2.92
N ILE B 84 -22.15 1.19 -3.81
CA ILE B 84 -21.64 0.72 -5.10
C ILE B 84 -20.19 0.26 -4.93
N PRO B 85 -19.87 -0.99 -5.35
CA PRO B 85 -18.48 -1.48 -5.27
C PRO B 85 -17.48 -0.62 -6.06
N ASN B 86 -16.31 -0.40 -5.47
CA ASN B 86 -15.18 0.33 -6.07
C ASN B 86 -15.38 1.84 -6.28
N PHE B 87 -16.52 2.39 -5.83
CA PHE B 87 -16.83 3.79 -6.05
C PHE B 87 -16.09 4.59 -4.99
N PRO B 88 -15.53 5.77 -5.36
CA PRO B 88 -14.94 6.64 -4.33
C PRO B 88 -15.99 7.17 -3.32
N ARG B 89 -15.55 7.42 -2.07
CA ARG B 89 -16.34 7.75 -0.92
C ARG B 89 -15.84 9.12 -0.44
N SER B 90 -16.72 10.08 -0.07
CA SER B 90 -16.33 11.13 0.93
C SER B 90 -17.18 12.38 0.94
N THR B 91 -16.75 13.44 1.64
CA THR B 91 -17.57 14.64 1.97
C THR B 91 -17.30 16.10 1.37
N VAL B 92 -18.04 16.49 0.32
CA VAL B 92 -18.16 17.94 -0.03
C VAL B 92 -19.62 18.44 0.19
N PRO B 93 -19.78 19.66 0.78
CA PRO B 93 -21.11 20.27 0.89
C PRO B 93 -21.55 21.00 -0.40
N GLY B 94 -22.78 20.71 -0.85
CA GLY B 94 -23.27 21.09 -2.18
C GLY B 94 -23.33 19.92 -3.15
N HIS B 95 -22.82 18.77 -2.73
CA HIS B 95 -22.70 17.55 -3.55
C HIS B 95 -23.15 16.35 -2.69
N ALA B 96 -24.25 15.70 -3.08
CA ALA B 96 -24.93 14.70 -2.22
C ALA B 96 -24.16 13.38 -2.01
N GLY B 97 -23.80 12.73 -3.12
CA GLY B 97 -23.06 11.45 -3.11
C GLY B 97 -23.93 10.26 -3.53
N ARG B 98 -24.62 10.41 -4.66
CA ARG B 98 -25.56 9.39 -5.13
C ARG B 98 -25.70 9.32 -6.66
N LEU B 99 -25.99 8.11 -7.14
CA LEU B 99 -26.23 7.82 -8.55
C LEU B 99 -27.74 7.61 -8.73
N VAL B 100 -28.37 8.34 -9.64
CA VAL B 100 -29.81 8.26 -9.88
C VAL B 100 -30.10 7.82 -11.32
N PHE B 101 -30.71 6.64 -11.46
CA PHE B 101 -31.17 6.14 -12.77
C PHE B 101 -32.62 6.56 -12.98
N GLY B 102 -32.99 6.85 -14.21
CA GLY B 102 -34.35 7.25 -14.54
C GLY B 102 -34.52 7.74 -15.96
N PHE B 103 -35.70 8.27 -16.26
CA PHE B 103 -36.00 8.84 -17.57
C PHE B 103 -36.14 10.35 -17.47
N LEU B 104 -35.47 11.05 -18.38
CA LEU B 104 -35.53 12.49 -18.45
C LEU B 104 -36.08 12.86 -19.81
N ASN B 105 -37.31 13.39 -19.84
CA ASN B 105 -38.03 13.67 -21.08
C ASN B 105 -38.09 12.41 -21.98
N GLY B 106 -38.39 11.27 -21.35
CA GLY B 106 -38.48 10.00 -22.05
C GLY B 106 -37.18 9.32 -22.45
N ARG B 107 -36.02 9.88 -22.04
CA ARG B 107 -34.72 9.31 -22.40
C ARG B 107 -34.06 8.66 -21.19
N ALA B 108 -33.55 7.44 -21.37
CA ALA B 108 -32.94 6.68 -20.28
C ALA B 108 -31.61 7.31 -19.83
N CYS B 109 -31.59 7.82 -18.61
CA CYS B 109 -30.43 8.54 -18.06
C CYS B 109 -29.90 7.92 -16.77
N VAL B 110 -28.62 8.16 -16.51
CA VAL B 110 -28.03 7.96 -15.19
C VAL B 110 -27.35 9.27 -14.80
N MET B 111 -27.58 9.72 -13.57
CA MET B 111 -27.13 11.04 -13.14
C MET B 111 -26.27 10.94 -11.88
N MET B 112 -25.10 11.59 -11.93
CA MET B 112 -24.23 11.75 -10.76
C MET B 112 -24.63 13.02 -10.05
N GLN B 113 -25.15 12.89 -8.84
CA GLN B 113 -25.41 14.01 -7.97
C GLN B 113 -24.26 14.03 -6.98
N GLY B 114 -23.26 14.85 -7.29
CA GLY B 114 -22.02 14.88 -6.53
C GLY B 114 -20.87 14.30 -7.35
N ARG B 115 -19.96 15.16 -7.78
CA ARG B 115 -18.74 14.70 -8.46
C ARG B 115 -17.55 14.77 -7.52
N PHE B 116 -16.44 14.22 -7.96
CA PHE B 116 -15.20 14.23 -7.21
C PHE B 116 -14.23 15.22 -7.84
N HIS B 117 -13.42 15.85 -7.00
CA HIS B 117 -12.50 16.89 -7.43
C HIS B 117 -11.07 16.54 -7.03
N MET B 118 -10.13 16.96 -7.86
CA MET B 118 -8.70 16.79 -7.60
C MET B 118 -8.28 17.49 -6.29
N TYR B 119 -8.84 18.67 -6.01
CA TYR B 119 -8.52 19.42 -4.78
C TYR B 119 -8.87 18.70 -3.47
N GLU B 120 -9.84 17.77 -3.53
CA GLU B 120 -10.20 16.92 -2.37
C GLU B 120 -9.09 15.95 -1.99
N GLY B 121 -8.15 15.69 -2.89
CA GLY B 121 -7.06 14.76 -2.66
C GLY B 121 -7.13 13.52 -3.53
N TYR B 122 -8.21 13.38 -4.31
CA TYR B 122 -8.35 12.23 -5.22
C TYR B 122 -7.40 12.34 -6.39
N PRO B 123 -6.71 11.23 -6.74
CA PRO B 123 -6.05 11.22 -8.05
C PRO B 123 -7.08 11.16 -9.18
N LEU B 124 -6.68 11.60 -10.36
CA LEU B 124 -7.63 11.75 -11.47
C LEU B 124 -8.26 10.43 -11.94
N TRP B 125 -7.54 9.32 -11.76
CA TRP B 125 -8.09 7.99 -12.05
C TRP B 125 -9.21 7.55 -11.09
N LYS B 126 -9.27 8.14 -9.89
CA LYS B 126 -10.46 8.01 -9.04
C LYS B 126 -11.56 8.99 -9.44
N VAL B 127 -11.19 10.23 -9.74
CA VAL B 127 -12.14 11.26 -10.16
C VAL B 127 -12.97 10.81 -11.36
N THR B 128 -12.33 10.15 -12.32
CA THR B 128 -12.94 9.77 -13.58
C THR B 128 -13.44 8.33 -13.64
N PHE B 129 -13.29 7.57 -12.55
CA PHE B 129 -13.75 6.17 -12.46
C PHE B 129 -15.19 5.95 -12.97
N PRO B 130 -16.16 6.77 -12.52
CA PRO B 130 -17.53 6.56 -12.98
C PRO B 130 -17.75 6.68 -14.49
N VAL B 131 -16.93 7.47 -15.18
CA VAL B 131 -17.10 7.66 -16.63
C VAL B 131 -16.90 6.33 -17.37
N ARG B 132 -15.87 5.58 -17.00
CA ARG B 132 -15.64 4.25 -17.58
C ARG B 132 -16.70 3.23 -17.16
N VAL B 133 -17.21 3.35 -15.94
CA VAL B 133 -18.34 2.54 -15.49
C VAL B 133 -19.54 2.79 -16.41
N PHE B 134 -19.85 4.06 -16.68
CA PHE B 134 -20.98 4.40 -17.56
C PHE B 134 -20.82 3.80 -18.95
N HIS B 135 -19.61 3.89 -19.49
CA HIS B 135 -19.26 3.24 -20.76
C HIS B 135 -19.63 1.76 -20.74
N LEU B 136 -19.24 1.06 -19.67
CA LEU B 136 -19.55 -0.37 -19.54
C LEU B 136 -21.03 -0.68 -19.26
N LEU B 137 -21.77 0.27 -18.69
CA LEU B 137 -23.24 0.16 -18.60
C LEU B 137 -23.94 0.25 -19.97
N GLY B 138 -23.26 0.76 -20.98
CA GLY B 138 -23.83 0.95 -22.32
C GLY B 138 -24.20 2.40 -22.65
N VAL B 139 -23.81 3.35 -21.80
CA VAL B 139 -23.98 4.79 -22.08
C VAL B 139 -23.13 5.15 -23.30
N ASP B 140 -23.68 5.91 -24.24
CA ASP B 140 -22.91 6.42 -25.41
C ASP B 140 -22.73 7.94 -25.41
N THR B 141 -23.36 8.64 -24.47
CA THR B 141 -23.28 10.10 -24.38
C THR B 141 -23.08 10.55 -22.94
N LEU B 142 -22.09 11.42 -22.72
CA LEU B 142 -21.84 12.05 -21.43
C LEU B 142 -22.20 13.53 -21.50
N VAL B 143 -23.08 13.97 -20.61
CA VAL B 143 -23.37 15.38 -20.43
C VAL B 143 -22.66 15.84 -19.16
N VAL B 144 -21.73 16.79 -19.30
CA VAL B 144 -21.00 17.35 -18.16
C VAL B 144 -21.55 18.75 -17.87
N THR B 145 -21.89 18.97 -16.61
CA THR B 145 -22.33 20.28 -16.15
C THR B 145 -21.43 20.73 -15.02
N ASN B 146 -21.30 22.05 -14.86
CA ASN B 146 -20.58 22.62 -13.74
C ASN B 146 -21.02 24.04 -13.44
N ALA B 147 -20.65 24.52 -12.25
CA ALA B 147 -20.61 25.94 -11.96
C ALA B 147 -19.25 26.44 -12.44
N ALA B 148 -19.18 27.69 -12.88
CA ALA B 148 -17.93 28.28 -13.32
C ALA B 148 -17.90 29.78 -13.07
N GLY B 149 -16.70 30.31 -12.86
CA GLY B 149 -16.48 31.75 -12.77
C GLY B 149 -16.38 32.34 -14.15
N GLY B 150 -17.07 33.45 -14.38
CA GLY B 150 -17.02 34.16 -15.66
C GLY B 150 -15.74 34.95 -15.82
N LEU B 151 -15.00 34.66 -16.88
CA LEU B 151 -13.81 35.44 -17.29
C LEU B 151 -14.13 36.39 -18.44
N ASN B 152 -15.01 35.97 -19.35
CA ASN B 152 -15.47 36.83 -20.45
C ASN B 152 -16.37 37.92 -19.87
N PRO B 153 -16.00 39.20 -20.05
CA PRO B 153 -16.76 40.29 -19.41
C PRO B 153 -18.22 40.44 -19.85
N LYS B 154 -18.58 39.92 -21.03
CA LYS B 154 -19.96 39.97 -21.51
C LYS B 154 -20.89 38.96 -20.82
N PHE B 155 -20.33 37.96 -20.12
CA PHE B 155 -21.16 37.01 -19.37
C PHE B 155 -21.72 37.68 -18.12
N GLU B 156 -22.97 37.36 -17.81
CA GLU B 156 -23.62 37.78 -16.58
C GLU B 156 -23.86 36.57 -15.70
N VAL B 157 -24.03 36.81 -14.41
CA VAL B 157 -24.37 35.76 -13.45
C VAL B 157 -25.73 35.17 -13.86
N GLY B 158 -25.82 33.85 -13.86
CA GLY B 158 -27.01 33.14 -14.34
C GLY B 158 -26.97 32.69 -15.79
N ASP B 159 -25.98 33.16 -16.57
CA ASP B 159 -25.81 32.67 -17.95
C ASP B 159 -25.46 31.18 -18.00
N ILE B 160 -25.93 30.53 -19.05
CA ILE B 160 -25.52 29.19 -19.41
C ILE B 160 -24.53 29.35 -20.55
N MET B 161 -23.33 28.79 -20.38
CA MET B 161 -22.32 28.78 -21.42
C MET B 161 -22.15 27.37 -21.93
N LEU B 162 -22.41 27.16 -23.21
CA LEU B 162 -22.06 25.91 -23.88
C LEU B 162 -20.54 25.79 -23.93
N ILE B 163 -20.01 24.64 -23.56
CA ILE B 163 -18.59 24.39 -23.60
C ILE B 163 -18.23 23.94 -25.01
N ARG B 164 -17.65 24.85 -25.80
CA ARG B 164 -17.11 24.51 -27.12
C ARG B 164 -15.76 23.82 -27.02
N ASP B 165 -14.99 24.17 -26.00
CA ASP B 165 -13.61 23.69 -25.89
C ASP B 165 -13.11 23.86 -24.46
N HIS B 166 -11.97 23.25 -24.15
CA HIS B 166 -11.33 23.48 -22.87
C HIS B 166 -9.84 23.73 -22.95
N ILE B 167 -9.29 24.25 -21.86
CA ILE B 167 -7.85 24.37 -21.64
C ILE B 167 -7.53 23.58 -20.37
N ASN B 168 -6.73 22.52 -20.52
CA ASN B 168 -6.41 21.60 -19.42
C ASN B 168 -5.06 21.96 -18.81
N LEU B 169 -5.05 22.94 -17.92
CA LEU B 169 -3.79 23.40 -17.31
C LEU B 169 -3.08 22.32 -16.48
N PRO B 170 -3.82 21.55 -15.64
CA PRO B 170 -3.18 20.45 -14.94
C PRO B 170 -2.61 19.38 -15.87
N GLY B 171 -3.32 19.12 -16.97
CA GLY B 171 -2.87 18.18 -18.00
C GLY B 171 -1.53 18.53 -18.61
N PHE B 172 -1.30 19.82 -18.89
CA PHE B 172 0.00 20.26 -19.41
C PHE B 172 1.18 19.82 -18.54
N SER B 173 0.97 19.83 -17.21
CA SER B 173 2.02 19.52 -16.24
C SER B 173 2.17 18.05 -15.84
N GLY B 174 1.24 17.19 -16.27
CA GLY B 174 1.30 15.77 -15.89
C GLY B 174 0.01 15.20 -15.35
N GLN B 175 -0.84 16.07 -14.80
CA GLN B 175 -2.11 15.64 -14.22
C GLN B 175 -3.18 15.42 -15.31
N ASN B 176 -3.07 14.27 -15.96
CA ASN B 176 -4.00 13.80 -16.98
C ASN B 176 -4.51 12.43 -16.49
N PRO B 177 -5.84 12.19 -16.56
CA PRO B 177 -6.38 10.90 -16.05
C PRO B 177 -5.90 9.66 -16.80
N LEU B 178 -5.40 9.83 -18.03
CA LEU B 178 -4.85 8.73 -18.83
C LEU B 178 -3.38 8.40 -18.53
N ARG B 179 -2.74 9.14 -17.62
CA ARG B 179 -1.34 8.87 -17.30
C ARG B 179 -1.14 7.45 -16.79
N GLY B 180 -0.05 6.82 -17.21
CA GLY B 180 0.24 5.43 -16.87
C GLY B 180 -0.02 4.56 -18.10
N PRO B 181 0.07 3.22 -17.93
CA PRO B 181 -0.21 2.29 -19.04
C PRO B 181 -1.60 2.51 -19.62
N ASN B 182 -1.70 2.50 -20.94
CA ASN B 182 -2.99 2.60 -21.61
C ASN B 182 -3.66 1.23 -21.59
N ASP B 183 -4.95 1.22 -21.25
CA ASP B 183 -5.75 0.01 -21.40
C ASP B 183 -6.41 0.05 -22.75
N GLU B 184 -5.96 -0.83 -23.66
CA GLU B 184 -6.49 -0.91 -25.02
C GLU B 184 -7.99 -1.23 -25.09
N ARG B 185 -8.50 -1.93 -24.08
CA ARG B 185 -9.93 -2.25 -23.99
C ARG B 185 -10.85 -1.02 -23.82
N PHE B 186 -10.30 0.09 -23.34
CA PHE B 186 -11.04 1.36 -23.30
C PHE B 186 -10.76 2.24 -24.52
N GLY B 187 -9.50 2.40 -24.89
CA GLY B 187 -9.14 3.27 -26.01
C GLY B 187 -7.69 3.32 -26.40
N ASP B 188 -7.35 4.31 -27.23
CA ASP B 188 -6.00 4.44 -27.79
C ASP B 188 -5.02 5.08 -26.80
N ARG B 189 -3.73 4.89 -27.06
CA ARG B 189 -2.65 5.48 -26.24
C ARG B 189 -2.69 7.01 -26.31
N TYR B 190 -2.87 7.54 -27.52
CA TYR B 190 -2.82 8.97 -27.78
C TYR B 190 -4.13 9.50 -28.39
N PRO B 191 -5.19 9.63 -27.58
CA PRO B 191 -6.46 10.10 -28.12
C PRO B 191 -6.46 11.60 -28.44
N ALA B 192 -7.13 11.98 -29.52
CA ALA B 192 -7.28 13.38 -29.89
C ALA B 192 -8.38 14.04 -29.08
N MET B 193 -8.21 15.32 -28.77
CA MET B 193 -9.21 16.11 -28.04
C MET B 193 -9.71 17.34 -28.78
N SER B 194 -9.25 17.57 -30.03
CA SER B 194 -9.67 18.75 -30.79
C SER B 194 -11.17 18.74 -31.17
N ASP B 195 -11.78 17.55 -31.15
CA ASP B 195 -13.20 17.37 -31.43
C ASP B 195 -13.99 16.87 -30.21
N ALA B 196 -13.53 17.20 -29.00
CA ALA B 196 -14.09 16.63 -27.77
C ALA B 196 -15.55 16.99 -27.53
N TYR B 197 -15.93 18.24 -27.77
CA TYR B 197 -17.29 18.70 -27.50
C TYR B 197 -18.09 18.64 -28.79
N ASP B 198 -19.00 17.67 -28.85
CA ASP B 198 -19.71 17.29 -30.09
C ASP B 198 -20.29 18.50 -30.83
N ARG B 199 -19.85 18.68 -32.06
CA ARG B 199 -20.23 19.82 -32.90
C ARG B 199 -21.74 19.86 -33.16
N THR B 200 -22.33 18.72 -33.53
CA THR B 200 -23.74 18.65 -33.89
C THR B 200 -24.67 18.97 -32.73
N MET B 201 -24.38 18.43 -31.55
CA MET B 201 -25.17 18.74 -30.35
C MET B 201 -25.15 20.22 -29.96
N ARG B 202 -24.02 20.88 -30.12
CA ARG B 202 -23.91 22.32 -29.84
C ARG B 202 -24.72 23.16 -30.82
N GLN B 203 -24.64 22.82 -32.10
CA GLN B 203 -25.46 23.46 -33.14
C GLN B 203 -26.96 23.28 -32.84
N ARG B 204 -27.36 22.04 -32.53
CA ARG B 204 -28.76 21.77 -32.18
C ARG B 204 -29.21 22.47 -30.90
N ALA B 205 -28.37 22.49 -29.88
CA ALA B 205 -28.68 23.23 -28.64
C ALA B 205 -28.86 24.72 -28.87
N LEU B 206 -28.03 25.32 -29.73
CA LEU B 206 -28.14 26.74 -30.09
C LEU B 206 -29.45 27.03 -30.84
N SER B 207 -29.71 26.29 -31.92
CA SER B 207 -30.95 26.46 -32.70
C SER B 207 -32.22 26.22 -31.87
N THR B 208 -32.21 25.23 -31.00
CA THR B 208 -33.36 24.94 -30.14
C THR B 208 -33.61 26.05 -29.13
N TRP B 209 -32.55 26.55 -28.48
CA TRP B 209 -32.66 27.59 -27.40
C TRP B 209 -33.72 28.70 -27.63
N LYS B 210 -34.05 28.98 -28.86
CA LYS B 210 -35.33 29.64 -29.23
C LYS B 210 -36.60 29.18 -28.44
N GLN B 211 -36.74 27.87 -28.20
CA GLN B 211 -37.86 27.26 -27.48
C GLN B 211 -37.89 27.59 -25.98
N MET B 212 -36.74 27.94 -25.40
CA MET B 212 -36.66 28.30 -23.98
C MET B 212 -37.34 29.63 -23.65
N GLY B 213 -37.39 30.54 -24.64
CA GLY B 213 -38.03 31.84 -24.47
C GLY B 213 -37.33 32.74 -23.45
N GLU B 214 -35.99 32.80 -23.52
CA GLU B 214 -35.18 33.51 -22.55
C GLU B 214 -34.77 34.86 -23.07
N GLN B 215 -34.61 35.84 -22.17
CA GLN B 215 -34.07 37.16 -22.51
C GLN B 215 -32.59 37.04 -22.92
N ARG B 216 -31.80 36.36 -22.10
CA ARG B 216 -30.39 36.14 -22.37
C ARG B 216 -30.19 35.04 -23.41
N GLU B 217 -29.37 35.34 -24.42
CA GLU B 217 -28.93 34.35 -25.40
C GLU B 217 -28.01 33.30 -24.77
N LEU B 218 -27.97 32.14 -25.41
CA LEU B 218 -27.10 31.06 -24.98
C LEU B 218 -25.66 31.39 -25.28
N GLN B 219 -24.80 31.44 -24.26
CA GLN B 219 -23.38 31.75 -24.46
C GLN B 219 -22.63 30.49 -24.92
N GLU B 220 -21.47 30.71 -25.53
CA GLU B 220 -20.59 29.63 -25.99
C GLU B 220 -19.13 30.05 -25.77
N GLY B 221 -18.30 29.13 -25.28
CA GLY B 221 -16.92 29.49 -25.02
C GLY B 221 -16.03 28.40 -24.46
N THR B 222 -14.83 28.80 -24.06
CA THR B 222 -13.80 27.90 -23.59
C THR B 222 -13.76 27.85 -22.07
N TYR B 223 -13.80 26.63 -21.53
CA TYR B 223 -13.67 26.38 -20.10
C TYR B 223 -12.20 26.06 -19.79
N VAL B 224 -11.62 26.76 -18.82
CA VAL B 224 -10.28 26.42 -18.35
C VAL B 224 -10.37 25.72 -17.00
N MET B 225 -9.72 24.57 -16.85
CA MET B 225 -9.63 23.90 -15.55
C MET B 225 -8.38 24.36 -14.81
N VAL B 226 -8.56 24.72 -13.56
CA VAL B 226 -7.47 24.93 -12.61
C VAL B 226 -7.78 24.06 -11.38
N ALA B 227 -6.75 23.64 -10.66
CA ALA B 227 -6.93 22.66 -9.58
C ALA B 227 -7.67 23.21 -8.36
N GLY B 228 -7.46 24.48 -8.02
CA GLY B 228 -7.99 25.03 -6.76
C GLY B 228 -7.28 24.41 -5.55
N PRO B 229 -7.88 24.42 -4.36
CA PRO B 229 -9.27 24.84 -4.10
C PRO B 229 -9.48 26.35 -3.83
N SER B 230 -8.41 27.11 -3.69
CA SER B 230 -8.50 28.55 -3.49
C SER B 230 -8.90 29.25 -4.80
N PHE B 231 -9.63 30.35 -4.68
CA PHE B 231 -10.06 31.13 -5.84
C PHE B 231 -8.91 31.96 -6.40
N GLU B 232 -9.12 32.50 -7.60
CA GLU B 232 -8.05 33.15 -8.37
C GLU B 232 -7.71 34.50 -7.79
N THR B 233 -6.44 34.89 -7.95
CA THR B 233 -6.04 36.28 -7.78
C THR B 233 -6.44 37.08 -9.02
N VAL B 234 -6.35 38.40 -8.93
CA VAL B 234 -6.62 39.27 -10.07
C VAL B 234 -5.63 39.00 -11.20
N ALA B 235 -4.35 38.88 -10.87
CA ALA B 235 -3.31 38.58 -11.88
C ALA B 235 -3.57 37.24 -12.56
N GLU B 236 -3.97 36.23 -11.77
CA GLU B 236 -4.34 34.92 -12.31
C GLU B 236 -5.56 34.98 -13.22
N CYS B 237 -6.59 35.71 -12.79
CA CYS B 237 -7.76 35.96 -13.64
C CYS B 237 -7.33 36.54 -15.01
N ARG B 238 -6.46 37.53 -14.97
CA ARG B 238 -5.94 38.12 -16.21
C ARG B 238 -5.11 37.16 -17.06
N VAL B 239 -4.36 36.27 -16.44
CA VAL B 239 -3.66 35.19 -17.16
C VAL B 239 -4.68 34.37 -17.94
N LEU B 240 -5.70 33.89 -17.24
CA LEU B 240 -6.71 33.02 -17.85
C LEU B 240 -7.47 33.73 -18.97
N GLN B 241 -7.75 35.02 -18.79
CA GLN B 241 -8.33 35.86 -19.85
C GLN B 241 -7.41 35.97 -21.07
N LYS B 242 -6.13 36.28 -20.83
CA LYS B 242 -5.11 36.34 -21.90
C LYS B 242 -4.98 35.02 -22.67
N LEU B 243 -5.09 33.90 -21.96
CA LEU B 243 -5.02 32.57 -22.59
C LEU B 243 -6.26 32.23 -23.45
N GLY B 244 -7.32 33.02 -23.35
CA GLY B 244 -8.51 32.86 -24.18
C GLY B 244 -9.60 32.02 -23.54
N ALA B 245 -9.56 31.90 -22.21
CA ALA B 245 -10.61 31.19 -21.48
C ALA B 245 -11.76 32.14 -21.20
N ASP B 246 -12.99 31.63 -21.32
CA ASP B 246 -14.21 32.39 -21.07
C ASP B 246 -14.81 32.11 -19.69
N ALA B 247 -14.57 30.91 -19.17
CA ALA B 247 -15.01 30.54 -17.83
C ALA B 247 -13.96 29.64 -17.17
N VAL B 248 -13.93 29.65 -15.84
CA VAL B 248 -12.96 28.87 -15.06
C VAL B 248 -13.65 28.03 -13.99
N GLY B 249 -13.15 26.80 -13.81
CA GLY B 249 -13.61 25.92 -12.75
C GLY B 249 -12.55 24.90 -12.36
N MET B 250 -12.92 23.95 -11.51
CA MET B 250 -11.96 22.99 -10.93
C MET B 250 -12.29 21.54 -11.22
N SER B 251 -13.00 21.29 -12.32
CA SER B 251 -13.54 19.96 -12.60
C SER B 251 -13.67 19.73 -14.11
N THR B 252 -14.43 18.68 -14.47
CA THR B 252 -15.03 18.51 -15.80
C THR B 252 -14.07 17.99 -16.87
N VAL B 253 -12.93 18.64 -17.01
CA VAL B 253 -11.97 18.31 -18.06
C VAL B 253 -11.44 16.86 -17.97
N PRO B 254 -11.10 16.37 -16.76
CA PRO B 254 -10.66 14.97 -16.66
C PRO B 254 -11.72 13.96 -17.11
N GLU B 255 -12.99 14.21 -16.73
CA GLU B 255 -14.10 13.36 -17.15
C GLU B 255 -14.26 13.36 -18.67
N VAL B 256 -14.15 14.54 -19.29
CA VAL B 256 -14.27 14.69 -20.74
C VAL B 256 -13.18 13.91 -21.47
N ILE B 257 -11.94 13.97 -20.97
CA ILE B 257 -10.82 13.25 -21.57
C ILE B 257 -11.05 11.73 -21.53
N VAL B 258 -11.47 11.22 -20.36
CA VAL B 258 -11.73 9.79 -20.20
C VAL B 258 -12.93 9.35 -21.05
N ALA B 259 -13.96 10.21 -21.13
CA ALA B 259 -15.12 9.94 -21.98
C ALA B 259 -14.72 9.79 -23.45
N ARG B 260 -13.97 10.76 -23.96
CA ARG B 260 -13.50 10.72 -25.35
C ARG B 260 -12.54 9.59 -25.62
N HIS B 261 -11.71 9.25 -24.63
CA HIS B 261 -10.81 8.09 -24.75
C HIS B 261 -11.59 6.80 -25.05
N CYS B 262 -12.74 6.60 -24.38
CA CYS B 262 -13.56 5.40 -24.59
C CYS B 262 -14.72 5.55 -25.59
N GLY B 263 -14.72 6.63 -26.38
CA GLY B 263 -15.62 6.80 -27.51
C GLY B 263 -16.98 7.43 -27.23
N LEU B 264 -17.20 7.94 -26.00
CA LEU B 264 -18.43 8.62 -25.67
C LEU B 264 -18.55 9.97 -26.40
N ARG B 265 -19.76 10.27 -26.86
CA ARG B 265 -20.12 11.59 -27.32
C ARG B 265 -20.20 12.48 -26.08
N VAL B 266 -19.73 13.73 -26.18
CA VAL B 266 -19.66 14.61 -25.02
C VAL B 266 -20.31 15.96 -25.31
N PHE B 267 -21.18 16.38 -24.38
CA PHE B 267 -21.76 17.71 -24.39
C PHE B 267 -21.52 18.34 -23.02
N GLY B 268 -21.21 19.62 -23.00
CA GLY B 268 -20.88 20.31 -21.75
C GLY B 268 -21.48 21.69 -21.65
N PHE B 269 -21.87 22.09 -20.45
CA PHE B 269 -22.23 23.49 -20.20
C PHE B 269 -21.89 23.93 -18.78
N SER B 270 -21.64 25.23 -18.64
CA SER B 270 -21.33 25.86 -17.38
C SER B 270 -22.43 26.83 -17.02
N LEU B 271 -22.82 26.84 -15.75
CA LEU B 271 -23.58 27.95 -15.20
C LEU B 271 -22.59 28.97 -14.68
N ILE B 272 -22.66 30.19 -15.19
CA ILE B 272 -21.81 31.28 -14.71
C ILE B 272 -22.38 31.74 -13.37
N THR B 273 -21.74 31.33 -12.28
CA THR B 273 -22.21 31.60 -10.92
C THR B 273 -21.67 32.88 -10.31
N ASN B 274 -20.60 33.43 -10.89
CA ASN B 274 -19.96 34.65 -10.37
C ASN B 274 -19.02 35.20 -11.43
N LYS B 275 -18.81 36.51 -11.39
CA LYS B 275 -17.83 37.15 -12.26
C LYS B 275 -16.50 37.21 -11.50
N VAL B 276 -15.46 36.65 -12.10
CA VAL B 276 -14.15 36.57 -11.46
C VAL B 276 -13.61 37.99 -11.29
N ILE B 277 -13.01 38.25 -10.13
CA ILE B 277 -12.54 39.60 -9.81
C ILE B 277 -11.30 39.90 -10.67
N MET B 278 -11.38 40.97 -11.45
CA MET B 278 -10.34 41.32 -12.44
C MET B 278 -9.74 42.72 -12.26
N ASP B 279 -10.03 43.36 -11.13
CA ASP B 279 -9.39 44.65 -10.80
C ASP B 279 -9.15 44.77 -9.29
N TYR B 280 -8.17 45.59 -8.94
CA TYR B 280 -7.76 45.77 -7.55
C TYR B 280 -8.64 46.75 -6.75
N GLU B 281 -9.48 47.53 -7.45
N GLU B 281 -9.48 47.53 -7.45
CA GLU B 281 -10.38 48.49 -6.79
CA GLU B 281 -10.38 48.48 -6.79
C GLU B 281 -11.55 47.79 -6.09
C GLU B 281 -11.55 47.79 -6.09
N SER B 282 -12.05 46.70 -6.67
CA SER B 282 -13.20 45.98 -6.12
C SER B 282 -12.93 45.44 -4.72
N LEU B 283 -13.96 45.50 -3.86
CA LEU B 283 -13.93 44.90 -2.52
C LEU B 283 -14.62 43.53 -2.51
N GLU B 284 -15.20 43.13 -3.63
CA GLU B 284 -15.90 41.86 -3.74
C GLU B 284 -14.91 40.69 -3.81
N LYS B 285 -15.34 39.54 -3.30
CA LYS B 285 -14.53 38.33 -3.25
C LYS B 285 -15.38 37.13 -3.66
N ALA B 286 -14.78 36.23 -4.44
CA ALA B 286 -15.43 34.98 -4.79
C ALA B 286 -15.64 34.17 -3.49
N ASN B 287 -16.74 33.45 -3.44
CA ASN B 287 -17.09 32.66 -2.27
C ASN B 287 -18.10 31.58 -2.62
N HIS B 288 -18.02 30.45 -1.92
CA HIS B 288 -18.83 29.27 -2.19
C HIS B 288 -20.33 29.49 -1.99
N GLU B 289 -20.68 30.27 -0.98
CA GLU B 289 -22.08 30.56 -0.65
C GLU B 289 -22.79 31.24 -1.84
N GLU B 290 -22.14 32.22 -2.46
N GLU B 290 -22.14 32.22 -2.46
CA GLU B 290 -22.66 32.90 -3.64
CA GLU B 290 -22.66 32.91 -3.64
C GLU B 290 -22.79 31.95 -4.84
C GLU B 290 -22.79 31.95 -4.84
N VAL B 291 -21.83 31.02 -4.96
CA VAL B 291 -21.87 30.01 -6.03
C VAL B 291 -23.09 29.08 -5.91
N LEU B 292 -23.32 28.56 -4.70
CA LEU B 292 -24.51 27.72 -4.44
C LEU B 292 -25.82 28.47 -4.67
N ALA B 293 -25.86 29.73 -4.26
CA ALA B 293 -27.06 30.57 -4.43
C ALA B 293 -27.39 30.78 -5.91
N ALA B 294 -26.38 31.06 -6.72
CA ALA B 294 -26.58 31.22 -8.16
C ALA B 294 -27.11 29.94 -8.81
N GLY B 295 -26.63 28.80 -8.33
CA GLY B 295 -27.11 27.48 -8.79
C GLY B 295 -28.59 27.29 -8.53
N LYS B 296 -29.00 27.53 -7.28
CA LYS B 296 -30.38 27.35 -6.87
C LYS B 296 -31.34 28.31 -7.60
N GLN B 297 -30.90 29.56 -7.82
CA GLN B 297 -31.70 30.53 -8.59
C GLN B 297 -31.90 30.15 -10.05
N ALA B 298 -30.95 29.44 -10.65
CA ALA B 298 -31.02 29.03 -12.06
C ALA B 298 -31.59 27.60 -12.28
N ALA B 299 -31.89 26.89 -11.18
CA ALA B 299 -32.24 25.46 -11.19
C ALA B 299 -33.37 25.11 -12.14
N GLN B 300 -34.45 25.91 -12.11
CA GLN B 300 -35.58 25.74 -13.02
C GLN B 300 -35.17 25.86 -14.49
N LYS B 301 -34.38 26.87 -14.80
CA LYS B 301 -33.91 27.12 -16.16
C LYS B 301 -32.96 26.02 -16.66
N LEU B 302 -32.13 25.49 -15.76
CA LEU B 302 -31.25 24.37 -16.09
C LEU B 302 -32.03 23.06 -16.42
N GLU B 303 -33.11 22.83 -15.68
CA GLU B 303 -33.93 21.63 -15.89
C GLU B 303 -34.65 21.68 -17.24
N GLN B 304 -35.17 22.85 -17.59
CA GLN B 304 -35.83 23.06 -18.88
C GLN B 304 -34.83 22.93 -20.04
N PHE B 305 -33.61 23.43 -19.83
CA PHE B 305 -32.56 23.32 -20.85
C PHE B 305 -32.08 21.88 -21.05
N VAL B 306 -31.89 21.14 -19.96
CA VAL B 306 -31.48 19.73 -20.04
C VAL B 306 -32.59 18.87 -20.69
N SER B 307 -33.85 19.23 -20.45
CA SER B 307 -35.00 18.58 -21.13
C SER B 307 -34.94 18.72 -22.66
N ILE B 308 -34.75 19.93 -23.16
CA ILE B 308 -34.57 20.17 -24.60
C ILE B 308 -33.31 19.46 -25.13
N LEU B 309 -32.27 19.42 -24.30
CA LEU B 309 -31.02 18.77 -24.66
C LEU B 309 -31.17 17.26 -24.95
N MET B 310 -31.96 16.55 -24.14
CA MET B 310 -32.20 15.11 -24.34
C MET B 310 -32.82 14.80 -25.70
N ALA B 311 -33.72 15.68 -26.16
CA ALA B 311 -34.35 15.55 -27.48
C ALA B 311 -33.36 15.68 -28.65
N SER B 312 -32.29 16.42 -28.46
CA SER B 312 -31.23 16.58 -29.49
C SER B 312 -30.15 15.49 -29.49
N ILE B 313 -30.25 14.48 -28.62
CA ILE B 313 -29.24 13.41 -28.53
C ILE B 313 -29.61 12.24 -29.46
N PRO B 314 -28.70 11.87 -30.40
CA PRO B 314 -28.99 10.73 -31.28
C PRO B 314 -29.23 9.40 -30.54
N LEU B 315 -30.07 8.55 -31.13
CA LEU B 315 -30.38 7.23 -30.58
C LEU B 315 -29.23 6.25 -30.88
N PRO B 316 -29.15 5.12 -30.14
CA PRO B 316 -28.11 4.13 -30.42
C PRO B 316 -28.19 3.45 -31.76
N ASP B 317 -27.15 2.64 -32.05
CA ASP B 317 -26.90 2.08 -33.39
C ASP B 317 -26.75 3.18 -34.46
N THR C 30 -3.65 6.45 -1.17
CA THR C 30 -4.50 6.81 -2.34
C THR C 30 -4.92 8.28 -2.31
N LEU C 31 -5.55 8.68 -1.19
CA LEU C 31 -5.90 10.08 -0.93
C LEU C 31 -4.66 10.96 -0.59
N MET C 32 -4.38 11.93 -1.46
CA MET C 32 -3.31 12.92 -1.23
C MET C 32 -3.77 13.96 -0.20
N GLU C 33 -3.23 13.85 1.01
CA GLU C 33 -3.59 14.73 2.11
C GLU C 33 -2.41 15.20 2.98
N ASN C 34 -2.69 16.26 3.74
CA ASN C 34 -1.82 16.78 4.82
C ASN C 34 -1.51 15.66 5.83
N GLY C 35 -0.23 15.46 6.11
CA GLY C 35 0.24 14.48 7.08
C GLY C 35 0.20 14.95 8.53
N TYR C 36 0.07 16.27 8.75
CA TYR C 36 -0.08 16.83 10.09
C TYR C 36 -1.54 16.88 10.50
N THR C 37 -1.81 16.53 11.76
CA THR C 37 -3.11 16.75 12.38
C THR C 37 -3.15 18.14 13.00
N TYR C 38 -4.34 18.60 13.41
CA TYR C 38 -4.47 19.86 14.16
C TYR C 38 -3.64 19.82 15.44
N GLU C 39 -3.61 18.66 16.08
CA GLU C 39 -2.87 18.46 17.34
C GLU C 39 -1.37 18.65 17.17
N ASP C 40 -0.83 18.24 16.02
CA ASP C 40 0.60 18.44 15.73
C ASP C 40 0.97 19.92 15.70
N TYR C 41 0.17 20.74 15.03
CA TYR C 41 0.40 22.20 14.99
C TYR C 41 0.32 22.78 16.40
N LYS C 42 -0.71 22.36 17.14
CA LYS C 42 -0.94 22.83 18.50
C LYS C 42 0.20 22.44 19.45
N ASN C 43 0.67 21.18 19.37
CA ASN C 43 1.80 20.73 20.17
C ASN C 43 3.07 21.55 19.94
N THR C 44 3.33 21.89 18.68
CA THR C 44 4.51 22.69 18.30
C THR C 44 4.40 24.12 18.83
N ALA C 45 3.22 24.73 18.68
CA ALA C 45 2.96 26.08 19.19
C ALA C 45 3.11 26.15 20.72
N GLU C 46 2.46 25.21 21.43
CA GLU C 46 2.55 25.12 22.88
C GLU C 46 3.97 24.87 23.38
N TRP C 47 4.72 24.06 22.65
CA TRP C 47 6.13 23.82 22.97
C TRP C 47 6.92 25.13 22.89
N LEU C 48 6.75 25.86 21.79
CA LEU C 48 7.43 27.14 21.61
C LEU C 48 7.01 28.16 22.69
N LEU C 49 5.71 28.26 22.95
CA LEU C 49 5.19 29.18 23.97
C LEU C 49 5.70 28.89 25.39
N SER C 50 5.92 27.61 25.71
CA SER C 50 6.45 27.22 27.01
C SER C 50 7.97 27.26 27.12
N HIS C 51 8.67 27.46 25.99
CA HIS C 51 10.14 27.57 25.98
C HIS C 51 10.67 28.98 25.69
N THR C 52 9.78 29.94 25.46
CA THR C 52 10.18 31.35 25.35
C THR C 52 9.13 32.24 26.03
N LYS C 53 9.59 33.35 26.58
CA LYS C 53 8.71 34.37 27.15
C LYS C 53 8.16 35.29 26.05
N HIS C 54 8.78 35.24 24.87
CA HIS C 54 8.36 36.09 23.75
C HIS C 54 6.98 35.67 23.24
N ARG C 55 6.18 36.69 22.91
CA ARG C 55 4.83 36.51 22.39
C ARG C 55 4.72 37.36 21.11
N PRO C 56 5.06 36.76 19.96
CA PRO C 56 5.16 37.55 18.73
C PRO C 56 3.80 37.92 18.14
N GLN C 57 3.73 39.15 17.61
CA GLN C 57 2.59 39.60 16.83
C GLN C 57 2.81 39.40 15.33
N VAL C 58 4.07 39.52 14.89
CA VAL C 58 4.43 39.50 13.48
C VAL C 58 5.38 38.34 13.24
N ALA C 59 5.10 37.55 12.20
CA ALA C 59 6.05 36.51 11.75
C ALA C 59 6.70 37.00 10.45
N ILE C 60 8.02 36.82 10.34
CA ILE C 60 8.78 37.25 9.17
C ILE C 60 9.55 36.06 8.59
N ILE C 61 9.29 35.72 7.33
CA ILE C 61 10.02 34.65 6.65
C ILE C 61 11.13 35.28 5.81
N CYS C 62 12.37 34.95 6.14
CA CYS C 62 13.54 35.49 5.47
C CYS C 62 13.93 34.63 4.26
N GLY C 63 14.08 35.28 3.12
CA GLY C 63 14.46 34.60 1.87
C GLY C 63 15.96 34.39 1.70
N SER C 64 16.35 33.94 0.50
CA SER C 64 17.74 33.55 0.22
C SER C 64 18.64 34.78 0.26
N GLY C 65 19.67 34.73 1.10
CA GLY C 65 20.57 35.87 1.32
C GLY C 65 19.97 37.02 2.11
N LEU C 66 18.82 36.80 2.73
CA LEU C 66 18.14 37.81 3.54
C LEU C 66 18.14 37.45 5.02
N GLY C 67 18.92 36.43 5.41
CA GLY C 67 19.00 35.98 6.80
C GLY C 67 19.56 37.01 7.77
N GLY C 68 20.33 37.98 7.25
CA GLY C 68 20.81 39.12 8.02
C GLY C 68 19.74 40.05 8.61
N LEU C 69 18.49 39.91 8.18
CA LEU C 69 17.36 40.64 8.76
C LEU C 69 17.11 40.30 10.25
N THR C 70 17.58 39.15 10.72
CA THR C 70 17.48 38.77 12.13
C THR C 70 18.53 39.45 13.04
N ASP C 71 19.51 40.13 12.47
CA ASP C 71 20.61 40.76 13.25
C ASP C 71 20.14 41.92 14.13
N LYS C 72 19.17 42.70 13.64
CA LYS C 72 18.65 43.86 14.40
C LYS C 72 17.67 43.52 15.52
N LEU C 73 17.27 42.25 15.65
CA LEU C 73 16.44 41.81 16.76
C LEU C 73 17.11 42.04 18.10
N THR C 74 16.38 42.65 19.04
CA THR C 74 16.82 42.82 20.42
C THR C 74 16.17 41.76 21.30
N GLN C 75 16.84 41.43 22.41
CA GLN C 75 16.42 40.36 23.34
C GLN C 75 16.18 39.03 22.60
N ALA C 76 17.08 38.71 21.67
CA ALA C 76 16.89 37.58 20.77
C ALA C 76 16.97 36.24 21.50
N GLN C 77 16.07 35.32 21.15
CA GLN C 77 16.15 33.93 21.57
C GLN C 77 16.07 33.05 20.33
N ILE C 78 17.05 32.16 20.18
CA ILE C 78 17.22 31.32 19.00
C ILE C 78 16.78 29.89 19.29
N PHE C 79 15.98 29.33 18.38
CA PHE C 79 15.67 27.90 18.34
C PHE C 79 16.12 27.37 16.99
N ASP C 80 16.95 26.34 16.98
CA ASP C 80 17.25 25.60 15.75
C ASP C 80 16.00 24.77 15.41
N TYR C 81 15.73 24.61 14.11
CA TYR C 81 14.56 23.82 13.66
C TYR C 81 14.57 22.38 14.19
N SER C 82 15.77 21.82 14.34
CA SER C 82 15.95 20.47 14.91
C SER C 82 15.44 20.32 16.35
N GLU C 83 15.47 21.39 17.14
CA GLU C 83 14.92 21.38 18.51
C GLU C 83 13.38 21.29 18.55
N ILE C 84 12.73 21.85 17.52
CA ILE C 84 11.29 22.13 17.59
C ILE C 84 10.52 20.88 17.12
N PRO C 85 9.56 20.39 17.92
CA PRO C 85 8.75 19.24 17.49
C PRO C 85 7.98 19.47 16.21
N ASN C 86 7.94 18.45 15.35
CA ASN C 86 7.19 18.43 14.08
C ASN C 86 7.71 19.35 12.97
N PHE C 87 8.82 20.05 13.20
CA PHE C 87 9.34 21.02 12.25
C PHE C 87 10.11 20.24 11.19
N PRO C 88 10.00 20.63 9.90
CA PRO C 88 10.86 20.01 8.88
C PRO C 88 12.36 20.28 9.09
N ARG C 89 13.21 19.34 8.66
CA ARG C 89 14.69 19.49 8.79
C ARG C 89 15.40 19.87 7.47
N SER C 90 15.97 21.07 7.42
CA SER C 90 16.40 21.70 6.15
C SER C 90 17.70 21.11 5.56
N THR C 91 18.14 21.68 4.43
CA THR C 91 19.33 21.18 3.71
C THR C 91 19.78 22.14 2.59
N VAL C 92 19.60 23.45 2.73
CA VAL C 92 19.99 24.42 1.66
C VAL C 92 21.11 25.36 2.18
N PRO C 93 22.16 25.63 1.36
CA PRO C 93 23.16 26.65 1.72
C PRO C 93 22.72 28.07 1.33
N GLY C 94 22.82 29.00 2.27
CA GLY C 94 22.20 30.34 2.17
C GLY C 94 20.94 30.50 3.04
N HIS C 95 20.56 29.40 3.69
CA HIS C 95 19.41 29.32 4.59
C HIS C 95 19.84 28.55 5.85
N ALA C 96 19.83 29.20 7.03
CA ALA C 96 20.46 28.66 8.24
C ALA C 96 19.75 27.45 8.87
N GLY C 97 18.45 27.62 9.16
CA GLY C 97 17.62 26.58 9.77
C GLY C 97 17.28 26.87 11.22
N ARG C 98 16.79 28.08 11.49
CA ARG C 98 16.48 28.51 12.86
C ARG C 98 15.35 29.54 12.95
N LEU C 99 14.65 29.49 14.09
CA LEU C 99 13.56 30.39 14.44
C LEU C 99 14.08 31.35 15.49
N VAL C 100 13.95 32.66 15.24
CA VAL C 100 14.47 33.68 16.16
C VAL C 100 13.34 34.59 16.65
N PHE C 101 13.07 34.54 17.96
CA PHE C 101 12.10 35.42 18.61
C PHE C 101 12.83 36.66 19.11
N GLY C 102 12.15 37.81 19.08
CA GLY C 102 12.74 39.05 19.55
C GLY C 102 11.92 40.26 19.21
N PHE C 103 12.50 41.44 19.43
CA PHE C 103 11.85 42.71 19.12
C PHE C 103 12.57 43.38 17.95
N LEU C 104 11.80 43.80 16.96
CA LEU C 104 12.33 44.49 15.79
C LEU C 104 11.70 45.86 15.75
N ASN C 105 12.51 46.90 16.00
CA ASN C 105 12.01 48.27 16.11
C ASN C 105 10.88 48.36 17.15
N GLY C 106 11.10 47.70 18.28
CA GLY C 106 10.13 47.67 19.38
C GLY C 106 8.93 46.77 19.22
N ARG C 107 8.85 45.99 18.14
CA ARG C 107 7.66 45.16 17.85
C ARG C 107 8.01 43.68 18.05
N ALA C 108 7.14 42.95 18.76
CA ALA C 108 7.37 41.53 19.05
C ALA C 108 7.27 40.67 17.77
N CYS C 109 8.41 40.11 17.36
CA CYS C 109 8.51 39.33 16.12
C CYS C 109 9.01 37.92 16.35
N VAL C 110 8.67 37.04 15.40
CA VAL C 110 9.32 35.74 15.25
C VAL C 110 9.78 35.64 13.80
N MET C 111 11.03 35.23 13.59
CA MET C 111 11.64 35.26 12.27
C MET C 111 12.15 33.88 11.86
N MET C 112 11.78 33.45 10.66
CA MET C 112 12.33 32.23 10.04
C MET C 112 13.56 32.61 9.26
N GLN C 113 14.72 32.14 9.70
CA GLN C 113 15.94 32.27 8.95
C GLN C 113 16.15 30.92 8.28
N GLY C 114 15.73 30.84 7.02
CA GLY C 114 15.72 29.58 6.29
C GLY C 114 14.29 29.11 6.08
N ARG C 115 13.82 29.18 4.83
CA ARG C 115 12.51 28.61 4.48
C ARG C 115 12.71 27.29 3.74
N PHE C 116 11.60 26.61 3.52
CA PHE C 116 11.57 25.33 2.82
C PHE C 116 10.97 25.55 1.43
N HIS C 117 11.47 24.78 0.46
CA HIS C 117 11.06 24.92 -0.93
C HIS C 117 10.55 23.60 -1.47
N MET C 118 9.60 23.69 -2.40
CA MET C 118 9.06 22.53 -3.07
C MET C 118 10.14 21.75 -3.85
N TYR C 119 11.07 22.46 -4.48
CA TYR C 119 12.17 21.82 -5.24
C TYR C 119 13.10 20.93 -4.40
N GLU C 120 13.17 21.17 -3.09
CA GLU C 120 13.93 20.31 -2.17
C GLU C 120 13.34 18.92 -2.03
N GLY C 121 12.07 18.76 -2.38
CA GLY C 121 11.36 17.49 -2.25
C GLY C 121 10.25 17.53 -1.22
N TYR C 122 10.11 18.64 -0.49
CA TYR C 122 9.04 18.79 0.49
C TYR C 122 7.69 18.95 -0.19
N PRO C 123 6.66 18.24 0.30
CA PRO C 123 5.31 18.61 -0.12
C PRO C 123 4.91 19.94 0.49
N LEU C 124 3.96 20.63 -0.14
CA LEU C 124 3.60 21.99 0.27
C LEU C 124 3.03 22.09 1.70
N TRP C 125 2.40 21.02 2.18
CA TRP C 125 1.94 20.97 3.58
C TRP C 125 3.08 20.90 4.60
N LYS C 126 4.27 20.47 4.20
CA LYS C 126 5.49 20.64 5.02
C LYS C 126 6.07 22.04 4.87
N VAL C 127 6.12 22.53 3.63
CA VAL C 127 6.65 23.88 3.33
C VAL C 127 5.95 24.96 4.16
N THR C 128 4.63 24.83 4.29
CA THR C 128 3.79 25.84 4.93
C THR C 128 3.44 25.57 6.40
N PHE C 129 3.94 24.45 6.95
CA PHE C 129 3.71 24.07 8.35
C PHE C 129 3.92 25.21 9.36
N PRO C 130 5.08 25.93 9.27
CA PRO C 130 5.31 27.01 10.23
C PRO C 130 4.28 28.14 10.24
N VAL C 131 3.62 28.39 9.09
CA VAL C 131 2.65 29.49 9.00
C VAL C 131 1.46 29.23 9.96
N ARG C 132 0.97 28.00 9.98
CA ARG C 132 -0.10 27.61 10.90
C ARG C 132 0.37 27.58 12.36
N VAL C 133 1.63 27.21 12.58
CA VAL C 133 2.22 27.31 13.92
C VAL C 133 2.19 28.76 14.40
N PHE C 134 2.61 29.70 13.55
CA PHE C 134 2.61 31.13 13.91
C PHE C 134 1.21 31.62 14.27
N HIS C 135 0.22 31.21 13.47
CA HIS C 135 -1.19 31.49 13.76
C HIS C 135 -1.54 31.05 15.18
N LEU C 136 -1.17 29.82 15.54
CA LEU C 136 -1.45 29.29 16.89
C LEU C 136 -0.62 29.93 18.01
N LEU C 137 0.56 30.48 17.69
CA LEU C 137 1.30 31.31 18.64
C LEU C 137 0.62 32.65 18.96
N GLY C 138 -0.33 33.08 18.12
CA GLY C 138 -1.01 34.37 18.28
C GLY C 138 -0.51 35.47 17.35
N VAL C 139 0.31 35.11 16.36
CA VAL C 139 0.73 36.06 15.30
C VAL C 139 -0.52 36.44 14.49
N ASP C 140 -0.69 37.73 14.19
CA ASP C 140 -1.79 38.17 13.30
C ASP C 140 -1.31 38.72 11.94
N THR C 141 0.01 38.86 11.75
CA THR C 141 0.56 39.38 10.51
C THR C 141 1.76 38.54 10.07
N LEU C 142 1.75 38.12 8.80
CA LEU C 142 2.88 37.42 8.18
C LEU C 142 3.56 38.33 7.17
N VAL C 143 4.86 38.55 7.35
CA VAL C 143 5.67 39.26 6.36
C VAL C 143 6.48 38.22 5.60
N VAL C 144 6.26 38.12 4.30
CA VAL C 144 6.99 37.18 3.45
C VAL C 144 8.01 37.97 2.63
N THR C 145 9.26 37.52 2.66
CA THR C 145 10.33 38.13 1.89
C THR C 145 10.95 37.06 1.01
N ASN C 146 11.51 37.48 -0.11
CA ASN C 146 12.25 36.58 -0.97
C ASN C 146 13.25 37.34 -1.84
N ALA C 147 14.18 36.58 -2.40
CA ALA C 147 14.95 37.03 -3.55
C ALA C 147 14.11 36.67 -4.78
N ALA C 148 14.20 37.47 -5.83
CA ALA C 148 13.47 37.20 -7.07
C ALA C 148 14.24 37.72 -8.27
N GLY C 149 14.02 37.05 -9.41
CA GLY C 149 14.55 37.50 -10.67
C GLY C 149 13.63 38.57 -11.25
N GLY C 150 14.21 39.65 -11.75
CA GLY C 150 13.45 40.72 -12.37
C GLY C 150 13.01 40.36 -13.78
N LEU C 151 11.70 40.41 -14.02
CA LEU C 151 11.10 40.25 -15.35
C LEU C 151 10.72 41.59 -15.96
N ASN C 152 10.27 42.53 -15.13
CA ASN C 152 9.95 43.89 -15.57
C ASN C 152 11.27 44.61 -15.91
N PRO C 153 11.44 45.06 -17.17
CA PRO C 153 12.73 45.64 -17.58
C PRO C 153 13.14 46.93 -16.85
N LYS C 154 12.19 47.65 -16.25
CA LYS C 154 12.51 48.86 -15.49
C LYS C 154 13.11 48.56 -14.11
N PHE C 155 13.01 47.33 -13.62
CA PHE C 155 13.64 46.97 -12.34
C PHE C 155 15.14 46.85 -12.51
N GLU C 156 15.87 47.32 -11.50
CA GLU C 156 17.32 47.18 -11.42
C GLU C 156 17.65 46.24 -10.28
N VAL C 157 18.85 45.66 -10.32
CA VAL C 157 19.36 44.82 -9.24
C VAL C 157 19.46 45.69 -7.99
N GLY C 158 19.01 45.15 -6.86
CA GLY C 158 18.94 45.89 -5.60
C GLY C 158 17.60 46.54 -5.32
N ASP C 159 16.69 46.60 -6.29
CA ASP C 159 15.34 47.12 -6.03
C ASP C 159 14.56 46.25 -5.04
N ILE C 160 13.71 46.91 -4.26
CA ILE C 160 12.71 46.24 -3.46
C ILE C 160 11.39 46.40 -4.21
N MET C 161 10.73 45.26 -4.47
CA MET C 161 9.42 45.25 -5.08
C MET C 161 8.40 44.82 -4.05
N LEU C 162 7.44 45.69 -3.75
CA LEU C 162 6.26 45.30 -2.97
C LEU C 162 5.44 44.31 -3.79
N ILE C 163 5.04 43.21 -3.17
CA ILE C 163 4.21 42.20 -3.84
C ILE C 163 2.75 42.66 -3.70
N ARG C 164 2.20 43.18 -4.79
CA ARG C 164 0.78 43.51 -4.86
C ARG C 164 -0.08 42.26 -5.10
N ASP C 165 0.47 41.29 -5.82
CA ASP C 165 -0.28 40.13 -6.24
C ASP C 165 0.66 39.00 -6.65
N HIS C 166 0.12 37.80 -6.83
CA HIS C 166 0.91 36.70 -7.35
C HIS C 166 0.20 35.90 -8.45
N ILE C 167 1.01 35.11 -9.15
CA ILE C 167 0.52 34.10 -10.10
C ILE C 167 1.06 32.75 -9.61
N ASN C 168 0.15 31.84 -9.24
CA ASN C 168 0.51 30.55 -8.65
C ASN C 168 0.46 29.47 -9.73
N LEU C 169 1.53 29.35 -10.50
CA LEU C 169 1.57 28.36 -11.60
C LEU C 169 1.47 26.91 -11.11
N PRO C 170 2.20 26.54 -10.04
CA PRO C 170 2.02 25.18 -9.49
C PRO C 170 0.61 24.91 -9.00
N GLY C 171 -0.01 25.92 -8.41
CA GLY C 171 -1.39 25.84 -7.95
C GLY C 171 -2.39 25.52 -9.04
N PHE C 172 -2.23 26.11 -10.22
CA PHE C 172 -3.09 25.79 -11.38
C PHE C 172 -3.13 24.29 -11.68
N SER C 173 -1.99 23.61 -11.52
CA SER C 173 -1.85 22.19 -11.85
C SER C 173 -2.17 21.19 -10.73
N GLY C 174 -2.39 21.67 -9.51
CA GLY C 174 -2.68 20.77 -8.38
C GLY C 174 -1.86 21.03 -7.14
N GLN C 175 -0.67 21.63 -7.33
CA GLN C 175 0.24 21.90 -6.23
C GLN C 175 -0.17 23.15 -5.46
N ASN C 176 -1.17 22.97 -4.59
CA ASN C 176 -1.68 23.98 -3.69
C ASN C 176 -1.56 23.38 -2.27
N PRO C 177 -1.08 24.17 -1.28
CA PRO C 177 -0.91 23.62 0.08
C PRO C 177 -2.20 23.21 0.79
N LEU C 178 -3.35 23.70 0.32
CA LEU C 178 -4.65 23.35 0.86
C LEU C 178 -5.26 22.07 0.24
N ARG C 179 -4.56 21.43 -0.70
CA ARG C 179 -5.08 20.21 -1.32
C ARG C 179 -5.31 19.12 -0.27
N GLY C 180 -6.40 18.38 -0.44
CA GLY C 180 -6.83 17.37 0.51
C GLY C 180 -8.00 17.88 1.33
N PRO C 181 -8.39 17.13 2.38
CA PRO C 181 -9.47 17.58 3.28
C PRO C 181 -9.16 18.93 3.90
N ASN C 182 -10.15 19.80 3.94
CA ASN C 182 -10.00 21.10 4.60
C ASN C 182 -10.15 20.90 6.10
N ASP C 183 -9.28 21.53 6.88
CA ASP C 183 -9.46 21.58 8.33
C ASP C 183 -10.21 22.86 8.65
N GLU C 184 -11.47 22.71 9.06
CA GLU C 184 -12.35 23.83 9.40
C GLU C 184 -11.81 24.71 10.55
N ARG C 185 -11.04 24.12 11.44
CA ARG C 185 -10.41 24.86 12.56
C ARG C 185 -9.38 25.91 12.12
N PHE C 186 -8.83 25.78 10.91
CA PHE C 186 -7.96 26.80 10.33
C PHE C 186 -8.73 27.77 9.43
N GLY C 187 -9.58 27.23 8.53
CA GLY C 187 -10.30 28.10 7.59
C GLY C 187 -11.28 27.40 6.67
N ASP C 188 -11.73 28.13 5.66
CA ASP C 188 -12.75 27.65 4.72
C ASP C 188 -12.19 26.70 3.66
N ARG C 189 -13.09 25.94 3.05
CA ARG C 189 -12.74 25.02 1.96
C ARG C 189 -12.22 25.77 0.74
N TYR C 190 -12.89 26.86 0.39
CA TYR C 190 -12.57 27.64 -0.81
C TYR C 190 -12.23 29.09 -0.47
N PRO C 191 -11.03 29.35 0.07
CA PRO C 191 -10.67 30.71 0.45
C PRO C 191 -10.36 31.59 -0.77
N ALA C 192 -10.74 32.87 -0.69
CA ALA C 192 -10.43 33.83 -1.75
C ALA C 192 -9.01 34.34 -1.60
N MET C 193 -8.36 34.63 -2.72
CA MET C 193 -6.99 35.19 -2.74
C MET C 193 -6.86 36.54 -3.44
N SER C 194 -7.97 37.09 -3.94
CA SER C 194 -7.92 38.37 -4.66
C SER C 194 -7.50 39.57 -3.79
N ASP C 195 -7.63 39.42 -2.47
CA ASP C 195 -7.23 40.44 -1.48
C ASP C 195 -6.07 39.96 -0.60
N ALA C 196 -5.21 39.08 -1.11
CA ALA C 196 -4.20 38.42 -0.27
C ALA C 196 -3.15 39.37 0.31
N TYR C 197 -2.68 40.32 -0.48
CA TYR C 197 -1.62 41.24 -0.06
C TYR C 197 -2.23 42.54 0.43
N ASP C 198 -2.21 42.72 1.76
CA ASP C 198 -2.96 43.79 2.45
C ASP C 198 -2.80 45.14 1.77
N ARG C 199 -3.93 45.69 1.34
CA ARG C 199 -3.98 46.95 0.59
C ARG C 199 -3.44 48.12 1.42
N THR C 200 -3.88 48.23 2.67
CA THR C 200 -3.51 49.35 3.53
C THR C 200 -2.01 49.41 3.83
N MET C 201 -1.40 48.27 4.15
CA MET C 201 0.04 48.21 4.40
C MET C 201 0.88 48.66 3.19
N ARG C 202 0.44 48.25 1.99
CA ARG C 202 1.14 48.63 0.77
C ARG C 202 1.05 50.14 0.50
N GLN C 203 -0.15 50.69 0.67
CA GLN C 203 -0.37 52.14 0.56
C GLN C 203 0.46 52.91 1.57
N ARG C 204 0.48 52.46 2.82
CA ARG C 204 1.30 53.11 3.87
C ARG C 204 2.80 53.02 3.58
N ALA C 205 3.26 51.84 3.13
CA ALA C 205 4.67 51.70 2.75
C ALA C 205 5.08 52.64 1.59
N LEU C 206 4.20 52.78 0.61
CA LEU C 206 4.43 53.69 -0.53
C LEU C 206 4.46 55.16 -0.11
N SER C 207 3.43 55.61 0.60
CA SER C 207 3.36 57.00 1.09
C SER C 207 4.49 57.36 2.02
N THR C 208 4.91 56.43 2.90
CA THR C 208 6.02 56.70 3.82
C THR C 208 7.34 56.82 3.04
N TRP C 209 7.59 55.90 2.10
CA TRP C 209 8.69 56.05 1.14
C TRP C 209 8.72 57.35 0.37
N LYS C 210 7.54 57.90 0.02
CA LYS C 210 7.53 59.10 -0.86
C LYS C 210 8.01 60.27 0.03
N GLN C 211 7.68 60.17 1.34
CA GLN C 211 8.03 61.21 2.33
C GLN C 211 9.52 61.25 2.68
N MET C 212 10.22 60.14 2.46
CA MET C 212 11.65 60.02 2.68
C MET C 212 12.51 60.87 1.74
N GLY C 213 12.01 61.14 0.55
CA GLY C 213 12.74 61.81 -0.53
C GLY C 213 13.95 61.00 -0.99
N GLU C 214 13.67 59.75 -1.31
CA GLU C 214 14.72 58.85 -1.92
C GLU C 214 14.52 58.82 -3.45
N GLN C 215 15.64 58.84 -4.17
CA GLN C 215 15.62 59.06 -5.61
C GLN C 215 15.05 57.86 -6.34
N ARG C 216 15.55 56.67 -6.01
CA ARG C 216 15.06 55.40 -6.60
C ARG C 216 13.73 54.99 -5.93
N GLU C 217 12.71 54.72 -6.74
CA GLU C 217 11.36 54.53 -6.16
C GLU C 217 11.26 53.11 -5.63
N LEU C 218 10.36 52.91 -4.67
CA LEU C 218 9.94 51.59 -4.21
C LEU C 218 9.06 50.99 -5.32
N GLN C 219 9.45 49.82 -5.82
CA GLN C 219 8.69 49.17 -6.90
C GLN C 219 7.49 48.39 -6.35
N GLU C 220 6.52 48.13 -7.22
CA GLU C 220 5.33 47.36 -6.89
C GLU C 220 4.94 46.49 -8.08
N GLY C 221 4.57 45.24 -7.84
CA GLY C 221 4.23 44.35 -8.95
C GLY C 221 3.82 42.93 -8.57
N THR C 222 3.73 42.09 -9.59
CA THR C 222 3.24 40.72 -9.47
C THR C 222 4.40 39.73 -9.41
N TYR C 223 4.36 38.88 -8.39
CA TYR C 223 5.32 37.79 -8.23
C TYR C 223 4.74 36.52 -8.84
N VAL C 224 5.49 35.85 -9.71
CA VAL C 224 5.07 34.55 -10.22
C VAL C 224 5.92 33.46 -9.56
N MET C 225 5.26 32.43 -9.02
CA MET C 225 5.97 31.27 -8.49
C MET C 225 6.13 30.22 -9.59
N VAL C 226 7.35 29.73 -9.74
CA VAL C 226 7.65 28.52 -10.53
C VAL C 226 8.42 27.57 -9.62
N ALA C 227 8.31 26.28 -9.86
CA ALA C 227 8.86 25.28 -8.94
C ALA C 227 10.39 25.24 -8.89
N GLY C 228 11.05 25.46 -10.04
CA GLY C 228 12.51 25.27 -10.12
C GLY C 228 12.86 23.79 -10.02
N PRO C 229 14.09 23.44 -9.63
CA PRO C 229 15.15 24.34 -9.14
C PRO C 229 16.03 24.99 -10.20
N SER C 230 15.90 24.57 -11.46
CA SER C 230 16.68 25.16 -12.54
C SER C 230 16.13 26.55 -12.90
N PHE C 231 17.02 27.45 -13.34
CA PHE C 231 16.61 28.80 -13.73
C PHE C 231 15.96 28.80 -15.11
N GLU C 232 15.32 29.92 -15.45
CA GLU C 232 14.47 30.02 -16.63
C GLU C 232 15.29 30.07 -17.90
N THR C 233 14.71 29.53 -18.98
CA THR C 233 15.19 29.79 -20.32
C THR C 233 14.72 31.18 -20.76
N VAL C 234 15.27 31.65 -21.87
CA VAL C 234 14.84 32.93 -22.45
C VAL C 234 13.36 32.87 -22.86
N ALA C 235 12.97 31.80 -23.53
CA ALA C 235 11.57 31.60 -23.93
C ALA C 235 10.62 31.59 -22.72
N GLU C 236 11.04 30.92 -21.65
CA GLU C 236 10.29 30.88 -20.39
C GLU C 236 10.19 32.25 -19.75
N CYS C 237 11.30 32.99 -19.71
CA CYS C 237 11.28 34.38 -19.25
C CYS C 237 10.23 35.20 -20.00
N ARG C 238 10.21 35.07 -21.32
CA ARG C 238 9.22 35.78 -22.14
C ARG C 238 7.77 35.33 -21.89
N VAL C 239 7.57 34.04 -21.60
CA VAL C 239 6.25 33.55 -21.18
C VAL C 239 5.80 34.31 -19.93
N LEU C 240 6.66 34.31 -18.91
CA LEU C 240 6.32 34.93 -17.63
C LEU C 240 6.09 36.44 -17.77
N GLN C 241 6.85 37.09 -18.64
CA GLN C 241 6.62 38.51 -19.00
C GLN C 241 5.25 38.70 -19.67
N LYS C 242 4.95 37.88 -20.67
CA LYS C 242 3.64 37.91 -21.34
C LYS C 242 2.46 37.68 -20.39
N LEU C 243 2.64 36.80 -19.41
CA LEU C 243 1.60 36.54 -18.39
C LEU C 243 1.39 37.71 -17.41
N GLY C 244 2.27 38.70 -17.41
CA GLY C 244 2.12 39.91 -16.60
C GLY C 244 2.84 39.85 -15.28
N ALA C 245 3.83 38.95 -15.15
CA ALA C 245 4.63 38.86 -13.94
C ALA C 245 5.77 39.85 -14.03
N ASP C 246 6.06 40.49 -12.88
CA ASP C 246 7.15 41.46 -12.77
C ASP C 246 8.41 40.86 -12.15
N ALA C 247 8.25 39.85 -11.31
CA ALA C 247 9.36 39.13 -10.71
C ALA C 247 9.04 37.65 -10.59
N VAL C 248 10.08 36.81 -10.59
CA VAL C 248 9.91 35.35 -10.51
C VAL C 248 10.77 34.74 -9.39
N GLY C 249 10.20 33.75 -8.71
CA GLY C 249 10.92 32.99 -7.70
C GLY C 249 10.30 31.62 -7.49
N MET C 250 10.78 30.89 -6.48
CA MET C 250 10.39 29.49 -6.27
C MET C 250 9.77 29.22 -4.90
N SER C 251 9.15 30.24 -4.32
CA SER C 251 8.68 30.17 -2.94
C SER C 251 7.48 31.09 -2.71
N THR C 252 7.16 31.33 -1.44
CA THR C 252 6.35 32.47 -0.98
C THR C 252 4.84 32.29 -1.15
N VAL C 253 4.43 31.93 -2.36
CA VAL C 253 3.01 31.80 -2.69
C VAL C 253 2.27 30.76 -1.81
N PRO C 254 2.87 29.57 -1.59
CA PRO C 254 2.21 28.60 -0.69
C PRO C 254 2.00 29.12 0.73
N GLU C 255 3.00 29.80 1.28
CA GLU C 255 2.90 30.40 2.61
C GLU C 255 1.79 31.44 2.67
N VAL C 256 1.69 32.28 1.63
CA VAL C 256 0.67 33.31 1.54
C VAL C 256 -0.74 32.70 1.53
N ILE C 257 -0.93 31.64 0.76
CA ILE C 257 -2.22 30.94 0.69
C ILE C 257 -2.63 30.39 2.04
N VAL C 258 -1.71 29.72 2.73
CA VAL C 258 -1.98 29.16 4.05
C VAL C 258 -2.24 30.26 5.09
N ALA C 259 -1.49 31.35 4.99
CA ALA C 259 -1.68 32.51 5.87
C ALA C 259 -3.09 33.09 5.72
N ARG C 260 -3.49 33.35 4.48
CA ARG C 260 -4.82 33.89 4.20
C ARG C 260 -5.94 32.92 4.57
N HIS C 261 -5.69 31.64 4.37
CA HIS C 261 -6.65 30.60 4.77
C HIS C 261 -6.99 30.70 6.26
N CYS C 262 -5.99 30.93 7.11
CA CYS C 262 -6.22 31.06 8.57
C CYS C 262 -6.38 32.49 9.10
N GLY C 263 -6.58 33.46 8.20
CA GLY C 263 -6.95 34.83 8.59
C GLY C 263 -5.83 35.81 8.88
N LEU C 264 -4.57 35.43 8.65
CA LEU C 264 -3.45 36.33 8.85
C LEU C 264 -3.45 37.47 7.83
N ARG C 265 -3.10 38.66 8.29
CA ARG C 265 -2.77 39.77 7.40
C ARG C 265 -1.42 39.44 6.74
N VAL C 266 -1.27 39.74 5.46
CA VAL C 266 -0.07 39.37 4.72
C VAL C 266 0.55 40.58 4.01
N PHE C 267 1.85 40.74 4.20
CA PHE C 267 2.64 41.71 3.44
C PHE C 267 3.81 40.97 2.82
N GLY C 268 4.13 41.30 1.57
CA GLY C 268 5.21 40.63 0.85
C GLY C 268 6.11 41.61 0.10
N PHE C 269 7.40 41.29 0.05
CA PHE C 269 8.30 42.01 -0.85
C PHE C 269 9.42 41.12 -1.38
N SER C 270 9.91 41.49 -2.56
CA SER C 270 11.00 40.79 -3.22
C SER C 270 12.19 41.74 -3.31
N LEU C 271 13.38 41.20 -3.05
CA LEU C 271 14.62 41.85 -3.45
C LEU C 271 14.93 41.35 -4.86
N ILE C 272 15.03 42.27 -5.82
CA ILE C 272 15.40 41.92 -7.19
C ILE C 272 16.92 41.68 -7.20
N THR C 273 17.31 40.40 -7.20
CA THR C 273 18.70 40.00 -7.08
C THR C 273 19.43 39.85 -8.42
N ASN C 274 18.67 39.75 -9.50
CA ASN C 274 19.23 39.59 -10.85
C ASN C 274 18.15 39.88 -11.87
N LYS C 275 18.57 40.31 -13.05
CA LYS C 275 17.66 40.51 -14.17
C LYS C 275 17.66 39.21 -14.97
N VAL C 276 16.47 38.66 -15.17
CA VAL C 276 16.32 37.37 -15.84
C VAL C 276 16.76 37.55 -17.30
N ILE C 277 17.48 36.57 -17.82
CA ILE C 277 18.05 36.67 -19.17
C ILE C 277 16.90 36.55 -20.18
N MET C 278 16.76 37.59 -21.02
CA MET C 278 15.62 37.70 -21.96
C MET C 278 16.04 37.83 -23.43
N ASP C 279 17.31 37.60 -23.74
CA ASP C 279 17.77 37.55 -25.13
C ASP C 279 18.89 36.51 -25.32
N TYR C 280 19.01 36.03 -26.54
CA TYR C 280 19.98 34.97 -26.86
C TYR C 280 21.41 35.48 -27.09
N GLU C 281 21.59 36.80 -27.23
CA GLU C 281 22.92 37.38 -27.44
C GLU C 281 23.76 37.39 -26.14
N SER C 282 23.10 37.58 -25.00
CA SER C 282 23.81 37.66 -23.71
C SER C 282 24.57 36.38 -23.38
N LEU C 283 25.74 36.54 -22.78
CA LEU C 283 26.56 35.43 -22.25
C LEU C 283 26.36 35.26 -20.75
N GLU C 284 25.58 36.14 -20.13
CA GLU C 284 25.31 36.06 -18.70
C GLU C 284 24.31 34.95 -18.40
N LYS C 285 24.43 34.37 -17.21
CA LYS C 285 23.60 33.27 -16.74
C LYS C 285 23.21 33.54 -15.30
N ALA C 286 21.96 33.23 -14.95
CA ALA C 286 21.50 33.30 -13.57
C ALA C 286 22.29 32.30 -12.74
N ASN C 287 22.58 32.66 -11.49
CA ASN C 287 23.38 31.81 -10.62
C ASN C 287 23.18 32.21 -9.16
N HIS C 288 23.27 31.23 -8.28
CA HIS C 288 23.01 31.40 -6.85
C HIS C 288 23.99 32.35 -6.17
N GLU C 289 25.26 32.29 -6.56
CA GLU C 289 26.30 33.14 -5.96
C GLU C 289 25.98 34.63 -6.14
N GLU C 290 25.55 35.01 -7.33
CA GLU C 290 25.12 36.39 -7.62
C GLU C 290 23.88 36.78 -6.81
N VAL C 291 22.97 35.84 -6.60
CA VAL C 291 21.76 36.06 -5.78
C VAL C 291 22.12 36.38 -4.32
N LEU C 292 22.99 35.57 -3.72
CA LEU C 292 23.47 35.80 -2.35
C LEU C 292 24.20 37.14 -2.22
N ALA C 293 25.02 37.46 -3.22
CA ALA C 293 25.79 38.71 -3.22
C ALA C 293 24.89 39.93 -3.25
N ALA C 294 23.85 39.90 -4.08
CA ALA C 294 22.88 41.00 -4.16
C ALA C 294 22.16 41.20 -2.84
N GLY C 295 21.85 40.11 -2.14
CA GLY C 295 21.25 40.15 -0.81
C GLY C 295 22.11 40.89 0.20
N LYS C 296 23.38 40.49 0.27
CA LYS C 296 24.33 41.10 1.18
C LYS C 296 24.60 42.60 0.88
N GLN C 297 24.68 42.94 -0.39
CA GLN C 297 24.85 44.34 -0.82
C GLN C 297 23.67 45.25 -0.47
N ALA C 298 22.47 44.68 -0.43
CA ALA C 298 21.25 45.46 -0.13
C ALA C 298 20.85 45.44 1.35
N ALA C 299 21.58 44.70 2.20
CA ALA C 299 21.39 44.74 3.66
C ALA C 299 21.01 46.06 4.36
N GLN C 300 21.76 47.12 4.10
CA GLN C 300 21.47 48.45 4.66
C GLN C 300 20.08 48.97 4.21
N LYS C 301 19.81 48.83 2.92
CA LYS C 301 18.53 49.27 2.35
C LYS C 301 17.34 48.43 2.85
N LEU C 302 17.57 47.14 3.06
CA LEU C 302 16.56 46.23 3.65
C LEU C 302 16.22 46.58 5.09
N GLU C 303 17.22 46.99 5.86
CA GLU C 303 17.01 47.35 7.27
C GLU C 303 16.18 48.64 7.39
N GLN C 304 16.47 49.62 6.53
CA GLN C 304 15.70 50.86 6.48
C GLN C 304 14.24 50.58 6.04
N PHE C 305 14.08 49.67 5.07
CA PHE C 305 12.76 49.31 4.59
C PHE C 305 11.94 48.54 5.63
N VAL C 306 12.57 47.59 6.31
CA VAL C 306 11.90 46.82 7.37
C VAL C 306 11.53 47.71 8.55
N SER C 307 12.34 48.75 8.84
CA SER C 307 12.00 49.77 9.84
C SER C 307 10.69 50.50 9.54
N ILE C 308 10.56 51.02 8.31
CA ILE C 308 9.32 51.66 7.89
C ILE C 308 8.15 50.66 7.88
N LEU C 309 8.44 49.41 7.53
CA LEU C 309 7.45 48.36 7.49
C LEU C 309 6.80 48.08 8.85
N MET C 310 7.61 48.01 9.91
CA MET C 310 7.07 47.73 11.27
C MET C 310 6.08 48.80 11.72
N ALA C 311 6.38 50.06 11.35
CA ALA C 311 5.53 51.19 11.67
C ALA C 311 4.16 51.13 11.00
N SER C 312 4.08 50.50 9.81
CA SER C 312 2.85 50.36 9.05
C SER C 312 1.98 49.15 9.46
N ILE C 313 2.40 48.36 10.46
CA ILE C 313 1.62 47.19 10.87
C ILE C 313 0.67 47.56 12.02
N PRO C 314 -0.66 47.36 11.84
CA PRO C 314 -1.60 47.64 12.94
C PRO C 314 -1.33 46.83 14.21
N LEU C 315 -1.66 47.42 15.36
CA LEU C 315 -1.52 46.73 16.65
C LEU C 315 -2.72 45.81 16.88
N PRO C 316 -2.62 44.82 17.78
CA PRO C 316 -3.77 43.92 18.00
C PRO C 316 -4.97 44.64 18.69
N ASP C 317 -6.11 43.96 18.83
CA ASP C 317 -7.26 44.53 19.57
C ASP C 317 -7.22 44.05 21.02
N MET D 32 6.51 -32.09 23.95
CA MET D 32 7.29 -31.94 22.68
C MET D 32 8.77 -31.65 23.00
N GLU D 33 9.62 -32.66 22.88
CA GLU D 33 11.06 -32.45 23.04
C GLU D 33 12.06 -33.06 22.09
N ASN D 34 11.64 -33.90 21.15
CA ASN D 34 12.44 -34.83 20.36
C ASN D 34 12.63 -36.16 21.10
N GLY D 35 12.14 -37.26 20.50
CA GLY D 35 12.30 -38.60 21.03
C GLY D 35 13.64 -39.26 20.71
N TYR D 36 14.36 -38.72 19.70
CA TYR D 36 15.69 -39.21 19.34
C TYR D 36 16.77 -38.52 20.17
N THR D 37 17.76 -39.28 20.60
CA THR D 37 18.99 -38.75 21.19
C THR D 37 20.01 -38.49 20.08
N TYR D 38 21.08 -37.78 20.38
CA TYR D 38 22.20 -37.60 19.44
C TYR D 38 22.77 -38.94 18.99
N GLU D 39 22.83 -39.90 19.93
CA GLU D 39 23.38 -41.23 19.68
C GLU D 39 22.55 -42.01 18.67
N ASP D 40 21.22 -41.83 18.68
CA ASP D 40 20.35 -42.47 17.69
C ASP D 40 20.69 -42.04 16.26
N TYR D 41 20.86 -40.73 16.05
CA TYR D 41 21.24 -40.20 14.73
C TYR D 41 22.60 -40.77 14.30
N LYS D 42 23.54 -40.77 15.24
CA LYS D 42 24.91 -41.26 15.01
C LYS D 42 24.93 -42.76 14.67
N ASN D 43 24.18 -43.56 15.43
CA ASN D 43 24.05 -45.00 15.16
C ASN D 43 23.52 -45.30 13.76
N THR D 44 22.53 -44.53 13.32
CA THR D 44 21.94 -44.69 11.99
C THR D 44 22.93 -44.32 10.89
N ALA D 45 23.63 -43.19 11.05
CA ALA D 45 24.65 -42.76 10.11
C ALA D 45 25.79 -43.77 9.98
N GLU D 46 26.33 -44.21 11.12
CA GLU D 46 27.40 -45.21 11.16
C GLU D 46 26.98 -46.55 10.55
N TRP D 47 25.72 -46.94 10.77
CA TRP D 47 25.18 -48.15 10.15
C TRP D 47 25.20 -48.02 8.63
N LEU D 48 24.69 -46.89 8.12
CA LEU D 48 24.69 -46.64 6.67
C LEU D 48 26.11 -46.58 6.10
N LEU D 49 27.01 -45.88 6.78
CA LEU D 49 28.42 -45.77 6.33
C LEU D 49 29.14 -47.12 6.28
N SER D 50 28.81 -48.03 7.20
CA SER D 50 29.42 -49.37 7.24
C SER D 50 28.74 -50.39 6.30
N HIS D 51 27.58 -50.04 5.73
CA HIS D 51 26.86 -50.91 4.79
C HIS D 51 26.90 -50.44 3.32
N THR D 52 27.52 -49.29 3.06
CA THR D 52 27.76 -48.84 1.69
C THR D 52 29.14 -48.21 1.58
N LYS D 53 29.74 -48.34 0.39
CA LYS D 53 31.01 -47.68 0.08
C LYS D 53 30.77 -46.23 -0.34
N HIS D 54 29.53 -45.88 -0.65
CA HIS D 54 29.18 -44.53 -1.07
C HIS D 54 29.36 -43.54 0.07
N ARG D 55 29.87 -42.36 -0.28
CA ARG D 55 30.09 -41.27 0.66
C ARG D 55 29.47 -40.02 0.05
N PRO D 56 28.17 -39.78 0.33
CA PRO D 56 27.44 -38.73 -0.39
C PRO D 56 27.79 -37.32 0.09
N GLN D 57 27.88 -36.40 -0.87
CA GLN D 57 28.03 -34.99 -0.57
C GLN D 57 26.69 -34.25 -0.58
N VAL D 58 25.77 -34.72 -1.42
CA VAL D 58 24.47 -34.09 -1.64
C VAL D 58 23.37 -35.06 -1.26
N ALA D 59 22.40 -34.60 -0.47
CA ALA D 59 21.18 -35.35 -0.20
C ALA D 59 20.03 -34.75 -1.00
N ILE D 60 19.21 -35.60 -1.61
CA ILE D 60 18.07 -35.15 -2.43
C ILE D 60 16.79 -35.80 -1.92
N ILE D 61 15.81 -34.98 -1.51
CA ILE D 61 14.50 -35.49 -1.08
C ILE D 61 13.53 -35.40 -2.24
N CYS D 62 13.03 -36.56 -2.68
CA CYS D 62 12.11 -36.64 -3.81
C CYS D 62 10.67 -36.50 -3.35
N GLY D 63 9.93 -35.59 -3.98
CA GLY D 63 8.52 -35.33 -3.65
C GLY D 63 7.55 -36.27 -4.32
N SER D 64 6.26 -35.98 -4.16
CA SER D 64 5.16 -36.79 -4.70
C SER D 64 5.19 -36.84 -6.21
N GLY D 65 5.26 -38.05 -6.75
CA GLY D 65 5.40 -38.27 -8.19
C GLY D 65 6.76 -37.92 -8.77
N LEU D 66 7.77 -37.69 -7.92
CA LEU D 66 9.11 -37.33 -8.37
C LEU D 66 10.14 -38.43 -8.06
N GLY D 67 9.66 -39.61 -7.68
CA GLY D 67 10.54 -40.75 -7.33
C GLY D 67 11.42 -41.24 -8.47
N GLY D 68 11.00 -40.99 -9.71
CA GLY D 68 11.79 -41.30 -10.90
C GLY D 68 13.12 -40.57 -11.04
N LEU D 69 13.36 -39.54 -10.21
CA LEU D 69 14.67 -38.88 -10.13
C LEU D 69 15.83 -39.79 -9.70
N THR D 70 15.52 -40.90 -9.02
CA THR D 70 16.53 -41.90 -8.66
C THR D 70 17.00 -42.82 -9.81
N ASP D 71 16.31 -42.78 -10.94
CA ASP D 71 16.60 -43.67 -12.08
C ASP D 71 17.97 -43.40 -12.73
N LYS D 72 18.36 -42.13 -12.81
CA LYS D 72 19.64 -41.75 -13.44
C LYS D 72 20.89 -41.97 -12.58
N LEU D 73 20.72 -42.39 -11.33
CA LEU D 73 21.86 -42.73 -10.47
C LEU D 73 22.65 -43.90 -11.05
N THR D 74 23.97 -43.74 -11.12
CA THR D 74 24.89 -44.82 -11.50
C THR D 74 25.51 -45.43 -10.24
N GLN D 75 25.90 -46.71 -10.35
CA GLN D 75 26.41 -47.50 -9.21
C GLN D 75 25.45 -47.48 -8.02
N ALA D 76 24.16 -47.59 -8.30
CA ALA D 76 23.12 -47.40 -7.29
C ALA D 76 23.12 -48.52 -6.25
N GLN D 77 22.97 -48.15 -4.98
CA GLN D 77 22.73 -49.10 -3.89
C GLN D 77 21.48 -48.66 -3.12
N ILE D 78 20.55 -49.60 -2.96
CA ILE D 78 19.22 -49.33 -2.41
C ILE D 78 19.14 -49.88 -0.98
N PHE D 79 18.63 -49.06 -0.07
CA PHE D 79 18.23 -49.48 1.27
C PHE D 79 16.76 -49.15 1.44
N ASP D 80 15.94 -50.14 1.79
CA ASP D 80 14.55 -49.88 2.22
C ASP D 80 14.61 -49.25 3.60
N TYR D 81 13.69 -48.32 3.89
CA TYR D 81 13.65 -47.66 5.21
C TYR D 81 13.52 -48.65 6.37
N SER D 82 12.81 -49.77 6.14
CA SER D 82 12.67 -50.84 7.13
C SER D 82 13.99 -51.48 7.57
N GLU D 83 14.99 -51.51 6.68
CA GLU D 83 16.33 -52.04 7.02
C GLU D 83 17.11 -51.12 7.98
N ILE D 84 16.85 -49.81 7.90
CA ILE D 84 17.72 -48.80 8.51
C ILE D 84 17.29 -48.58 9.96
N PRO D 85 18.23 -48.69 10.93
CA PRO D 85 17.88 -48.42 12.33
C PRO D 85 17.35 -47.01 12.58
N ASN D 86 16.32 -46.91 13.43
CA ASN D 86 15.70 -45.65 13.87
C ASN D 86 14.91 -44.87 12.80
N PHE D 87 14.78 -45.42 11.60
CA PHE D 87 14.12 -44.71 10.50
C PHE D 87 12.61 -44.87 10.67
N PRO D 88 11.82 -43.81 10.41
CA PRO D 88 10.35 -43.97 10.41
C PRO D 88 9.85 -44.91 9.31
N ARG D 89 8.72 -45.59 9.56
CA ARG D 89 8.11 -46.52 8.56
C ARG D 89 6.87 -45.94 7.85
N SER D 90 6.99 -45.71 6.54
CA SER D 90 6.01 -44.90 5.77
C SER D 90 4.67 -45.61 5.47
N THR D 91 3.78 -44.93 4.73
CA THR D 91 2.46 -45.47 4.39
C THR D 91 1.73 -44.62 3.32
N VAL D 92 2.43 -43.98 2.39
CA VAL D 92 1.78 -43.09 1.38
C VAL D 92 1.94 -43.65 -0.05
N PRO D 93 0.87 -43.59 -0.88
CA PRO D 93 0.99 -43.96 -2.30
C PRO D 93 1.52 -42.80 -3.18
N GLY D 94 2.51 -43.11 -4.01
CA GLY D 94 3.31 -42.10 -4.72
C GLY D 94 4.72 -41.95 -4.15
N HIS D 95 4.96 -42.56 -2.98
CA HIS D 95 6.21 -42.46 -2.24
C HIS D 95 6.65 -43.87 -1.78
N ALA D 96 7.78 -44.35 -2.28
CA ALA D 96 8.18 -45.77 -2.17
C ALA D 96 8.57 -46.24 -0.75
N GLY D 97 9.53 -45.54 -0.14
CA GLY D 97 10.06 -45.89 1.18
C GLY D 97 11.47 -46.46 1.15
N ARG D 98 12.38 -45.78 0.45
CA ARG D 98 13.76 -46.26 0.28
C ARG D 98 14.80 -45.15 0.12
N LEU D 99 16.02 -45.44 0.57
CA LEU D 99 17.18 -44.56 0.47
C LEU D 99 18.10 -45.13 -0.61
N VAL D 100 18.44 -44.30 -1.61
CA VAL D 100 19.28 -44.75 -2.73
C VAL D 100 20.58 -43.93 -2.79
N PHE D 101 21.71 -44.61 -2.60
CA PHE D 101 23.04 -44.00 -2.75
C PHE D 101 23.52 -44.22 -4.17
N GLY D 102 24.26 -43.26 -4.71
CA GLY D 102 24.79 -43.36 -6.07
C GLY D 102 25.43 -42.09 -6.56
N PHE D 103 25.77 -42.08 -7.85
CA PHE D 103 26.35 -40.91 -8.50
C PHE D 103 25.36 -40.33 -9.49
N LEU D 104 25.16 -39.02 -9.42
CA LEU D 104 24.29 -38.30 -10.33
C LEU D 104 25.14 -37.28 -11.07
N ASN D 105 25.35 -37.50 -12.36
CA ASN D 105 26.25 -36.68 -13.19
C ASN D 105 27.64 -36.60 -12.54
N GLY D 106 28.13 -37.76 -12.08
CA GLY D 106 29.44 -37.87 -11.43
C GLY D 106 29.56 -37.34 -10.00
N ARG D 107 28.44 -36.95 -9.38
CA ARG D 107 28.45 -36.39 -8.02
C ARG D 107 27.84 -37.37 -7.03
N ALA D 108 28.52 -37.59 -5.91
CA ALA D 108 28.08 -38.55 -4.89
C ALA D 108 26.82 -38.06 -4.18
N CYS D 109 25.71 -38.78 -4.40
CA CYS D 109 24.39 -38.42 -3.86
C CYS D 109 23.78 -39.51 -2.99
N VAL D 110 22.89 -39.09 -2.09
CA VAL D 110 21.95 -39.99 -1.42
C VAL D 110 20.56 -39.41 -1.63
N MET D 111 19.60 -40.26 -2.01
CA MET D 111 18.27 -39.80 -2.40
C MET D 111 17.19 -40.49 -1.57
N MET D 112 16.28 -39.68 -1.02
CA MET D 112 15.08 -40.18 -0.36
C MET D 112 13.98 -40.30 -1.39
N GLN D 113 13.56 -41.53 -1.65
CA GLN D 113 12.39 -41.78 -2.48
C GLN D 113 11.27 -42.08 -1.50
N GLY D 114 10.49 -41.06 -1.20
CA GLY D 114 9.46 -41.16 -0.16
C GLY D 114 9.84 -40.33 1.05
N ARG D 115 9.14 -39.20 1.24
CA ARG D 115 9.30 -38.38 2.43
C ARG D 115 8.12 -38.61 3.37
N PHE D 116 8.26 -38.06 4.57
CA PHE D 116 7.24 -38.17 5.61
C PHE D 116 6.56 -36.81 5.75
N HIS D 117 5.27 -36.84 6.07
CA HIS D 117 4.45 -35.64 6.17
C HIS D 117 3.79 -35.54 7.53
N MET D 118 3.62 -34.31 8.00
CA MET D 118 2.94 -34.04 9.26
C MET D 118 1.49 -34.55 9.25
N TYR D 119 0.80 -34.42 8.11
CA TYR D 119 -0.60 -34.91 7.99
C TYR D 119 -0.79 -36.42 8.20
N GLU D 120 0.27 -37.20 7.96
CA GLU D 120 0.25 -38.65 8.23
C GLU D 120 0.15 -38.99 9.71
N GLY D 121 0.48 -38.02 10.59
CA GLY D 121 0.47 -38.22 12.03
C GLY D 121 1.85 -38.17 12.65
N TYR D 122 2.90 -38.07 11.84
CA TYR D 122 4.26 -37.97 12.35
C TYR D 122 4.50 -36.62 13.01
N PRO D 123 5.14 -36.59 14.19
CA PRO D 123 5.66 -35.32 14.68
C PRO D 123 6.84 -34.86 13.83
N LEU D 124 7.11 -33.56 13.83
CA LEU D 124 8.12 -32.99 12.94
C LEU D 124 9.54 -33.50 13.20
N TRP D 125 9.84 -33.89 14.44
CA TRP D 125 11.12 -34.52 14.75
C TRP D 125 11.31 -35.92 14.14
N LYS D 126 10.21 -36.60 13.80
CA LYS D 126 10.29 -37.81 12.96
C LYS D 126 10.40 -37.46 11.49
N VAL D 127 9.61 -36.48 11.04
CA VAL D 127 9.62 -36.03 9.64
C VAL D 127 11.03 -35.63 9.19
N THR D 128 11.76 -34.95 10.06
CA THR D 128 13.07 -34.36 9.75
C THR D 128 14.27 -35.21 10.18
N PHE D 129 14.01 -36.37 10.80
CA PHE D 129 15.08 -37.29 11.26
C PHE D 129 16.18 -37.55 10.21
N PRO D 130 15.79 -37.89 8.96
CA PRO D 130 16.83 -38.17 7.96
C PRO D 130 17.77 -37.01 7.64
N VAL D 131 17.32 -35.76 7.80
CA VAL D 131 18.15 -34.59 7.48
C VAL D 131 19.39 -34.56 8.39
N ARG D 132 19.20 -34.82 9.69
CA ARG D 132 20.32 -34.89 10.62
C ARG D 132 21.19 -36.12 10.39
N VAL D 133 20.59 -37.23 9.96
CA VAL D 133 21.36 -38.41 9.54
C VAL D 133 22.29 -38.04 8.38
N PHE D 134 21.76 -37.34 7.38
CA PHE D 134 22.58 -36.92 6.21
C PHE D 134 23.75 -36.05 6.63
N HIS D 135 23.49 -35.11 7.54
CA HIS D 135 24.54 -34.28 8.14
C HIS D 135 25.66 -35.15 8.70
N LEU D 136 25.29 -36.16 9.49
CA LEU D 136 26.27 -37.07 10.09
C LEU D 136 26.97 -38.01 9.10
N LEU D 137 26.32 -38.31 7.97
CA LEU D 137 26.98 -39.01 6.86
C LEU D 137 28.09 -38.18 6.17
N GLY D 138 28.08 -36.87 6.37
CA GLY D 138 29.02 -35.96 5.73
C GLY D 138 28.45 -35.17 4.56
N VAL D 139 27.14 -35.23 4.35
CA VAL D 139 26.45 -34.42 3.34
C VAL D 139 26.59 -32.94 3.75
N ASP D 140 26.92 -32.07 2.80
CA ASP D 140 26.94 -30.61 3.07
C ASP D 140 25.87 -29.81 2.32
N THR D 141 25.13 -30.47 1.44
CA THR D 141 24.08 -29.83 0.65
C THR D 141 22.83 -30.67 0.62
N LEU D 142 21.68 -30.06 0.94
CA LEU D 142 20.36 -30.70 0.83
C LEU D 142 19.58 -30.07 -0.32
N VAL D 143 19.14 -30.92 -1.25
CA VAL D 143 18.24 -30.51 -2.31
C VAL D 143 16.85 -31.01 -1.94
N VAL D 144 15.90 -30.08 -1.76
CA VAL D 144 14.51 -30.43 -1.45
C VAL D 144 13.65 -30.22 -2.69
N THR D 145 12.88 -31.24 -3.04
CA THR D 145 11.95 -31.17 -4.16
C THR D 145 10.56 -31.48 -3.67
N ASN D 146 9.56 -30.93 -4.35
CA ASN D 146 8.17 -31.24 -4.05
C ASN D 146 7.25 -30.99 -5.24
N ALA D 147 6.06 -31.54 -5.17
CA ALA D 147 4.93 -31.08 -5.98
C ALA D 147 4.31 -29.91 -5.21
N ALA D 148 3.74 -28.95 -5.93
CA ALA D 148 3.07 -27.81 -5.28
C ALA D 148 1.95 -27.28 -6.15
N GLY D 149 0.95 -26.70 -5.49
CA GLY D 149 -0.14 -26.00 -6.17
C GLY D 149 0.29 -24.60 -6.52
N GLY D 150 0.04 -24.17 -7.74
CA GLY D 150 0.35 -22.81 -8.18
C GLY D 150 -0.63 -21.79 -7.64
N LEU D 151 -0.12 -20.79 -6.92
CA LEU D 151 -0.89 -19.63 -6.46
C LEU D 151 -0.66 -18.40 -7.34
N ASN D 152 0.57 -18.25 -7.86
CA ASN D 152 0.91 -17.17 -8.78
C ASN D 152 0.24 -17.46 -10.12
N PRO D 153 -0.65 -16.56 -10.59
CA PRO D 153 -1.42 -16.84 -11.82
C PRO D 153 -0.59 -17.01 -13.11
N LYS D 154 0.63 -16.48 -13.14
CA LYS D 154 1.50 -16.65 -14.30
C LYS D 154 2.13 -18.04 -14.41
N PHE D 155 2.10 -18.84 -13.34
CA PHE D 155 2.61 -20.21 -13.39
C PHE D 155 1.65 -21.10 -14.18
N GLU D 156 2.22 -22.00 -14.98
CA GLU D 156 1.46 -23.02 -15.68
C GLU D 156 1.81 -24.38 -15.10
N VAL D 157 0.92 -25.34 -15.32
CA VAL D 157 1.17 -26.73 -14.92
C VAL D 157 2.40 -27.24 -15.68
N GLY D 158 3.29 -27.91 -14.97
CA GLY D 158 4.57 -28.35 -15.53
C GLY D 158 5.74 -27.42 -15.30
N ASP D 159 5.50 -26.19 -14.82
CA ASP D 159 6.59 -25.28 -14.46
C ASP D 159 7.42 -25.80 -13.30
N ILE D 160 8.71 -25.49 -13.34
CA ILE D 160 9.61 -25.69 -12.22
C ILE D 160 9.79 -24.32 -11.58
N MET D 161 9.52 -24.24 -10.28
CA MET D 161 9.71 -23.01 -9.52
C MET D 161 10.87 -23.23 -8.56
N LEU D 162 11.91 -22.41 -8.71
CA LEU D 162 12.97 -22.34 -7.71
C LEU D 162 12.40 -21.74 -6.43
N ILE D 163 12.68 -22.37 -5.30
CA ILE D 163 12.23 -21.85 -4.01
C ILE D 163 13.25 -20.82 -3.53
N ARG D 164 12.90 -19.55 -3.66
CA ARG D 164 13.70 -18.45 -3.11
C ARG D 164 13.50 -18.30 -1.61
N ASP D 165 12.30 -18.62 -1.13
CA ASP D 165 11.94 -18.38 0.26
C ASP D 165 10.71 -19.22 0.64
N HIS D 166 10.41 -19.29 1.92
CA HIS D 166 9.19 -19.94 2.37
C HIS D 166 8.41 -19.15 3.42
N ILE D 167 7.15 -19.54 3.60
CA ILE D 167 6.31 -19.08 4.70
C ILE D 167 5.89 -20.32 5.49
N ASN D 168 6.31 -20.39 6.75
CA ASN D 168 6.08 -21.56 7.61
C ASN D 168 4.87 -21.31 8.51
N LEU D 169 3.67 -21.54 7.98
CA LEU D 169 2.45 -21.29 8.75
C LEU D 169 2.32 -22.17 9.99
N PRO D 170 2.61 -23.49 9.89
CA PRO D 170 2.60 -24.31 11.12
C PRO D 170 3.62 -23.85 12.16
N GLY D 171 4.78 -23.41 11.70
CA GLY D 171 5.81 -22.87 12.57
C GLY D 171 5.38 -21.67 13.40
N PHE D 172 4.62 -20.76 12.80
CA PHE D 172 4.06 -19.61 13.53
C PHE D 172 3.27 -20.03 14.77
N SER D 173 2.55 -21.15 14.67
CA SER D 173 1.67 -21.64 15.75
C SER D 173 2.33 -22.57 16.78
N GLY D 174 3.56 -23.03 16.53
CA GLY D 174 4.23 -23.96 17.45
C GLY D 174 4.82 -25.18 16.77
N GLN D 175 4.29 -25.55 15.61
CA GLN D 175 4.77 -26.72 14.87
C GLN D 175 6.05 -26.41 14.09
N ASN D 176 7.16 -26.40 14.83
CA ASN D 176 8.52 -26.21 14.32
C ASN D 176 9.31 -27.45 14.75
N PRO D 177 10.11 -28.04 13.84
CA PRO D 177 10.89 -29.26 14.21
C PRO D 177 11.93 -29.05 15.31
N LEU D 178 12.34 -27.81 15.55
CA LEU D 178 13.30 -27.47 16.61
C LEU D 178 12.66 -27.24 17.97
N ARG D 179 11.33 -27.35 18.09
CA ARG D 179 10.66 -27.17 19.38
C ARG D 179 11.18 -28.16 20.41
N GLY D 180 11.34 -27.69 21.64
CA GLY D 180 11.91 -28.48 22.73
C GLY D 180 13.32 -28.01 23.02
N PRO D 181 14.04 -28.72 23.90
CA PRO D 181 15.45 -28.43 24.17
C PRO D 181 16.28 -28.45 22.88
N ASN D 182 17.16 -27.48 22.72
CA ASN D 182 18.08 -27.45 21.60
C ASN D 182 19.23 -28.41 21.87
N ASP D 183 19.61 -29.19 20.87
N ASP D 183 19.61 -29.19 20.87
CA ASP D 183 20.84 -29.98 20.94
CA ASP D 183 20.83 -29.98 20.94
C ASP D 183 21.96 -29.15 20.33
C ASP D 183 21.96 -29.15 20.33
N GLU D 184 22.87 -28.69 21.19
CA GLU D 184 24.01 -27.85 20.78
C GLU D 184 24.96 -28.53 19.78
N ARG D 185 25.02 -29.85 19.83
CA ARG D 185 25.84 -30.63 18.89
C ARG D 185 25.36 -30.55 17.43
N PHE D 186 24.10 -30.19 17.20
CA PHE D 186 23.60 -29.92 15.84
C PHE D 186 23.66 -28.44 15.48
N GLY D 187 23.22 -27.57 16.38
CA GLY D 187 23.19 -26.14 16.09
C GLY D 187 22.72 -25.24 17.22
N ASP D 188 22.45 -23.99 16.86
CA ASP D 188 22.09 -22.95 17.84
C ASP D 188 20.63 -23.03 18.27
N ARG D 189 20.33 -22.40 19.40
CA ARG D 189 18.97 -22.32 19.94
C ARG D 189 18.05 -21.54 18.99
N TYR D 190 18.55 -20.42 18.46
CA TYR D 190 17.78 -19.52 17.62
C TYR D 190 18.42 -19.34 16.24
N PRO D 191 18.29 -20.33 15.35
CA PRO D 191 18.90 -20.20 14.02
C PRO D 191 18.13 -19.22 13.12
N ALA D 192 18.86 -18.49 12.30
CA ALA D 192 18.25 -17.58 11.32
C ALA D 192 17.81 -18.35 10.09
N MET D 193 16.71 -17.93 9.48
CA MET D 193 16.19 -18.53 8.25
C MET D 193 16.08 -17.57 7.06
N SER D 194 16.47 -16.30 7.23
CA SER D 194 16.35 -15.32 6.15
C SER D 194 17.26 -15.61 4.94
N ASP D 195 18.30 -16.41 5.16
CA ASP D 195 19.24 -16.84 4.11
C ASP D 195 19.17 -18.35 3.84
N ALA D 196 18.00 -18.98 4.06
CA ALA D 196 17.87 -20.43 4.00
C ALA D 196 18.16 -21.03 2.61
N TYR D 197 17.65 -20.40 1.55
CA TYR D 197 17.79 -20.93 0.21
C TYR D 197 18.98 -20.28 -0.49
N ASP D 198 20.06 -21.06 -0.65
CA ASP D 198 21.36 -20.56 -1.09
C ASP D 198 21.27 -19.64 -2.32
N ARG D 199 21.72 -18.40 -2.16
CA ARG D 199 21.64 -17.38 -3.19
C ARG D 199 22.44 -17.77 -4.45
N THR D 200 23.67 -18.23 -4.25
CA THR D 200 24.58 -18.55 -5.36
C THR D 200 24.06 -19.70 -6.23
N MET D 201 23.58 -20.77 -5.59
CA MET D 201 22.99 -21.90 -6.33
C MET D 201 21.79 -21.51 -7.19
N ARG D 202 20.94 -20.63 -6.67
CA ARG D 202 19.78 -20.14 -7.43
C ARG D 202 20.19 -19.32 -8.65
N GLN D 203 21.16 -18.43 -8.47
CA GLN D 203 21.72 -17.65 -9.57
C GLN D 203 22.33 -18.57 -10.64
N ARG D 204 23.13 -19.54 -10.20
CA ARG D 204 23.74 -20.51 -11.13
C ARG D 204 22.70 -21.39 -11.84
N ALA D 205 21.69 -21.84 -11.12
CA ALA D 205 20.59 -22.62 -11.73
C ALA D 205 19.83 -21.81 -12.79
N LEU D 206 19.60 -20.52 -12.53
CA LEU D 206 18.94 -19.63 -13.49
C LEU D 206 19.78 -19.42 -14.76
N SER D 207 21.04 -19.02 -14.58
CA SER D 207 21.96 -18.81 -15.72
C SER D 207 22.18 -20.09 -16.55
N THR D 208 22.29 -21.24 -15.89
CA THR D 208 22.46 -22.51 -16.61
C THR D 208 21.22 -22.90 -17.41
N TRP D 209 20.03 -22.75 -16.83
CA TRP D 209 18.73 -23.15 -17.46
C TRP D 209 18.62 -22.88 -19.00
N LYS D 210 19.35 -21.90 -19.49
CA LYS D 210 19.71 -21.82 -20.93
C LYS D 210 20.09 -23.16 -21.63
N GLN D 211 20.84 -24.02 -20.95
CA GLN D 211 21.28 -25.33 -21.46
C GLN D 211 20.15 -26.36 -21.60
N MET D 212 19.06 -26.19 -20.86
CA MET D 212 17.90 -27.10 -20.93
C MET D 212 17.13 -26.97 -22.26
N GLY D 213 17.18 -25.80 -22.89
CA GLY D 213 16.50 -25.57 -24.16
C GLY D 213 14.99 -25.64 -24.06
N GLU D 214 14.40 -25.03 -23.03
CA GLU D 214 12.98 -25.13 -22.76
C GLU D 214 12.25 -23.89 -23.24
N GLN D 215 11.00 -24.07 -23.65
CA GLN D 215 10.11 -22.95 -24.01
C GLN D 215 9.79 -22.09 -22.78
N ARG D 216 9.37 -22.74 -21.70
CA ARG D 216 9.06 -22.06 -20.45
C ARG D 216 10.35 -21.69 -19.70
N GLU D 217 10.42 -20.43 -19.27
CA GLU D 217 11.47 -19.96 -18.38
C GLU D 217 11.35 -20.57 -16.98
N LEU D 218 12.49 -20.64 -16.29
CA LEU D 218 12.53 -21.13 -14.93
C LEU D 218 11.89 -20.13 -13.98
N GLN D 219 10.86 -20.55 -13.25
CA GLN D 219 10.16 -19.66 -12.31
C GLN D 219 10.92 -19.60 -10.98
N GLU D 220 10.66 -18.56 -10.22
CA GLU D 220 11.23 -18.35 -8.89
C GLU D 220 10.19 -17.73 -7.97
N GLY D 221 10.11 -18.19 -6.72
CA GLY D 221 9.10 -17.66 -5.81
C GLY D 221 9.07 -18.26 -4.42
N THR D 222 8.04 -17.90 -3.68
CA THR D 222 7.87 -18.28 -2.28
C THR D 222 6.94 -19.48 -2.14
N TYR D 223 7.41 -20.49 -1.41
CA TYR D 223 6.63 -21.68 -1.08
C TYR D 223 6.00 -21.48 0.28
N VAL D 224 4.68 -21.68 0.40
CA VAL D 224 4.02 -21.66 1.71
C VAL D 224 3.69 -23.09 2.10
N MET D 225 4.05 -23.48 3.32
CA MET D 225 3.64 -24.78 3.86
C MET D 225 2.33 -24.63 4.62
N VAL D 226 1.39 -25.52 4.31
CA VAL D 226 0.19 -25.73 5.11
C VAL D 226 0.13 -27.22 5.44
N ALA D 227 -0.49 -27.57 6.56
CA ALA D 227 -0.45 -28.95 7.05
C ALA D 227 -1.22 -29.95 6.21
N GLY D 228 -2.35 -29.53 5.64
CA GLY D 228 -3.26 -30.47 4.95
C GLY D 228 -3.91 -31.42 5.95
N PRO D 229 -4.39 -32.59 5.51
CA PRO D 229 -4.22 -33.15 4.17
C PRO D 229 -5.26 -32.73 3.12
N SER D 230 -6.33 -32.04 3.53
CA SER D 230 -7.33 -31.55 2.59
C SER D 230 -6.80 -30.36 1.77
N PHE D 231 -7.26 -30.24 0.53
CA PHE D 231 -6.87 -29.13 -0.34
C PHE D 231 -7.58 -27.83 0.06
N GLU D 232 -7.09 -26.72 -0.48
CA GLU D 232 -7.51 -25.38 -0.07
C GLU D 232 -8.90 -25.07 -0.59
N THR D 233 -9.62 -24.25 0.19
CA THR D 233 -10.80 -23.56 -0.32
C THR D 233 -10.37 -22.37 -1.17
N VAL D 234 -11.33 -21.76 -1.88
CA VAL D 234 -11.06 -20.57 -2.67
C VAL D 234 -10.61 -19.42 -1.76
N ALA D 235 -11.33 -19.21 -0.65
CA ALA D 235 -10.97 -18.17 0.31
C ALA D 235 -9.55 -18.37 0.88
N GLU D 236 -9.22 -19.62 1.19
CA GLU D 236 -7.88 -19.98 1.65
C GLU D 236 -6.81 -19.72 0.60
N CYS D 237 -7.08 -20.12 -0.64
CA CYS D 237 -6.19 -19.79 -1.77
C CYS D 237 -5.91 -18.29 -1.82
N ARG D 238 -6.95 -17.48 -1.71
CA ARG D 238 -6.81 -16.02 -1.71
C ARG D 238 -6.02 -15.48 -0.51
N VAL D 239 -6.18 -16.11 0.66
CA VAL D 239 -5.34 -15.78 1.82
C VAL D 239 -3.87 -15.97 1.46
N LEU D 240 -3.53 -17.15 0.95
CA LEU D 240 -2.14 -17.49 0.64
C LEU D 240 -1.57 -16.58 -0.45
N GLN D 241 -2.40 -16.21 -1.43
CA GLN D 241 -2.03 -15.21 -2.44
C GLN D 241 -1.75 -13.84 -1.81
N LYS D 242 -2.67 -13.37 -0.96
CA LYS D 242 -2.49 -12.10 -0.23
C LYS D 242 -1.22 -12.08 0.63
N LEU D 243 -0.88 -13.21 1.25
CA LEU D 243 0.34 -13.34 2.05
C LEU D 243 1.64 -13.31 1.22
N GLY D 244 1.53 -13.43 -0.11
CA GLY D 244 2.68 -13.34 -1.01
C GLY D 244 3.30 -14.67 -1.36
N ALA D 245 2.56 -15.76 -1.18
CA ALA D 245 3.03 -17.09 -1.57
C ALA D 245 2.74 -17.31 -3.05
N ASP D 246 3.69 -17.94 -3.73
CA ASP D 246 3.59 -18.28 -5.16
C ASP D 246 3.19 -19.73 -5.40
N ALA D 247 3.52 -20.62 -4.46
CA ALA D 247 3.13 -22.02 -4.52
C ALA D 247 2.83 -22.54 -3.12
N VAL D 248 1.99 -23.57 -3.03
CA VAL D 248 1.59 -24.16 -1.76
C VAL D 248 1.77 -25.68 -1.75
N GLY D 249 2.24 -26.19 -0.60
CA GLY D 249 2.36 -27.62 -0.39
C GLY D 249 2.31 -27.99 1.08
N MET D 250 2.55 -29.26 1.40
CA MET D 250 2.39 -29.77 2.76
C MET D 250 3.66 -30.38 3.35
N SER D 251 4.82 -29.92 2.88
CA SER D 251 6.10 -30.54 3.22
C SER D 251 7.23 -29.53 3.18
N THR D 252 8.47 -30.03 3.19
CA THR D 252 9.66 -29.31 2.73
C THR D 252 10.24 -28.36 3.77
N VAL D 253 9.40 -27.47 4.29
CA VAL D 253 9.83 -26.42 5.21
C VAL D 253 10.47 -26.96 6.49
N PRO D 254 9.89 -28.01 7.12
CA PRO D 254 10.55 -28.57 8.32
C PRO D 254 11.95 -29.11 8.03
N GLU D 255 12.12 -29.81 6.91
CA GLU D 255 13.43 -30.32 6.49
C GLU D 255 14.44 -29.19 6.30
N VAL D 256 14.00 -28.10 5.65
CA VAL D 256 14.85 -26.94 5.39
C VAL D 256 15.33 -26.30 6.71
N ILE D 257 14.42 -26.17 7.67
CA ILE D 257 14.77 -25.60 8.98
C ILE D 257 15.82 -26.44 9.69
N VAL D 258 15.63 -27.76 9.72
CA VAL D 258 16.58 -28.67 10.37
C VAL D 258 17.92 -28.68 9.63
N ALA D 259 17.87 -28.62 8.30
CA ALA D 259 19.08 -28.53 7.48
C ALA D 259 19.90 -27.30 7.82
N ARG D 260 19.25 -26.14 7.82
CA ARG D 260 19.92 -24.88 8.15
C ARG D 260 20.40 -24.82 9.59
N HIS D 261 19.64 -25.42 10.50
CA HIS D 261 20.06 -25.53 11.90
C HIS D 261 21.42 -26.22 12.04
N CYS D 262 21.65 -27.29 11.27
CA CYS D 262 22.94 -28.01 11.32
C CYS D 262 23.97 -27.61 10.26
N GLY D 263 23.74 -26.49 9.56
CA GLY D 263 24.74 -25.88 8.68
C GLY D 263 24.76 -26.34 7.22
N LEU D 264 23.79 -27.16 6.81
CA LEU D 264 23.68 -27.59 5.42
C LEU D 264 23.31 -26.44 4.48
N ARG D 265 23.93 -26.41 3.32
CA ARG D 265 23.51 -25.56 2.21
C ARG D 265 22.21 -26.17 1.68
N VAL D 266 21.25 -25.31 1.32
CA VAL D 266 19.93 -25.77 0.90
C VAL D 266 19.53 -25.19 -0.45
N PHE D 267 19.06 -26.06 -1.35
CA PHE D 267 18.46 -25.66 -2.61
C PHE D 267 17.10 -26.35 -2.70
N GLY D 268 16.11 -25.64 -3.22
CA GLY D 268 14.75 -26.16 -3.30
C GLY D 268 14.07 -25.84 -4.61
N PHE D 269 13.24 -26.75 -5.10
CA PHE D 269 12.34 -26.43 -6.20
C PHE D 269 11.03 -27.20 -6.13
N SER D 270 9.99 -26.60 -6.72
CA SER D 270 8.66 -27.16 -6.78
C SER D 270 8.31 -27.44 -8.23
N LEU D 271 7.68 -28.58 -8.48
CA LEU D 271 6.96 -28.79 -9.72
C LEU D 271 5.53 -28.30 -9.50
N ILE D 272 5.10 -27.35 -10.32
CA ILE D 272 3.73 -26.86 -10.25
C ILE D 272 2.84 -27.91 -10.93
N THR D 273 2.14 -28.71 -10.11
CA THR D 273 1.34 -29.84 -10.59
C THR D 273 -0.12 -29.48 -10.88
N ASN D 274 -0.58 -28.34 -10.39
CA ASN D 274 -1.95 -27.90 -10.58
C ASN D 274 -2.07 -26.42 -10.19
N LYS D 275 -3.03 -25.74 -10.80
CA LYS D 275 -3.33 -24.36 -10.45
C LYS D 275 -4.43 -24.39 -9.39
N VAL D 276 -4.17 -23.77 -8.25
CA VAL D 276 -5.09 -23.78 -7.11
C VAL D 276 -6.33 -23.00 -7.52
N ILE D 277 -7.50 -23.52 -7.14
CA ILE D 277 -8.77 -22.93 -7.57
C ILE D 277 -8.98 -21.63 -6.80
N MET D 278 -9.13 -20.52 -7.54
CA MET D 278 -9.23 -19.19 -6.95
C MET D 278 -10.50 -18.41 -7.29
N ASP D 279 -11.50 -19.09 -7.87
CA ASP D 279 -12.81 -18.49 -8.11
C ASP D 279 -13.93 -19.51 -7.97
N TYR D 280 -15.12 -19.02 -7.65
CA TYR D 280 -16.28 -19.88 -7.39
C TYR D 280 -17.00 -20.37 -8.66
N GLU D 281 -16.68 -19.77 -9.82
CA GLU D 281 -17.28 -20.16 -11.09
C GLU D 281 -16.72 -21.49 -11.62
N SER D 282 -15.44 -21.75 -11.37
CA SER D 282 -14.78 -22.96 -11.86
C SER D 282 -15.42 -24.23 -11.32
N LEU D 283 -15.50 -25.25 -12.19
CA LEU D 283 -15.96 -26.59 -11.80
C LEU D 283 -14.80 -27.54 -11.53
N GLU D 284 -13.56 -27.06 -11.75
CA GLU D 284 -12.37 -27.87 -11.52
C GLU D 284 -12.07 -28.01 -10.04
N LYS D 285 -11.46 -29.13 -9.66
CA LYS D 285 -11.12 -29.44 -8.26
C LYS D 285 -9.72 -30.01 -8.19
N ALA D 286 -8.95 -29.61 -7.19
CA ALA D 286 -7.66 -30.21 -6.93
C ALA D 286 -7.85 -31.68 -6.58
N ASN D 287 -6.93 -32.52 -7.02
CA ASN D 287 -7.01 -33.96 -6.78
C ASN D 287 -5.65 -34.63 -6.95
N HIS D 288 -5.43 -35.68 -6.18
CA HIS D 288 -4.13 -36.38 -6.13
C HIS D 288 -3.74 -37.02 -7.46
N GLU D 289 -4.72 -37.58 -8.16
CA GLU D 289 -4.47 -38.26 -9.46
C GLU D 289 -3.85 -37.29 -10.48
N GLU D 290 -4.38 -36.07 -10.56
CA GLU D 290 -3.83 -35.03 -11.43
C GLU D 290 -2.41 -34.62 -11.01
N VAL D 291 -2.17 -34.59 -9.70
CA VAL D 291 -0.84 -34.27 -9.17
C VAL D 291 0.22 -35.30 -9.58
N LEU D 292 -0.11 -36.59 -9.41
CA LEU D 292 0.79 -37.68 -9.85
C LEU D 292 1.03 -37.66 -11.37
N ALA D 293 -0.01 -37.38 -12.13
CA ALA D 293 0.08 -37.32 -13.59
C ALA D 293 1.02 -36.22 -14.06
N ALA D 294 0.91 -35.03 -13.44
CA ALA D 294 1.81 -33.92 -13.75
C ALA D 294 3.26 -34.25 -13.45
N GLY D 295 3.48 -34.97 -12.36
CA GLY D 295 4.81 -35.47 -11.98
C GLY D 295 5.43 -36.36 -13.03
N LYS D 296 4.67 -37.37 -13.44
CA LYS D 296 5.14 -38.34 -14.45
C LYS D 296 5.40 -37.68 -15.82
N GLN D 297 4.55 -36.73 -16.22
CA GLN D 297 4.76 -35.99 -17.46
C GLN D 297 6.02 -35.12 -17.47
N ALA D 298 6.42 -34.62 -16.31
CA ALA D 298 7.60 -33.75 -16.19
C ALA D 298 8.89 -34.50 -15.79
N ALA D 299 8.80 -35.81 -15.56
CA ALA D 299 9.88 -36.63 -14.98
C ALA D 299 11.20 -36.52 -15.73
N GLN D 300 11.13 -36.61 -17.06
CA GLN D 300 12.31 -36.46 -17.94
C GLN D 300 12.96 -35.09 -17.76
N LYS D 301 12.15 -34.04 -17.77
CA LYS D 301 12.63 -32.67 -17.62
C LYS D 301 13.24 -32.41 -16.24
N LEU D 302 12.66 -33.03 -15.20
CA LEU D 302 13.20 -32.93 -13.83
C LEU D 302 14.58 -33.60 -13.69
N GLU D 303 14.75 -34.73 -14.38
CA GLU D 303 16.02 -35.47 -14.32
C GLU D 303 17.15 -34.68 -15.00
N GLN D 304 16.84 -34.07 -16.14
CA GLN D 304 17.79 -33.21 -16.86
C GLN D 304 18.13 -31.97 -16.04
N PHE D 305 17.15 -31.40 -15.36
CA PHE D 305 17.37 -30.22 -14.51
C PHE D 305 18.21 -30.55 -13.27
N VAL D 306 17.94 -31.67 -12.62
CA VAL D 306 18.72 -32.11 -11.46
C VAL D 306 20.18 -32.44 -11.87
N SER D 307 20.37 -32.96 -13.07
CA SER D 307 21.72 -33.17 -13.64
C SER D 307 22.54 -31.87 -13.75
N ILE D 308 21.95 -30.84 -14.35
CA ILE D 308 22.58 -29.50 -14.42
C ILE D 308 22.80 -28.90 -13.03
N LEU D 309 21.85 -29.18 -12.13
CA LEU D 309 21.93 -28.70 -10.73
C LEU D 309 23.17 -29.23 -9.99
N MET D 310 23.51 -30.50 -10.17
CA MET D 310 24.71 -31.10 -9.54
C MET D 310 26.00 -30.37 -9.93
N ALA D 311 26.09 -29.95 -11.18
CA ALA D 311 27.24 -29.17 -11.67
C ALA D 311 27.40 -27.80 -11.01
N SER D 312 26.30 -27.20 -10.57
CA SER D 312 26.32 -25.92 -9.85
C SER D 312 26.58 -26.01 -8.33
N ILE D 313 26.80 -27.20 -7.79
CA ILE D 313 27.01 -27.38 -6.34
C ILE D 313 28.50 -27.31 -5.99
N PRO D 314 28.90 -26.39 -5.08
CA PRO D 314 30.31 -26.34 -4.67
C PRO D 314 30.85 -27.65 -4.07
N LEU D 315 32.14 -27.91 -4.27
CA LEU D 315 32.81 -29.07 -3.69
C LEU D 315 33.14 -28.82 -2.22
N PRO D 316 33.42 -29.89 -1.44
CA PRO D 316 33.80 -29.70 -0.03
C PRO D 316 35.12 -28.98 0.18
N ASP D 317 35.49 -28.60 1.40
CA ASP D 317 34.65 -28.67 2.60
C ASP D 317 33.65 -27.52 2.57
N LEU E 31 1.32 -41.90 14.42
CA LEU E 31 1.54 -41.49 15.82
C LEU E 31 0.31 -40.74 16.26
N MET E 32 0.12 -39.47 15.85
CA MET E 32 -1.10 -38.72 16.18
C MET E 32 -2.25 -39.16 15.27
N GLU E 33 -3.18 -39.95 15.83
CA GLU E 33 -4.29 -40.50 15.05
C GLU E 33 -5.64 -40.50 15.77
N ASN E 34 -6.68 -40.67 14.97
CA ASN E 34 -8.07 -40.93 15.39
C ASN E 34 -8.11 -42.13 16.37
N GLY E 35 -8.72 -41.91 17.53
CA GLY E 35 -8.92 -42.96 18.54
C GLY E 35 -10.11 -43.88 18.28
N TYR E 36 -11.04 -43.46 17.41
CA TYR E 36 -12.18 -44.29 17.02
C TYR E 36 -11.83 -45.18 15.84
N THR E 37 -12.29 -46.43 15.89
CA THR E 37 -12.25 -47.35 14.74
C THR E 37 -13.52 -47.16 13.92
N TYR E 38 -13.54 -47.73 12.71
CA TYR E 38 -14.77 -47.75 11.89
C TYR E 38 -15.93 -48.43 12.64
N GLU E 39 -15.60 -49.47 13.39
CA GLU E 39 -16.57 -50.25 14.14
C GLU E 39 -17.24 -49.43 15.24
N ASP E 40 -16.50 -48.52 15.86
CA ASP E 40 -17.07 -47.62 16.88
C ASP E 40 -18.17 -46.73 16.30
N TYR E 41 -17.92 -46.13 15.13
CA TYR E 41 -18.93 -45.31 14.46
C TYR E 41 -20.16 -46.14 14.12
N LYS E 42 -19.90 -47.34 13.58
CA LYS E 42 -20.95 -48.27 13.17
C LYS E 42 -21.81 -48.74 14.36
N ASN E 43 -21.16 -49.09 15.48
CA ASN E 43 -21.86 -49.48 16.71
C ASN E 43 -22.80 -48.37 17.22
N THR E 44 -22.34 -47.13 17.17
CA THR E 44 -23.13 -45.99 17.62
C THR E 44 -24.34 -45.75 16.71
N ALA E 45 -24.12 -45.80 15.40
CA ALA E 45 -25.20 -45.66 14.42
C ALA E 45 -26.26 -46.75 14.57
N GLU E 46 -25.82 -48.01 14.65
CA GLU E 46 -26.72 -49.15 14.83
C GLU E 46 -27.50 -49.07 16.15
N TRP E 47 -26.85 -48.59 17.20
CA TRP E 47 -27.51 -48.38 18.48
C TRP E 47 -28.65 -47.37 18.33
N LEU E 48 -28.35 -46.24 17.71
CA LEU E 48 -29.37 -45.20 17.47
C LEU E 48 -30.51 -45.70 16.59
N LEU E 49 -30.17 -46.40 15.50
CA LEU E 49 -31.18 -46.96 14.58
C LEU E 49 -32.11 -47.98 15.25
N SER E 50 -31.59 -48.76 16.19
CA SER E 50 -32.39 -49.75 16.92
C SER E 50 -33.16 -49.19 18.12
N HIS E 51 -32.88 -47.93 18.51
CA HIS E 51 -33.57 -47.27 19.62
C HIS E 51 -34.53 -46.15 19.19
N THR E 52 -34.62 -45.86 17.89
CA THR E 52 -35.62 -44.94 17.36
C THR E 52 -36.17 -45.47 16.04
N LYS E 53 -37.43 -45.15 15.77
CA LYS E 53 -38.06 -45.46 14.49
C LYS E 53 -37.71 -44.41 13.44
N HIS E 54 -37.19 -43.26 13.88
CA HIS E 54 -36.83 -42.18 12.98
C HIS E 54 -35.65 -42.56 12.10
N ARG E 55 -35.72 -42.14 10.83
CA ARG E 55 -34.70 -42.39 9.84
C ARG E 55 -34.36 -41.06 9.18
N PRO E 56 -33.40 -40.30 9.76
CA PRO E 56 -33.18 -38.93 9.31
C PRO E 56 -32.44 -38.84 7.98
N GLN E 57 -32.86 -37.89 7.14
CA GLN E 57 -32.15 -37.54 5.92
C GLN E 57 -31.20 -36.36 6.11
N VAL E 58 -31.56 -35.46 7.01
CA VAL E 58 -30.84 -34.22 7.26
C VAL E 58 -30.35 -34.19 8.70
N ALA E 59 -29.09 -33.87 8.91
CA ALA E 59 -28.55 -33.63 10.25
C ALA E 59 -28.35 -32.13 10.42
N ILE E 60 -28.74 -31.58 11.57
CA ILE E 60 -28.61 -30.15 11.87
C ILE E 60 -27.82 -29.98 13.17
N ILE E 61 -26.70 -29.25 13.10
CA ILE E 61 -25.90 -28.93 14.29
C ILE E 61 -26.28 -27.54 14.78
N CYS E 62 -26.82 -27.46 15.99
CA CYS E 62 -27.27 -26.19 16.57
C CYS E 62 -26.14 -25.52 17.32
N GLY E 63 -25.90 -24.25 17.00
CA GLY E 63 -24.86 -23.46 17.65
C GLY E 63 -25.25 -22.81 18.96
N SER E 64 -24.38 -21.94 19.47
CA SER E 64 -24.55 -21.34 20.80
C SER E 64 -25.76 -20.42 20.80
N GLY E 65 -26.70 -20.68 21.72
CA GLY E 65 -27.97 -19.96 21.78
C GLY E 65 -28.97 -20.29 20.67
N LEU E 66 -28.70 -21.33 19.89
CA LEU E 66 -29.57 -21.73 18.78
C LEU E 66 -30.26 -23.08 19.04
N GLY E 67 -30.19 -23.57 20.28
CA GLY E 67 -30.85 -24.80 20.69
C GLY E 67 -32.36 -24.82 20.56
N GLY E 68 -32.99 -23.64 20.57
CA GLY E 68 -34.42 -23.50 20.31
C GLY E 68 -34.91 -23.93 18.93
N LEU E 69 -33.98 -24.16 17.98
CA LEU E 69 -34.32 -24.76 16.68
C LEU E 69 -34.95 -26.17 16.75
N THR E 70 -34.70 -26.89 17.85
CA THR E 70 -35.32 -28.21 18.07
C THR E 70 -36.80 -28.15 18.53
N ASP E 71 -37.30 -26.96 18.87
CA ASP E 71 -38.68 -26.80 19.37
C ASP E 71 -39.76 -27.14 18.33
N LYS E 72 -39.52 -26.78 17.07
CA LYS E 72 -40.49 -27.00 15.98
C LYS E 72 -40.53 -28.45 15.46
N LEU E 73 -39.65 -29.32 15.94
CA LEU E 73 -39.68 -30.74 15.58
C LEU E 73 -40.99 -31.40 16.04
N THR E 74 -41.64 -32.12 15.14
CA THR E 74 -42.81 -32.93 15.46
C THR E 74 -42.39 -34.40 15.64
N GLN E 75 -43.16 -35.14 16.43
CA GLN E 75 -42.85 -36.52 16.81
C GLN E 75 -41.45 -36.68 17.38
N ALA E 76 -41.05 -35.72 18.23
CA ALA E 76 -39.67 -35.64 18.71
C ALA E 76 -39.31 -36.80 19.64
N GLN E 77 -38.11 -37.34 19.46
CA GLN E 77 -37.52 -38.31 20.39
C GLN E 77 -36.13 -37.81 20.79
N ILE E 78 -35.90 -37.74 22.10
CA ILE E 78 -34.68 -37.17 22.68
C ILE E 78 -33.75 -38.27 23.19
N PHE E 79 -32.47 -38.16 22.84
CA PHE E 79 -31.39 -38.94 23.46
C PHE E 79 -30.40 -37.97 24.06
N ASP E 80 -30.09 -38.12 25.36
CA ASP E 80 -28.97 -37.41 25.96
C ASP E 80 -27.68 -38.04 25.45
N TYR E 81 -26.64 -37.23 25.24
CA TYR E 81 -25.34 -37.74 24.77
C TYR E 81 -24.75 -38.84 25.67
N SER E 82 -25.00 -38.73 26.98
CA SER E 82 -24.58 -39.75 27.95
C SER E 82 -25.17 -41.15 27.70
N GLU E 83 -26.37 -41.23 27.12
CA GLU E 83 -26.98 -42.52 26.75
C GLU E 83 -26.28 -43.21 25.58
N ILE E 84 -25.70 -42.43 24.67
CA ILE E 84 -25.28 -42.92 23.36
C ILE E 84 -23.85 -43.47 23.47
N PRO E 85 -23.63 -44.73 23.02
CA PRO E 85 -22.27 -45.29 23.04
C PRO E 85 -21.26 -44.50 22.21
N ASN E 86 -20.05 -44.34 22.76
CA ASN E 86 -18.91 -43.67 22.10
C ASN E 86 -19.02 -42.16 21.92
N PHE E 87 -20.10 -41.55 22.41
CA PHE E 87 -20.35 -40.12 22.20
C PHE E 87 -19.51 -39.36 23.24
N PRO E 88 -18.90 -38.22 22.84
CA PRO E 88 -18.22 -37.38 23.85
C PRO E 88 -19.18 -36.80 24.90
N ARG E 89 -18.69 -36.56 26.12
CA ARG E 89 -19.50 -36.00 27.23
C ARG E 89 -19.22 -34.50 27.52
N SER E 90 -20.21 -33.65 27.25
CA SER E 90 -20.01 -32.19 27.16
C SER E 90 -19.84 -31.47 28.51
N THR E 91 -19.68 -30.15 28.46
CA THR E 91 -19.46 -29.33 29.68
C THR E 91 -19.59 -27.82 29.38
N VAL E 92 -20.43 -27.39 28.45
CA VAL E 92 -20.56 -25.93 28.14
C VAL E 92 -21.97 -25.41 28.48
N PRO E 93 -22.08 -24.21 29.12
CA PRO E 93 -23.40 -23.59 29.33
C PRO E 93 -23.88 -22.79 28.11
N GLY E 94 -25.12 -23.02 27.69
CA GLY E 94 -25.64 -22.56 26.38
C GLY E 94 -25.75 -23.68 25.35
N HIS E 95 -25.29 -24.87 25.72
CA HIS E 95 -25.30 -26.08 24.89
C HIS E 95 -25.77 -27.26 25.76
N ALA E 96 -26.93 -27.84 25.42
CA ALA E 96 -27.63 -28.79 26.31
C ALA E 96 -26.94 -30.16 26.50
N GLY E 97 -26.67 -30.82 25.38
CA GLY E 97 -26.00 -32.14 25.36
C GLY E 97 -26.94 -33.27 24.98
N ARG E 98 -27.68 -33.11 23.88
CA ARG E 98 -28.69 -34.06 23.46
C ARG E 98 -28.90 -34.12 21.94
N LEU E 99 -29.27 -35.32 21.47
CA LEU E 99 -29.59 -35.59 20.07
C LEU E 99 -31.12 -35.73 19.96
N VAL E 100 -31.74 -34.96 19.08
CA VAL E 100 -33.20 -34.95 18.92
C VAL E 100 -33.58 -35.37 17.50
N PHE E 101 -34.27 -36.52 17.38
CA PHE E 101 -34.81 -36.99 16.10
C PHE E 101 -36.25 -36.48 15.96
N GLY E 102 -36.65 -36.18 14.73
CA GLY E 102 -38.01 -35.70 14.48
C GLY E 102 -38.21 -35.21 13.07
N PHE E 103 -39.37 -34.61 12.83
CA PHE E 103 -39.71 -34.04 11.52
C PHE E 103 -39.75 -32.53 11.61
N LEU E 104 -39.07 -31.85 10.68
CA LEU E 104 -39.06 -30.41 10.60
C LEU E 104 -39.66 -30.02 9.26
N ASN E 105 -40.84 -29.40 9.29
CA ASN E 105 -41.61 -29.08 8.09
C ASN E 105 -41.81 -30.35 7.22
N GLY E 106 -42.15 -31.45 7.90
CA GLY E 106 -42.37 -32.73 7.24
C GLY E 106 -41.14 -33.51 6.78
N ARG E 107 -39.93 -33.03 7.09
CA ARG E 107 -38.69 -33.66 6.68
C ARG E 107 -37.96 -34.35 7.81
N ALA E 108 -37.55 -35.59 7.61
CA ALA E 108 -36.89 -36.39 8.66
C ALA E 108 -35.52 -35.84 9.03
N CYS E 109 -35.41 -35.31 10.26
CA CYS E 109 -34.18 -34.66 10.75
C CYS E 109 -33.63 -35.32 12.01
N VAL E 110 -32.33 -35.14 12.22
CA VAL E 110 -31.70 -35.37 13.52
C VAL E 110 -30.92 -34.10 13.87
N MET E 111 -31.06 -33.64 15.11
CA MET E 111 -30.51 -32.36 15.52
C MET E 111 -29.60 -32.51 16.73
N MET E 112 -28.40 -31.93 16.62
CA MET E 112 -27.48 -31.81 17.76
C MET E 112 -27.77 -30.51 18.48
N GLN E 113 -28.25 -30.62 19.71
CA GLN E 113 -28.41 -29.47 20.59
C GLN E 113 -27.21 -29.50 21.52
N GLY E 114 -26.18 -28.75 21.17
CA GLY E 114 -24.91 -28.78 21.87
C GLY E 114 -23.84 -29.43 21.02
N ARG E 115 -22.88 -28.63 20.55
CA ARG E 115 -21.72 -29.16 19.83
C ARG E 115 -20.49 -29.14 20.72
N PHE E 116 -19.43 -29.75 20.23
CA PHE E 116 -18.15 -29.81 20.94
C PHE E 116 -17.17 -28.88 20.25
N HIS E 117 -16.29 -28.29 21.06
CA HIS E 117 -15.33 -27.30 20.59
C HIS E 117 -13.91 -27.71 20.95
N MET E 118 -12.98 -27.34 20.07
CA MET E 118 -11.57 -27.59 20.29
C MET E 118 -11.04 -26.90 21.57
N TYR E 119 -11.53 -25.69 21.85
CA TYR E 119 -11.12 -24.96 23.07
C TYR E 119 -11.45 -25.65 24.40
N GLU E 120 -12.46 -26.53 24.40
N GLU E 120 -12.46 -26.53 24.40
CA GLU E 120 -12.80 -27.34 25.57
CA GLU E 120 -12.80 -27.34 25.58
C GLU E 120 -11.72 -28.37 25.93
C GLU E 120 -11.73 -28.36 25.93
N GLY E 121 -10.85 -28.68 24.97
CA GLY E 121 -9.80 -29.68 25.16
C GLY E 121 -9.99 -30.91 24.31
N TYR E 122 -11.12 -31.01 23.58
CA TYR E 122 -11.35 -32.14 22.69
C TYR E 122 -10.44 -32.09 21.47
N PRO E 123 -9.85 -33.24 21.10
CA PRO E 123 -9.24 -33.30 19.77
C PRO E 123 -10.31 -33.29 18.69
N LEU E 124 -9.94 -32.87 17.48
CA LEU E 124 -10.92 -32.68 16.41
C LEU E 124 -11.63 -33.96 15.97
N TRP E 125 -10.96 -35.11 16.13
CA TRP E 125 -11.60 -36.41 15.86
C TRP E 125 -12.72 -36.78 16.87
N LYS E 126 -12.70 -36.19 18.06
CA LYS E 126 -13.85 -36.25 18.97
C LYS E 126 -14.92 -35.22 18.60
N VAL E 127 -14.48 -34.00 18.28
CA VAL E 127 -15.39 -32.91 17.89
C VAL E 127 -16.30 -33.32 16.72
N THR E 128 -15.72 -34.01 15.75
CA THR E 128 -16.40 -34.36 14.50
C THR E 128 -16.99 -35.78 14.47
N PHE E 129 -16.84 -36.54 15.56
CA PHE E 129 -17.38 -37.91 15.66
C PHE E 129 -18.85 -38.05 15.21
N PRO E 130 -19.75 -37.17 15.69
CA PRO E 130 -21.15 -37.30 15.29
C PRO E 130 -21.43 -37.17 13.78
N VAL E 131 -20.58 -36.44 13.05
CA VAL E 131 -20.79 -36.24 11.61
C VAL E 131 -20.71 -37.59 10.87
N ARG E 132 -19.71 -38.40 11.21
CA ARG E 132 -19.58 -39.73 10.63
C ARG E 132 -20.69 -40.69 11.10
N VAL E 133 -21.14 -40.52 12.34
CA VAL E 133 -22.30 -41.28 12.83
C VAL E 133 -23.52 -40.96 11.96
N PHE E 134 -23.77 -39.67 11.68
CA PHE E 134 -24.91 -39.27 10.85
C PHE E 134 -24.84 -39.89 9.46
N HIS E 135 -23.64 -39.87 8.87
CA HIS E 135 -23.39 -40.54 7.59
C HIS E 135 -23.84 -42.01 7.64
N LEU E 136 -23.44 -42.72 8.69
CA LEU E 136 -23.83 -44.12 8.86
C LEU E 136 -25.31 -44.34 9.19
N LEU E 137 -25.97 -43.37 9.80
CA LEU E 137 -27.44 -43.40 9.95
C LEU E 137 -28.19 -43.28 8.61
N GLY E 138 -27.52 -42.81 7.56
CA GLY E 138 -28.15 -42.61 6.25
C GLY E 138 -28.47 -41.15 5.93
N VAL E 139 -27.99 -40.21 6.76
CA VAL E 139 -28.11 -38.78 6.47
C VAL E 139 -27.29 -38.47 5.21
N ASP E 140 -27.84 -37.70 4.28
CA ASP E 140 -27.09 -37.24 3.10
C ASP E 140 -26.81 -35.72 3.07
N THR E 141 -27.37 -34.98 4.02
CA THR E 141 -27.19 -33.53 4.09
C THR E 141 -26.92 -33.10 5.52
N LEU E 142 -25.85 -32.31 5.70
CA LEU E 142 -25.52 -31.71 7.00
C LEU E 142 -25.77 -30.21 6.93
N VAL E 143 -26.59 -29.71 7.85
CA VAL E 143 -26.80 -28.29 8.03
C VAL E 143 -26.02 -27.87 9.27
N VAL E 144 -25.04 -26.98 9.08
CA VAL E 144 -24.23 -26.46 10.18
C VAL E 144 -24.69 -25.04 10.50
N THR E 145 -24.96 -24.78 11.78
CA THR E 145 -25.34 -23.46 12.24
C THR E 145 -24.36 -23.05 13.33
N ASN E 146 -24.18 -21.74 13.47
CA ASN E 146 -23.38 -21.21 14.55
C ASN E 146 -23.75 -19.76 14.88
N ALA E 147 -23.32 -19.32 16.05
CA ALA E 147 -23.21 -17.90 16.34
C ALA E 147 -21.85 -17.46 15.80
N ALA E 148 -21.75 -16.21 15.34
CA ALA E 148 -20.49 -15.69 14.86
C ALA E 148 -20.39 -14.19 15.10
N GLY E 149 -19.15 -13.71 15.25
CA GLY E 149 -18.88 -12.30 15.32
C GLY E 149 -18.81 -11.72 13.92
N GLY E 150 -19.47 -10.58 13.71
CA GLY E 150 -19.43 -9.90 12.42
C GLY E 150 -18.12 -9.15 12.20
N LEU E 151 -17.42 -9.49 11.13
CA LEU E 151 -16.23 -8.77 10.68
C LEU E 151 -16.52 -7.80 9.54
N ASN E 152 -17.46 -8.18 8.65
CA ASN E 152 -17.92 -7.30 7.58
C ASN E 152 -18.74 -6.16 8.19
N PRO E 153 -18.30 -4.90 8.00
CA PRO E 153 -18.98 -3.77 8.67
C PRO E 153 -20.45 -3.55 8.27
N LYS E 154 -20.88 -4.05 7.13
CA LYS E 154 -22.28 -3.93 6.71
C LYS E 154 -23.22 -4.90 7.44
N PHE E 155 -22.69 -5.91 8.13
CA PHE E 155 -23.53 -6.82 8.91
C PHE E 155 -24.01 -6.14 10.18
N GLU E 156 -25.26 -6.39 10.54
CA GLU E 156 -25.84 -5.94 11.80
C GLU E 156 -26.11 -7.14 12.68
N VAL E 157 -26.24 -6.89 13.99
CA VAL E 157 -26.59 -7.93 14.95
C VAL E 157 -27.98 -8.44 14.58
N GLY E 158 -28.14 -9.77 14.60
CA GLY E 158 -29.37 -10.41 14.17
C GLY E 158 -29.39 -10.87 12.71
N ASP E 159 -28.41 -10.46 11.90
CA ASP E 159 -28.32 -10.95 10.52
C ASP E 159 -28.04 -12.44 10.46
N ILE E 160 -28.59 -13.07 9.41
CA ILE E 160 -28.24 -14.43 9.05
C ILE E 160 -27.29 -14.33 7.87
N MET E 161 -26.12 -14.95 8.00
CA MET E 161 -25.13 -15.00 6.92
C MET E 161 -25.06 -16.43 6.42
N LEU E 162 -25.37 -16.62 5.14
CA LEU E 162 -25.10 -17.89 4.47
C LEU E 162 -23.59 -18.07 4.36
N ILE E 163 -23.10 -19.24 4.73
CA ILE E 163 -21.68 -19.57 4.61
C ILE E 163 -21.41 -20.05 3.19
N ARG E 164 -20.83 -19.18 2.38
CA ARG E 164 -20.37 -19.54 1.04
C ARG E 164 -19.03 -20.29 1.08
N ASP E 165 -18.20 -19.98 2.07
CA ASP E 165 -16.86 -20.53 2.13
C ASP E 165 -16.29 -20.37 3.55
N HIS E 166 -15.17 -21.03 3.81
CA HIS E 166 -14.47 -20.83 5.08
C HIS E 166 -12.97 -20.66 4.93
N ILE E 167 -12.35 -20.16 6.01
CA ILE E 167 -10.91 -20.11 6.17
C ILE E 167 -10.57 -20.91 7.43
N ASN E 168 -9.82 -21.99 7.26
CA ASN E 168 -9.50 -22.91 8.36
C ASN E 168 -8.10 -22.61 8.91
N LEU E 169 -8.03 -21.63 9.80
CA LEU E 169 -6.72 -21.22 10.36
C LEU E 169 -6.03 -22.33 11.17
N PRO E 170 -6.78 -23.04 12.05
CA PRO E 170 -6.16 -24.18 12.75
C PRO E 170 -5.67 -25.28 11.80
N GLY E 171 -6.42 -25.51 10.73
CA GLY E 171 -6.04 -26.47 9.70
C GLY E 171 -4.70 -26.18 9.04
N PHE E 172 -4.42 -24.91 8.76
CA PHE E 172 -3.13 -24.52 8.20
C PHE E 172 -1.94 -24.99 9.05
N SER E 173 -2.12 -24.98 10.38
CA SER E 173 -1.05 -25.32 11.33
C SER E 173 -0.96 -26.80 11.74
N GLY E 174 -1.93 -27.63 11.34
CA GLY E 174 -1.91 -29.05 11.71
C GLY E 174 -3.23 -29.55 12.24
N GLN E 175 -4.03 -28.65 12.83
CA GLN E 175 -5.29 -29.03 13.45
C GLN E 175 -6.40 -29.19 12.40
N ASN E 176 -6.38 -30.36 11.76
CA ASN E 176 -7.39 -30.79 10.78
C ASN E 176 -7.94 -32.12 11.30
N PRO E 177 -9.28 -32.31 11.28
CA PRO E 177 -9.86 -33.56 11.81
C PRO E 177 -9.46 -34.84 11.05
N LEU E 178 -8.99 -34.69 9.81
CA LEU E 178 -8.53 -35.82 9.01
C LEU E 178 -7.06 -36.22 9.25
N ARG E 179 -6.35 -35.50 10.13
CA ARG E 179 -4.94 -35.81 10.39
C ARG E 179 -4.80 -37.23 10.93
N GLY E 180 -3.75 -37.91 10.48
CA GLY E 180 -3.51 -39.31 10.80
C GLY E 180 -3.83 -40.17 9.59
N PRO E 181 -3.80 -41.52 9.77
CA PRO E 181 -4.18 -42.43 8.68
C PRO E 181 -5.59 -42.16 8.17
N ASN E 182 -5.75 -42.16 6.85
CA ASN E 182 -7.06 -42.00 6.25
C ASN E 182 -7.81 -43.32 6.32
N ASP E 183 -9.08 -43.27 6.69
CA ASP E 183 -9.94 -44.45 6.60
C ASP E 183 -10.65 -44.39 5.25
N GLU E 184 -10.26 -45.31 4.35
CA GLU E 184 -10.82 -45.38 2.99
C GLU E 184 -12.33 -45.63 2.96
N ARG E 185 -12.85 -46.30 3.98
CA ARG E 185 -14.29 -46.55 4.09
C ARG E 185 -15.15 -45.29 4.27
N PHE E 186 -14.54 -44.19 4.74
CA PHE E 186 -15.23 -42.89 4.79
C PHE E 186 -14.95 -42.04 3.55
N GLY E 187 -13.68 -41.94 3.14
CA GLY E 187 -13.33 -41.09 2.01
C GLY E 187 -11.87 -41.12 1.58
N ASP E 188 -11.50 -40.16 0.74
CA ASP E 188 -10.16 -40.08 0.14
C ASP E 188 -9.14 -39.48 1.10
N ARG E 189 -7.86 -39.73 0.80
CA ARG E 189 -6.74 -39.20 1.57
C ARG E 189 -6.69 -37.67 1.48
N TYR E 190 -6.88 -37.14 0.28
CA TYR E 190 -6.77 -35.70 0.00
C TYR E 190 -8.07 -35.13 -0.57
N PRO E 191 -9.10 -34.93 0.27
CA PRO E 191 -10.37 -34.43 -0.24
C PRO E 191 -10.31 -32.93 -0.58
N ALA E 192 -11.01 -32.54 -1.64
CA ALA E 192 -11.10 -31.14 -2.03
C ALA E 192 -12.16 -30.43 -1.20
N MET E 193 -11.93 -29.16 -0.89
CA MET E 193 -12.88 -28.33 -0.13
C MET E 193 -13.37 -27.09 -0.85
N SER E 194 -12.93 -26.87 -2.10
CA SER E 194 -13.32 -25.67 -2.85
C SER E 194 -14.83 -25.62 -3.20
N ASP E 195 -15.49 -26.77 -3.15
CA ASP E 195 -16.94 -26.88 -3.40
C ASP E 195 -17.72 -27.33 -2.14
N ALA E 196 -17.21 -27.00 -0.95
CA ALA E 196 -17.76 -27.55 0.30
C ALA E 196 -19.20 -27.12 0.57
N TYR E 197 -19.52 -25.85 0.36
CA TYR E 197 -20.84 -25.32 0.68
C TYR E 197 -21.72 -25.34 -0.57
N ASP E 198 -22.68 -26.27 -0.59
CA ASP E 198 -23.48 -26.59 -1.78
C ASP E 198 -24.02 -25.35 -2.49
N ARG E 199 -23.63 -25.18 -3.75
CA ARG E 199 -23.98 -24.01 -4.56
C ARG E 199 -25.51 -23.89 -4.75
N THR E 200 -26.15 -24.99 -5.11
CA THR E 200 -27.59 -24.99 -5.42
C THR E 200 -28.46 -24.62 -4.21
N MET E 201 -28.15 -25.19 -3.05
CA MET E 201 -28.87 -24.85 -1.82
C MET E 201 -28.76 -23.37 -1.44
N ARG E 202 -27.60 -22.77 -1.62
CA ARG E 202 -27.40 -21.34 -1.34
C ARG E 202 -28.21 -20.46 -2.29
N GLN E 203 -28.19 -20.79 -3.57
CA GLN E 203 -29.02 -20.10 -4.58
C GLN E 203 -30.51 -20.21 -4.23
N ARG E 204 -30.97 -21.42 -3.90
CA ARG E 204 -32.36 -21.63 -3.52
C ARG E 204 -32.73 -20.89 -2.21
N ALA E 205 -31.85 -20.92 -1.22
CA ALA E 205 -32.07 -20.18 0.03
C ALA E 205 -32.19 -18.67 -0.20
N LEU E 206 -31.35 -18.12 -1.08
CA LEU E 206 -31.40 -16.70 -1.45
C LEU E 206 -32.71 -16.33 -2.15
N SER E 207 -33.05 -17.05 -3.22
CA SER E 207 -34.30 -16.80 -3.96
C SER E 207 -35.56 -16.98 -3.09
N THR E 208 -35.58 -17.97 -2.21
CA THR E 208 -36.72 -18.18 -1.32
C THR E 208 -36.86 -17.06 -0.30
N TRP E 209 -35.76 -16.62 0.31
CA TRP E 209 -35.76 -15.58 1.38
C TRP E 209 -36.76 -14.40 1.19
N LYS E 210 -37.13 -14.11 -0.04
CA LYS E 210 -38.37 -13.38 -0.36
C LYS E 210 -39.64 -13.77 0.46
N GLN E 211 -39.84 -15.05 0.72
CA GLN E 211 -40.97 -15.59 1.48
C GLN E 211 -40.95 -15.25 2.99
N MET E 212 -39.75 -14.98 3.53
CA MET E 212 -39.60 -14.61 4.94
C MET E 212 -40.18 -13.24 5.28
N GLY E 213 -40.21 -12.33 4.29
CA GLY E 213 -40.76 -10.99 4.48
C GLY E 213 -39.98 -10.14 5.47
N GLU E 214 -38.65 -10.15 5.36
CA GLU E 214 -37.77 -9.49 6.30
C GLU E 214 -37.29 -8.17 5.74
N GLN E 215 -37.05 -7.21 6.63
CA GLN E 215 -36.43 -5.92 6.27
C GLN E 215 -34.98 -6.13 5.81
N ARG E 216 -34.20 -6.86 6.60
CA ARG E 216 -32.82 -7.17 6.29
C ARG E 216 -32.73 -8.27 5.24
N GLU E 217 -31.92 -8.02 4.21
CA GLU E 217 -31.58 -9.03 3.21
C GLU E 217 -30.69 -10.14 3.80
N LEU E 218 -30.75 -11.31 3.18
CA LEU E 218 -29.94 -12.45 3.58
C LEU E 218 -28.49 -12.20 3.20
N GLN E 219 -27.59 -12.22 4.18
CA GLN E 219 -26.17 -11.98 3.92
C GLN E 219 -25.50 -13.28 3.45
N GLU E 220 -24.35 -13.12 2.77
CA GLU E 220 -23.56 -14.25 2.29
C GLU E 220 -22.07 -13.90 2.44
N GLY E 221 -21.27 -14.85 2.90
CA GLY E 221 -19.85 -14.58 3.09
C GLY E 221 -19.00 -15.71 3.62
N THR E 222 -17.77 -15.35 3.98
CA THR E 222 -16.75 -16.31 4.42
C THR E 222 -16.65 -16.35 5.94
N TYR E 223 -16.73 -17.56 6.47
CA TYR E 223 -16.56 -17.82 7.91
C TYR E 223 -15.11 -18.20 8.17
N VAL E 224 -14.45 -17.53 9.11
CA VAL E 224 -13.11 -17.93 9.53
C VAL E 224 -13.19 -18.61 10.89
N MET E 225 -12.58 -19.79 11.01
CA MET E 225 -12.48 -20.46 12.31
C MET E 225 -11.18 -20.05 13.00
N VAL E 226 -11.30 -19.66 14.26
CA VAL E 226 -10.17 -19.49 15.18
C VAL E 226 -10.46 -20.34 16.41
N ALA E 227 -9.42 -20.80 17.09
CA ALA E 227 -9.60 -21.78 18.17
C ALA E 227 -10.27 -21.21 19.42
N GLY E 228 -9.99 -19.94 19.76
CA GLY E 228 -10.45 -19.37 21.02
C GLY E 228 -9.72 -20.01 22.20
N PRO E 229 -10.28 -19.97 23.42
CA PRO E 229 -11.64 -19.49 23.74
C PRO E 229 -11.78 -17.98 24.00
N SER E 230 -10.67 -17.25 24.08
CA SER E 230 -10.72 -15.80 24.28
C SER E 230 -11.16 -15.10 22.99
N PHE E 231 -11.84 -13.97 23.13
CA PHE E 231 -12.30 -13.17 21.99
C PHE E 231 -11.13 -12.38 21.39
N GLU E 232 -11.37 -11.85 20.19
CA GLU E 232 -10.33 -11.23 19.38
C GLU E 232 -9.94 -9.87 19.93
N THR E 233 -8.67 -9.52 19.73
CA THR E 233 -8.22 -8.14 19.89
C THR E 233 -8.62 -7.34 18.65
N VAL E 234 -8.48 -6.02 18.72
CA VAL E 234 -8.74 -5.14 17.58
C VAL E 234 -7.80 -5.46 16.43
N ALA E 235 -6.52 -5.62 16.72
CA ALA E 235 -5.52 -5.96 15.70
C ALA E 235 -5.85 -7.30 15.02
N GLU E 236 -6.26 -8.28 15.83
CA GLU E 236 -6.68 -9.59 15.32
C GLU E 236 -7.92 -9.49 14.44
N CYS E 237 -8.92 -8.73 14.89
CA CYS E 237 -10.09 -8.44 14.06
C CYS E 237 -9.69 -7.90 12.69
N ARG E 238 -8.77 -6.94 12.68
CA ARG E 238 -8.27 -6.37 11.42
C ARG E 238 -7.50 -7.37 10.55
N VAL E 239 -6.76 -8.27 11.17
CA VAL E 239 -6.12 -9.38 10.44
C VAL E 239 -7.18 -10.18 9.70
N LEU E 240 -8.21 -10.62 10.42
CA LEU E 240 -9.26 -11.47 9.86
C LEU E 240 -10.03 -10.73 8.76
N GLN E 241 -10.26 -9.43 8.93
CA GLN E 241 -10.85 -8.59 7.88
C GLN E 241 -9.96 -8.52 6.64
N LYS E 242 -8.67 -8.26 6.83
CA LYS E 242 -7.69 -8.24 5.72
C LYS E 242 -7.61 -9.57 4.97
N LEU E 243 -7.74 -10.68 5.70
CA LEU E 243 -7.75 -12.02 5.08
C LEU E 243 -9.02 -12.33 4.26
N GLY E 244 -10.06 -11.49 4.39
CA GLY E 244 -11.27 -11.61 3.59
C GLY E 244 -12.38 -12.37 4.29
N ALA E 245 -12.30 -12.50 5.61
CA ALA E 245 -13.35 -13.16 6.38
C ALA E 245 -14.45 -12.14 6.70
N ASP E 246 -15.69 -12.60 6.63
CA ASP E 246 -16.87 -11.79 6.93
C ASP E 246 -17.44 -12.05 8.32
N ALA E 247 -17.23 -13.26 8.85
CA ALA E 247 -17.64 -13.60 10.19
C ALA E 247 -16.61 -14.54 10.83
N VAL E 248 -16.54 -14.52 12.17
CA VAL E 248 -15.57 -15.35 12.90
C VAL E 248 -16.26 -16.15 14.01
N GLY E 249 -15.80 -17.39 14.18
CA GLY E 249 -16.25 -18.25 15.26
C GLY E 249 -15.23 -19.31 15.61
N MET E 250 -15.60 -20.24 16.49
CA MET E 250 -14.66 -21.23 17.02
C MET E 250 -15.07 -22.68 16.77
N SER E 251 -15.82 -22.90 15.69
CA SER E 251 -16.44 -24.20 15.43
C SER E 251 -16.64 -24.42 13.94
N THR E 252 -17.46 -25.42 13.60
CA THR E 252 -18.13 -25.57 12.29
C THR E 252 -17.24 -26.14 11.20
N VAL E 253 -16.06 -25.55 11.01
CA VAL E 253 -15.15 -25.92 9.93
C VAL E 253 -14.70 -27.40 10.00
N PRO E 254 -14.34 -27.89 11.21
CA PRO E 254 -13.97 -29.31 11.30
C PRO E 254 -15.10 -30.26 10.89
N GLU E 255 -16.32 -29.97 11.32
CA GLU E 255 -17.50 -30.75 10.94
C GLU E 255 -17.71 -30.75 9.43
N VAL E 256 -17.56 -29.59 8.80
CA VAL E 256 -17.72 -29.43 7.35
C VAL E 256 -16.70 -30.27 6.59
N ILE E 257 -15.45 -30.27 7.04
CA ILE E 257 -14.38 -31.06 6.41
C ILE E 257 -14.70 -32.55 6.48
N VAL E 258 -15.10 -33.03 7.66
CA VAL E 258 -15.45 -34.44 7.84
C VAL E 258 -16.69 -34.83 7.04
N ALA E 259 -17.67 -33.93 6.98
CA ALA E 259 -18.88 -34.13 6.17
C ALA E 259 -18.54 -34.30 4.69
N ARG E 260 -17.75 -33.39 4.15
CA ARG E 260 -17.35 -33.45 2.75
C ARG E 260 -16.44 -34.64 2.45
N HIS E 261 -15.60 -35.01 3.41
CA HIS E 261 -14.77 -36.21 3.28
C HIS E 261 -15.62 -37.46 3.03
N CYS E 262 -16.75 -37.60 3.73
CA CYS E 262 -17.63 -38.76 3.54
C CYS E 262 -18.82 -38.56 2.59
N GLY E 263 -18.80 -37.48 1.80
CA GLY E 263 -19.75 -37.28 0.71
C GLY E 263 -21.07 -36.57 1.02
N LEU E 264 -21.22 -36.05 2.26
CA LEU E 264 -22.41 -35.31 2.63
C LEU E 264 -22.52 -33.98 1.89
N ARG E 265 -23.73 -33.62 1.48
CA ARG E 265 -24.03 -32.27 1.03
C ARG E 265 -24.02 -31.37 2.27
N VAL E 266 -23.48 -30.17 2.14
CA VAL E 266 -23.32 -29.27 3.29
C VAL E 266 -23.92 -27.89 3.02
N PHE E 267 -24.72 -27.43 3.97
CA PHE E 267 -25.24 -26.08 3.98
C PHE E 267 -24.91 -25.47 5.34
N GLY E 268 -24.54 -24.19 5.35
CA GLY E 268 -24.11 -23.51 6.57
C GLY E 268 -24.65 -22.11 6.69
N PHE E 269 -24.97 -21.70 7.91
CA PHE E 269 -25.24 -20.29 8.16
C PHE E 269 -24.83 -19.86 9.57
N SER E 270 -24.52 -18.57 9.69
CA SER E 270 -24.13 -17.95 10.94
C SER E 270 -25.19 -16.94 11.34
N LEU E 271 -25.53 -16.91 12.63
CA LEU E 271 -26.24 -15.78 13.20
C LEU E 271 -25.17 -14.80 13.68
N ILE E 272 -25.20 -13.58 13.17
CA ILE E 272 -24.29 -12.53 13.60
C ILE E 272 -24.79 -12.03 14.96
N THR E 273 -24.14 -12.48 16.04
CA THR E 273 -24.55 -12.19 17.41
C THR E 273 -23.92 -10.92 18.00
N ASN E 274 -22.87 -10.44 17.38
CA ASN E 274 -22.16 -9.24 17.82
C ASN E 274 -21.26 -8.76 16.71
N LYS E 275 -20.98 -7.46 16.72
CA LYS E 275 -20.02 -6.86 15.81
C LYS E 275 -18.68 -6.86 16.54
N VAL E 276 -17.67 -7.46 15.91
CA VAL E 276 -16.35 -7.61 16.50
C VAL E 276 -15.76 -6.21 16.65
N ILE E 277 -15.09 -5.96 17.77
CA ILE E 277 -14.58 -4.61 18.06
C ILE E 277 -13.39 -4.36 17.14
N MET E 278 -13.47 -3.29 16.35
CA MET E 278 -12.47 -2.98 15.32
C MET E 278 -11.82 -1.60 15.47
N ASP E 279 -12.03 -0.93 16.60
CA ASP E 279 -11.35 0.32 16.91
C ASP E 279 -11.07 0.46 18.40
N TYR E 280 -10.05 1.25 18.72
CA TYR E 280 -9.60 1.42 20.10
C TYR E 280 -10.42 2.43 20.91
N GLU E 281 -11.27 3.21 20.25
CA GLU E 281 -12.13 4.21 20.92
C GLU E 281 -13.29 3.55 21.65
N SER E 282 -13.83 2.46 21.10
CA SER E 282 -15.01 1.81 21.68
C SER E 282 -14.74 1.27 23.09
N LEU E 283 -15.75 1.38 23.95
CA LEU E 283 -15.74 0.81 25.30
C LEU E 283 -16.48 -0.53 25.34
N GLU E 284 -17.07 -0.94 24.22
CA GLU E 284 -17.78 -2.21 24.16
C GLU E 284 -16.80 -3.39 24.10
N LYS E 285 -17.25 -4.53 24.64
CA LYS E 285 -16.46 -5.74 24.70
C LYS E 285 -17.33 -6.93 24.34
N ALA E 286 -16.79 -7.86 23.55
CA ALA E 286 -17.47 -9.11 23.25
C ALA E 286 -17.65 -9.88 24.56
N ASN E 287 -18.77 -10.57 24.68
CA ASN E 287 -19.09 -11.35 25.88
C ASN E 287 -20.16 -12.39 25.57
N HIS E 288 -20.08 -13.53 26.26
CA HIS E 288 -20.95 -14.68 26.01
C HIS E 288 -22.43 -14.39 26.27
N GLU E 289 -22.71 -13.61 27.31
CA GLU E 289 -24.09 -13.28 27.69
C GLU E 289 -24.82 -12.55 26.56
N GLU E 290 -24.15 -11.58 25.93
CA GLU E 290 -24.68 -10.88 24.76
C GLU E 290 -24.89 -11.80 23.56
N VAL E 291 -24.00 -12.77 23.38
CA VAL E 291 -24.11 -13.77 22.31
C VAL E 291 -25.36 -14.64 22.47
N LEU E 292 -25.57 -15.18 23.68
CA LEU E 292 -26.78 -15.96 24.00
C LEU E 292 -28.07 -15.14 23.81
N ALA E 293 -28.04 -13.88 24.23
CA ALA E 293 -29.19 -12.98 24.11
C ALA E 293 -29.57 -12.73 22.66
N ALA E 294 -28.58 -12.49 21.81
CA ALA E 294 -28.81 -12.31 20.37
C ALA E 294 -29.43 -13.55 19.74
N GLY E 295 -29.00 -14.73 20.18
CA GLY E 295 -29.55 -16.00 19.75
C GLY E 295 -31.03 -16.13 20.07
N LYS E 296 -31.38 -15.87 21.33
CA LYS E 296 -32.76 -15.98 21.79
C LYS E 296 -33.68 -14.97 21.11
N GLN E 297 -33.20 -13.74 20.87
CA GLN E 297 -33.97 -12.73 20.14
C GLN E 297 -34.24 -13.09 18.68
N ALA E 298 -33.34 -13.85 18.05
CA ALA E 298 -33.49 -14.24 16.64
C ALA E 298 -34.13 -15.63 16.45
N ALA E 299 -34.42 -16.33 17.55
CA ALA E 299 -34.85 -17.75 17.54
C ALA E 299 -36.04 -18.03 16.65
N GLN E 300 -37.05 -17.17 16.74
CA GLN E 300 -38.26 -17.27 15.88
C GLN E 300 -37.91 -17.16 14.41
N LYS E 301 -37.07 -16.18 14.06
CA LYS E 301 -36.66 -15.96 12.68
C LYS E 301 -35.78 -17.11 12.14
N LEU E 302 -34.94 -17.68 13.00
CA LEU E 302 -34.14 -18.85 12.64
C LEU E 302 -34.99 -20.10 12.34
N GLU E 303 -36.05 -20.28 13.12
CA GLU E 303 -36.94 -21.44 12.95
C GLU E 303 -37.72 -21.34 11.63
N GLN E 304 -38.19 -20.15 11.30
CA GLN E 304 -38.87 -19.89 10.02
C GLN E 304 -37.92 -20.08 8.84
N PHE E 305 -36.67 -19.65 9.00
CA PHE E 305 -35.65 -19.81 7.95
C PHE E 305 -35.26 -21.27 7.74
N VAL E 306 -35.07 -22.02 8.83
CA VAL E 306 -34.74 -23.44 8.74
C VAL E 306 -35.91 -24.25 8.13
N SER E 307 -37.14 -23.83 8.40
CA SER E 307 -38.35 -24.40 7.75
C SER E 307 -38.32 -24.27 6.22
N ILE E 308 -38.06 -23.06 5.72
CA ILE E 308 -37.91 -22.84 4.27
C ILE E 308 -36.70 -23.60 3.71
N LEU E 309 -35.65 -23.71 4.51
CA LEU E 309 -34.43 -24.43 4.14
C LEU E 309 -34.69 -25.94 3.84
N MET E 310 -35.51 -26.59 4.69
CA MET E 310 -35.85 -28.01 4.48
C MET E 310 -36.53 -28.26 3.13
N ALA E 311 -37.37 -27.34 2.70
CA ALA E 311 -38.03 -27.42 1.39
C ALA E 311 -37.06 -27.36 0.21
N SER E 312 -35.93 -26.67 0.36
CA SER E 312 -34.90 -26.59 -0.68
C SER E 312 -33.89 -27.77 -0.72
N ILE E 313 -34.05 -28.76 0.16
CA ILE E 313 -33.13 -29.91 0.22
C ILE E 313 -33.59 -31.03 -0.70
N PRO E 314 -32.74 -31.48 -1.66
CA PRO E 314 -33.12 -32.61 -2.52
C PRO E 314 -33.44 -33.89 -1.76
N LEU E 315 -34.35 -34.70 -2.32
CA LEU E 315 -34.71 -36.00 -1.74
C LEU E 315 -33.65 -37.05 -2.10
N PRO E 316 -33.61 -38.18 -1.38
CA PRO E 316 -32.62 -39.23 -1.71
C PRO E 316 -32.85 -39.91 -3.07
N ASP E 317 -31.93 -40.81 -3.42
CA ASP E 317 -31.88 -41.50 -4.71
C ASP E 317 -31.73 -40.50 -5.86
N LEU F 31 -8.26 -35.65 26.78
CA LEU F 31 -8.60 -34.21 27.06
C LEU F 31 -7.34 -33.37 27.40
N MET F 32 -7.03 -32.42 26.51
CA MET F 32 -5.89 -31.51 26.69
C MET F 32 -6.22 -30.43 27.71
N GLU F 33 -5.66 -30.55 28.91
CA GLU F 33 -5.96 -29.60 30.00
C GLU F 33 -4.74 -29.16 30.84
N ASN F 34 -4.97 -28.08 31.58
CA ASN F 34 -4.07 -27.56 32.62
C ASN F 34 -3.75 -28.68 33.64
N GLY F 35 -2.47 -28.90 33.88
CA GLY F 35 -1.99 -29.87 34.86
C GLY F 35 -1.97 -29.37 36.30
N TYR F 36 -2.05 -28.05 36.50
CA TYR F 36 -2.15 -27.45 37.83
C TYR F 36 -3.61 -27.37 38.29
N THR F 37 -3.84 -27.68 39.57
CA THR F 37 -5.12 -27.44 40.23
C THR F 37 -5.12 -26.03 40.81
N TYR F 38 -6.28 -25.54 41.24
CA TYR F 38 -6.36 -24.26 41.97
C TYR F 38 -5.50 -24.28 43.24
N GLU F 39 -5.46 -25.44 43.90
CA GLU F 39 -4.70 -25.62 45.13
C GLU F 39 -3.20 -25.48 44.92
N ASP F 40 -2.70 -25.91 43.76
CA ASP F 40 -1.27 -25.75 43.43
C ASP F 40 -0.87 -24.27 43.37
N TYR F 41 -1.68 -23.45 42.70
CA TYR F 41 -1.42 -22.01 42.62
C TYR F 41 -1.45 -21.39 44.01
N LYS F 42 -2.46 -21.77 44.79
CA LYS F 42 -2.65 -21.28 46.16
C LYS F 42 -1.49 -21.67 47.08
N ASN F 43 -1.05 -22.93 47.01
CA ASN F 43 0.10 -23.40 47.79
C ASN F 43 1.37 -22.60 47.50
N THR F 44 1.61 -22.29 46.23
CA THR F 44 2.78 -21.52 45.81
C THR F 44 2.72 -20.08 46.31
N ALA F 45 1.55 -19.45 46.17
CA ALA F 45 1.34 -18.09 46.67
C ALA F 45 1.52 -18.00 48.18
N GLU F 46 0.88 -18.90 48.92
CA GLU F 46 1.00 -18.96 50.39
C GLU F 46 2.44 -19.21 50.84
N TRP F 47 3.16 -20.07 50.11
CA TRP F 47 4.57 -20.31 50.39
C TRP F 47 5.37 -19.02 50.27
N LEU F 48 5.19 -18.31 49.16
CA LEU F 48 5.87 -17.03 48.94
C LEU F 48 5.50 -15.99 49.99
N LEU F 49 4.20 -15.87 50.30
CA LEU F 49 3.72 -14.92 51.31
C LEU F 49 4.28 -15.18 52.71
N SER F 50 4.49 -16.45 53.06
CA SER F 50 5.04 -16.83 54.36
C SER F 50 6.58 -16.80 54.42
N HIS F 51 7.25 -16.64 53.27
CA HIS F 51 8.71 -16.55 53.21
C HIS F 51 9.26 -15.15 52.88
N THR F 52 8.37 -14.18 52.64
CA THR F 52 8.77 -12.78 52.48
C THR F 52 7.76 -11.87 53.18
N LYS F 53 8.25 -10.74 53.70
CA LYS F 53 7.39 -9.70 54.26
C LYS F 53 6.83 -8.81 53.16
N HIS F 54 7.40 -8.88 51.97
CA HIS F 54 6.96 -8.07 50.83
C HIS F 54 5.55 -8.49 50.38
N ARG F 55 4.76 -7.47 50.05
CA ARG F 55 3.39 -7.64 49.57
C ARG F 55 3.26 -6.81 48.28
N PRO F 56 3.56 -7.44 47.13
CA PRO F 56 3.65 -6.68 45.87
C PRO F 56 2.29 -6.29 45.31
N GLN F 57 2.21 -5.08 44.77
CA GLN F 57 1.05 -4.62 44.01
C GLN F 57 1.24 -4.85 42.50
N VAL F 58 2.48 -4.76 42.04
CA VAL F 58 2.81 -4.81 40.62
C VAL F 58 3.74 -5.99 40.37
N ALA F 59 3.43 -6.80 39.37
CA ALA F 59 4.34 -7.86 38.91
C ALA F 59 4.97 -7.41 37.59
N ILE F 60 6.28 -7.62 37.44
CA ILE F 60 7.02 -7.22 36.24
C ILE F 60 7.75 -8.44 35.67
N ILE F 61 7.46 -8.79 34.42
CA ILE F 61 8.14 -9.90 33.74
C ILE F 61 9.24 -9.32 32.86
N CYS F 62 10.49 -9.66 33.18
CA CYS F 62 11.66 -9.15 32.47
C CYS F 62 12.00 -10.04 31.27
N GLY F 63 12.14 -9.42 30.11
CA GLY F 63 12.46 -10.13 28.87
C GLY F 63 13.94 -10.36 28.67
N SER F 64 14.29 -10.83 27.46
CA SER F 64 15.65 -11.26 27.13
C SER F 64 16.58 -10.04 27.13
N GLY F 65 17.64 -10.12 27.93
CA GLY F 65 18.56 -9.00 28.13
C GLY F 65 18.02 -7.84 28.95
N LEU F 66 16.87 -8.02 29.60
CA LEU F 66 16.23 -6.97 30.41
C LEU F 66 16.26 -7.30 31.91
N GLY F 67 17.01 -8.33 32.29
CA GLY F 67 17.16 -8.73 33.69
C GLY F 67 17.75 -7.68 34.61
N GLY F 68 18.53 -6.75 34.05
CA GLY F 68 19.05 -5.59 34.80
C GLY F 68 18.02 -4.63 35.39
N LEU F 69 16.76 -4.76 34.98
CA LEU F 69 15.65 -3.99 35.58
C LEU F 69 15.43 -4.28 37.07
N THR F 70 15.88 -5.44 37.56
CA THR F 70 15.82 -5.78 38.99
C THR F 70 16.89 -5.09 39.86
N ASP F 71 17.88 -4.43 39.24
CA ASP F 71 18.98 -3.79 39.98
C ASP F 71 18.53 -2.60 40.83
N LYS F 72 17.58 -1.82 40.34
CA LYS F 72 17.07 -0.62 41.04
C LYS F 72 16.10 -0.92 42.21
N LEU F 73 15.71 -2.18 42.40
CA LEU F 73 14.88 -2.56 43.53
C LEU F 73 15.60 -2.30 44.85
N THR F 74 14.89 -1.65 45.78
CA THR F 74 15.38 -1.45 47.15
C THR F 74 14.73 -2.49 48.07
N GLN F 75 15.41 -2.81 49.17
CA GLN F 75 15.01 -3.87 50.12
C GLN F 75 14.74 -5.20 49.42
N ALA F 76 15.61 -5.54 48.47
CA ALA F 76 15.39 -6.70 47.61
C ALA F 76 15.49 -8.03 48.35
N GLN F 77 14.58 -8.95 48.05
CA GLN F 77 14.67 -10.33 48.49
C GLN F 77 14.54 -11.26 47.27
N ILE F 78 15.50 -12.17 47.13
CA ILE F 78 15.63 -13.04 45.96
C ILE F 78 15.18 -14.46 46.30
N PHE F 79 14.35 -15.03 45.43
CA PHE F 79 14.03 -16.46 45.42
C PHE F 79 14.44 -17.03 44.07
N ASP F 80 15.25 -18.08 44.07
CA ASP F 80 15.49 -18.85 42.84
C ASP F 80 14.24 -19.67 42.56
N TYR F 81 13.91 -19.85 41.27
CA TYR F 81 12.72 -20.64 40.88
C TYR F 81 12.75 -22.06 41.43
N SER F 82 13.93 -22.65 41.57
CA SER F 82 14.11 -23.98 42.15
C SER F 82 13.62 -24.09 43.61
N GLU F 83 13.69 -23.00 44.38
CA GLU F 83 13.17 -22.97 45.75
C GLU F 83 11.65 -23.03 45.84
N ILE F 84 10.97 -22.49 44.82
CA ILE F 84 9.54 -22.20 44.91
C ILE F 84 8.73 -23.44 44.48
N PRO F 85 7.79 -23.90 45.33
CA PRO F 85 6.96 -25.06 44.96
C PRO F 85 6.14 -24.84 43.68
N ASN F 86 6.07 -25.88 42.84
CA ASN F 86 5.28 -25.91 41.60
C ASN F 86 5.77 -25.02 40.46
N PHE F 87 6.91 -24.35 40.64
CA PHE F 87 7.42 -23.39 39.66
C PHE F 87 8.14 -24.21 38.58
N PRO F 88 7.99 -23.84 37.29
CA PRO F 88 8.81 -24.52 36.25
C PRO F 88 10.31 -24.27 36.41
N ARG F 89 11.13 -25.23 35.97
CA ARG F 89 12.60 -25.12 36.04
C ARG F 89 13.27 -24.80 34.68
N SER F 90 13.86 -23.61 34.59
CA SER F 90 14.27 -23.02 33.29
C SER F 90 15.54 -23.64 32.67
N THR F 91 15.97 -23.10 31.51
CA THR F 91 17.13 -23.62 30.80
C THR F 91 17.58 -22.67 29.65
N VAL F 92 17.41 -21.36 29.77
CA VAL F 92 17.77 -20.42 28.67
C VAL F 92 18.91 -19.48 29.11
N PRO F 93 19.91 -19.24 28.22
CA PRO F 93 20.95 -18.22 28.50
C PRO F 93 20.49 -16.80 28.12
N GLY F 94 20.67 -15.85 29.04
CA GLY F 94 20.06 -14.51 28.95
C GLY F 94 18.87 -14.33 29.90
N HIS F 95 18.50 -15.40 30.58
CA HIS F 95 17.36 -15.45 31.52
C HIS F 95 17.81 -16.22 32.77
N ALA F 96 17.86 -15.52 33.93
CA ALA F 96 18.52 -16.05 35.14
C ALA F 96 17.80 -17.23 35.83
N GLY F 97 16.52 -17.02 36.15
CA GLY F 97 15.70 -18.04 36.82
C GLY F 97 15.40 -17.70 38.28
N ARG F 98 14.94 -16.47 38.53
CA ARG F 98 14.69 -16.01 39.90
C ARG F 98 13.57 -14.96 40.01
N LEU F 99 12.90 -14.98 41.16
CA LEU F 99 11.83 -14.04 41.51
C LEU F 99 12.41 -13.06 42.54
N VAL F 100 12.30 -11.76 42.26
CA VAL F 100 12.84 -10.72 43.14
C VAL F 100 11.73 -9.79 43.64
N PHE F 101 11.50 -9.80 44.96
CA PHE F 101 10.56 -8.89 45.61
C PHE F 101 11.31 -7.64 46.06
N GLY F 102 10.64 -6.48 46.01
CA GLY F 102 11.27 -5.23 46.45
C GLY F 102 10.43 -4.01 46.11
N PHE F 103 11.02 -2.84 46.30
CA PHE F 103 10.38 -1.57 45.98
C PHE F 103 11.07 -0.91 44.80
N LEU F 104 10.28 -0.48 43.81
CA LEU F 104 10.78 0.21 42.64
C LEU F 104 10.16 1.59 42.62
N ASN F 105 10.98 2.62 42.85
CA ASN F 105 10.51 4.00 43.02
C ASN F 105 9.41 4.09 44.08
N GLY F 106 9.65 3.40 45.19
CA GLY F 106 8.70 3.37 46.31
C GLY F 106 7.45 2.51 46.15
N ARG F 107 7.36 1.73 45.08
CA ARG F 107 6.17 0.90 44.81
C ARG F 107 6.51 -0.58 45.00
N ALA F 108 5.67 -1.30 45.74
CA ALA F 108 5.89 -2.71 46.04
C ALA F 108 5.76 -3.59 44.79
N CYS F 109 6.88 -4.17 44.37
CA CYS F 109 6.96 -4.97 43.14
C CYS F 109 7.45 -6.40 43.38
N VAL F 110 7.07 -7.29 42.47
CA VAL F 110 7.71 -8.60 42.33
C VAL F 110 8.12 -8.75 40.87
N MET F 111 9.36 -9.19 40.64
CA MET F 111 9.92 -9.20 39.29
C MET F 111 10.40 -10.60 38.91
N MET F 112 9.98 -11.06 37.73
CA MET F 112 10.51 -12.28 37.12
C MET F 112 11.72 -11.94 36.30
N GLN F 113 12.88 -12.44 36.72
CA GLN F 113 14.10 -12.34 35.93
C GLN F 113 14.26 -13.71 35.28
N GLY F 114 13.80 -13.81 34.04
CA GLY F 114 13.74 -15.08 33.32
C GLY F 114 12.31 -15.55 33.16
N ARG F 115 11.80 -15.51 31.93
CA ARG F 115 10.49 -16.05 31.63
C ARG F 115 10.61 -17.39 30.91
N PHE F 116 9.49 -18.06 30.73
CA PHE F 116 9.42 -19.34 30.05
C PHE F 116 8.78 -19.14 28.68
N HIS F 117 9.22 -19.94 27.72
CA HIS F 117 8.79 -19.82 26.33
C HIS F 117 8.23 -21.14 25.81
N MET F 118 7.25 -21.03 24.93
CA MET F 118 6.65 -22.20 24.29
C MET F 118 7.68 -23.02 23.50
N TYR F 119 8.63 -22.33 22.82
CA TYR F 119 9.68 -23.01 22.04
C TYR F 119 10.62 -23.91 22.85
N GLU F 120 10.74 -23.65 24.16
CA GLU F 120 11.52 -24.50 25.08
C GLU F 120 10.89 -25.89 25.27
N GLY F 121 9.61 -26.03 24.95
CA GLY F 121 8.88 -27.27 25.12
C GLY F 121 7.79 -27.20 26.18
N TYR F 122 7.71 -26.07 26.90
CA TYR F 122 6.67 -25.89 27.91
C TYR F 122 5.31 -25.72 27.26
N PRO F 123 4.27 -26.39 27.79
CA PRO F 123 2.92 -25.99 27.42
C PRO F 123 2.56 -24.63 28.01
N LEU F 124 1.61 -23.94 27.40
CA LEU F 124 1.31 -22.56 27.80
C LEU F 124 0.78 -22.42 29.23
N TRP F 125 0.15 -23.47 29.76
CA TRP F 125 -0.27 -23.49 31.17
C TRP F 125 0.90 -23.56 32.17
N LYS F 126 2.07 -24.03 31.73
CA LYS F 126 3.31 -23.87 32.51
C LYS F 126 3.92 -22.49 32.31
N VAL F 127 3.93 -22.01 31.07
CA VAL F 127 4.49 -20.69 30.73
C VAL F 127 3.83 -19.58 31.56
N THR F 128 2.52 -19.67 31.74
CA THR F 128 1.72 -18.64 32.38
C THR F 128 1.41 -18.88 33.86
N PHE F 129 1.91 -19.99 34.41
CA PHE F 129 1.71 -20.33 35.84
C PHE F 129 1.98 -19.17 36.81
N PRO F 130 3.14 -18.48 36.68
CA PRO F 130 3.42 -17.39 37.61
C PRO F 130 2.41 -16.23 37.61
N VAL F 131 1.72 -16.00 36.49
CA VAL F 131 0.76 -14.90 36.40
C VAL F 131 -0.39 -15.11 37.40
N ARG F 132 -0.91 -16.34 37.46
CA ARG F 132 -1.96 -16.67 38.42
C ARG F 132 -1.44 -16.68 39.86
N VAL F 133 -0.19 -17.07 40.06
CA VAL F 133 0.44 -16.96 41.38
C VAL F 133 0.45 -15.49 41.82
N PHE F 134 0.86 -14.58 40.94
CA PHE F 134 0.89 -13.15 41.27
C PHE F 134 -0.48 -12.63 41.66
N HIS F 135 -1.51 -13.04 40.91
CA HIS F 135 -2.89 -12.73 41.23
C HIS F 135 -3.21 -13.12 42.68
N LEU F 136 -2.86 -14.36 43.05
CA LEU F 136 -3.10 -14.85 44.40
C LEU F 136 -2.22 -14.20 45.49
N LEU F 137 -1.05 -13.69 45.13
CA LEU F 137 -0.26 -12.84 46.04
C LEU F 137 -0.92 -11.48 46.35
N GLY F 138 -1.88 -11.06 45.54
CA GLY F 138 -2.54 -9.76 45.68
C GLY F 138 -2.07 -8.70 44.69
N VAL F 139 -1.28 -9.08 43.70
CA VAL F 139 -0.89 -8.17 42.61
C VAL F 139 -2.14 -7.79 41.82
N ASP F 140 -2.31 -6.50 41.50
CA ASP F 140 -3.42 -6.05 40.64
C ASP F 140 -2.97 -5.53 39.25
N THR F 141 -1.66 -5.42 39.02
CA THR F 141 -1.12 -4.92 37.76
C THR F 141 0.05 -5.77 37.31
N LEU F 142 0.01 -6.23 36.05
CA LEU F 142 1.12 -6.94 35.41
C LEU F 142 1.78 -6.06 34.36
N VAL F 143 3.08 -5.86 34.50
CA VAL F 143 3.89 -5.19 33.49
C VAL F 143 4.66 -6.26 32.73
N VAL F 144 4.40 -6.38 31.43
CA VAL F 144 5.09 -7.33 30.57
C VAL F 144 6.12 -6.60 29.72
N THR F 145 7.35 -7.09 29.73
CA THR F 145 8.42 -6.53 28.92
C THR F 145 8.99 -7.63 28.06
N ASN F 146 9.53 -7.25 26.91
CA ASN F 146 10.23 -8.17 26.04
C ASN F 146 11.23 -7.50 25.14
N ALA F 147 12.11 -8.31 24.55
CA ALA F 147 12.85 -7.92 23.37
C ALA F 147 11.96 -8.25 22.18
N ALA F 148 12.06 -7.46 21.10
CA ALA F 148 11.27 -7.73 19.89
C ALA F 148 12.00 -7.27 18.66
N GLY F 149 11.74 -7.95 17.54
CA GLY F 149 12.23 -7.53 16.24
C GLY F 149 11.32 -6.47 15.67
N GLY F 150 11.92 -5.39 15.14
CA GLY F 150 11.16 -4.31 14.53
C GLY F 150 10.67 -4.69 13.14
N LEU F 151 9.36 -4.61 12.95
CA LEU F 151 8.72 -4.78 11.64
C LEU F 151 8.35 -3.44 11.01
N ASN F 152 7.95 -2.47 11.84
CA ASN F 152 7.66 -1.11 11.38
C ASN F 152 8.99 -0.44 11.00
N PRO F 153 9.13 -0.01 9.72
CA PRO F 153 10.42 0.52 9.26
C PRO F 153 10.90 1.81 9.96
N LYS F 154 9.99 2.57 10.56
CA LYS F 154 10.36 3.77 11.30
C LYS F 154 11.02 3.48 12.67
N PHE F 155 10.89 2.26 13.18
CA PHE F 155 11.56 1.89 14.44
C PHE F 155 13.05 1.74 14.22
N GLU F 156 13.83 2.20 15.20
CA GLU F 156 15.27 2.01 15.23
C GLU F 156 15.62 1.09 16.38
N VAL F 157 16.80 0.48 16.30
CA VAL F 157 17.31 -0.37 17.38
C VAL F 157 17.49 0.51 18.62
N GLY F 158 17.04 0.01 19.76
CA GLY F 158 17.02 0.77 21.01
C GLY F 158 15.71 1.48 21.33
N ASP F 159 14.78 1.54 20.38
CA ASP F 159 13.45 2.11 20.67
C ASP F 159 12.68 1.30 21.69
N ILE F 160 11.86 2.01 22.46
CA ILE F 160 10.88 1.39 23.34
C ILE F 160 9.53 1.55 22.65
N MET F 161 8.83 0.44 22.44
CA MET F 161 7.50 0.45 21.85
C MET F 161 6.51 0.06 22.92
N LEU F 162 5.57 0.97 23.23
CA LEU F 162 4.41 0.63 24.04
C LEU F 162 3.53 -0.36 23.27
N ILE F 163 3.13 -1.45 23.92
CA ILE F 163 2.25 -2.43 23.31
C ILE F 163 0.82 -1.95 23.47
N ARG F 164 0.24 -1.43 22.39
CA ARG F 164 -1.18 -1.07 22.34
C ARG F 164 -2.08 -2.30 22.17
N ASP F 165 -1.56 -3.30 21.45
CA ASP F 165 -2.36 -4.45 21.08
C ASP F 165 -1.46 -5.61 20.68
N HIS F 166 -2.04 -6.80 20.53
CA HIS F 166 -1.29 -7.93 20.01
C HIS F 166 -2.05 -8.73 18.96
N ILE F 167 -1.30 -9.56 18.24
CA ILE F 167 -1.84 -10.57 17.33
C ILE F 167 -1.32 -11.92 17.82
N ASN F 168 -2.24 -12.79 18.24
CA ASN F 168 -1.90 -14.08 18.84
C ASN F 168 -2.01 -15.19 17.78
N LEU F 169 -0.96 -15.35 16.98
CA LEU F 169 -0.98 -16.34 15.89
C LEU F 169 -1.10 -17.79 16.40
N PRO F 170 -0.35 -18.16 17.45
CA PRO F 170 -0.53 -19.51 18.02
C PRO F 170 -1.95 -19.75 18.57
N GLY F 171 -2.52 -18.71 19.17
CA GLY F 171 -3.89 -18.74 19.67
C GLY F 171 -4.93 -19.06 18.61
N PHE F 172 -4.79 -18.49 17.43
CA PHE F 172 -5.69 -18.80 16.31
C PHE F 172 -5.79 -20.30 16.01
N SER F 173 -4.66 -21.01 16.15
CA SER F 173 -4.56 -22.44 15.83
C SER F 173 -4.88 -23.40 16.97
N GLY F 174 -5.04 -22.91 18.20
CA GLY F 174 -5.30 -23.79 19.35
C GLY F 174 -4.43 -23.54 20.55
N GLN F 175 -3.24 -22.97 20.32
CA GLN F 175 -2.29 -22.71 21.40
C GLN F 175 -2.65 -21.43 22.16
N ASN F 176 -3.62 -21.58 23.06
CA ASN F 176 -4.08 -20.54 23.98
C ASN F 176 -3.92 -21.11 25.39
N PRO F 177 -3.38 -20.31 26.34
CA PRO F 177 -3.18 -20.83 27.71
C PRO F 177 -4.45 -21.21 28.47
N LEU F 178 -5.60 -20.69 28.02
CA LEU F 178 -6.90 -21.03 28.61
C LEU F 178 -7.55 -22.30 28.05
N ARG F 179 -6.89 -22.97 27.10
CA ARG F 179 -7.45 -24.20 26.53
C ARG F 179 -7.68 -25.25 27.60
N GLY F 180 -8.80 -25.96 27.48
CA GLY F 180 -9.22 -26.96 28.46
C GLY F 180 -10.36 -26.40 29.31
N PRO F 181 -10.74 -27.14 30.37
CA PRO F 181 -11.78 -26.65 31.29
C PRO F 181 -11.42 -25.29 31.89
N ASN F 182 -12.39 -24.39 31.94
CA ASN F 182 -12.20 -23.09 32.57
C ASN F 182 -12.30 -23.27 34.08
N ASP F 183 -11.39 -22.64 34.82
CA ASP F 183 -11.52 -22.57 36.28
C ASP F 183 -12.23 -21.26 36.60
N GLU F 184 -13.49 -21.38 37.06
CA GLU F 184 -14.32 -20.21 37.41
C GLU F 184 -13.73 -19.34 38.51
N ARG F 185 -12.94 -19.94 39.40
CA ARG F 185 -12.26 -19.19 40.47
C ARG F 185 -11.22 -18.16 39.98
N PHE F 186 -10.72 -18.34 38.75
CA PHE F 186 -9.84 -17.33 38.13
C PHE F 186 -10.62 -16.38 37.23
N GLY F 187 -11.50 -16.89 36.38
CA GLY F 187 -12.24 -16.04 35.45
C GLY F 187 -13.26 -16.74 34.58
N ASP F 188 -13.72 -16.00 33.57
CA ASP F 188 -14.78 -16.48 32.67
C ASP F 188 -14.29 -17.46 31.61
N ARG F 189 -15.23 -18.21 31.04
CA ARG F 189 -14.92 -19.16 29.95
C ARG F 189 -14.41 -18.44 28.71
N TYR F 190 -15.07 -17.33 28.36
CA TYR F 190 -14.76 -16.58 27.13
C TYR F 190 -14.39 -15.12 27.43
N PRO F 191 -13.16 -14.89 27.94
CA PRO F 191 -12.77 -13.53 28.27
C PRO F 191 -12.48 -12.68 27.03
N ALA F 192 -12.82 -11.40 27.09
CA ALA F 192 -12.54 -10.46 26.00
C ALA F 192 -11.11 -9.96 26.10
N MET F 193 -10.48 -9.73 24.95
CA MET F 193 -9.11 -9.20 24.88
C MET F 193 -8.98 -7.87 24.14
N SER F 194 -10.09 -7.30 23.66
CA SER F 194 -10.03 -6.04 22.91
C SER F 194 -9.54 -4.84 23.74
N ASP F 195 -9.64 -4.94 25.06
CA ASP F 195 -9.18 -3.92 26.01
C ASP F 195 -8.00 -4.39 26.88
N ALA F 196 -7.18 -5.30 26.36
CA ALA F 196 -6.15 -5.98 27.17
C ALA F 196 -5.08 -5.03 27.71
N TYR F 197 -4.61 -4.11 26.87
CA TYR F 197 -3.52 -3.21 27.26
C TYR F 197 -4.12 -1.89 27.73
N ASP F 198 -4.05 -1.67 29.04
CA ASP F 198 -4.76 -0.57 29.72
C ASP F 198 -4.59 0.78 29.01
N ARG F 199 -5.72 1.33 28.58
CA ARG F 199 -5.77 2.57 27.80
C ARG F 199 -5.17 3.75 28.58
N THR F 200 -5.59 3.90 29.84
CA THR F 200 -5.20 5.04 30.66
C THR F 200 -3.69 5.09 30.93
N MET F 201 -3.10 3.93 31.27
CA MET F 201 -1.65 3.86 31.50
C MET F 201 -0.82 4.26 30.27
N ARG F 202 -1.28 3.82 29.09
CA ARG F 202 -0.58 4.15 27.85
C ARG F 202 -0.64 5.64 27.53
N GLN F 203 -1.83 6.24 27.71
CA GLN F 203 -2.01 7.67 27.54
C GLN F 203 -1.13 8.45 28.51
N ARG F 204 -1.12 8.05 29.78
CA ARG F 204 -0.28 8.72 30.79
C ARG F 204 1.22 8.56 30.51
N ALA F 205 1.64 7.35 30.10
CA ALA F 205 3.03 7.11 29.73
C ALA F 205 3.48 8.00 28.54
N LEU F 206 2.61 8.14 27.54
CA LEU F 206 2.90 9.00 26.39
C LEU F 206 3.01 10.49 26.76
N SER F 207 2.00 11.01 27.45
CA SER F 207 2.00 12.42 27.88
C SER F 207 3.16 12.76 28.82
N THR F 208 3.51 11.83 29.73
CA THR F 208 4.62 12.07 30.64
C THR F 208 5.95 12.08 29.90
N TRP F 209 6.18 11.11 28.99
CA TRP F 209 7.31 11.14 28.05
C TRP F 209 7.43 12.42 27.26
N LYS F 210 6.28 13.06 26.88
CA LYS F 210 6.40 14.21 25.97
C LYS F 210 6.97 15.38 26.83
N GLN F 211 6.59 15.35 28.11
CA GLN F 211 7.02 16.37 29.10
C GLN F 211 8.50 16.29 29.50
N MET F 212 9.11 15.14 29.31
CA MET F 212 10.54 14.92 29.57
C MET F 212 11.46 15.70 28.64
N GLY F 213 11.01 15.99 27.42
CA GLY F 213 11.83 16.57 26.36
C GLY F 213 12.99 15.67 25.96
N GLU F 214 12.65 14.41 25.68
CA GLU F 214 13.59 13.45 25.05
C GLU F 214 13.42 13.42 23.52
N GLN F 215 14.54 13.32 22.83
CA GLN F 215 14.59 13.59 21.37
C GLN F 215 13.88 12.49 20.60
N ARG F 216 14.24 11.24 20.90
CA ARG F 216 13.58 10.07 20.26
C ARG F 216 12.25 9.78 20.92
N GLU F 217 11.19 9.68 20.12
CA GLU F 217 9.83 9.58 20.68
C GLU F 217 9.61 8.17 21.20
N LEU F 218 8.67 8.04 22.14
CA LEU F 218 8.19 6.76 22.64
C LEU F 218 7.29 6.18 21.54
N GLN F 219 7.62 4.99 21.04
CA GLN F 219 6.83 4.35 19.98
C GLN F 219 5.62 3.62 20.58
N GLU F 220 4.62 3.37 19.74
CA GLU F 220 3.42 2.63 20.13
C GLU F 220 2.97 1.74 18.96
N GLY F 221 2.57 0.51 19.25
CA GLY F 221 2.18 -0.40 18.17
C GLY F 221 1.74 -1.78 18.59
N THR F 222 1.58 -2.65 17.58
CA THR F 222 1.06 -3.99 17.75
C THR F 222 2.20 -5.02 17.79
N TYR F 223 2.17 -5.85 18.82
CA TYR F 223 3.11 -6.96 18.98
C TYR F 223 2.48 -8.23 18.41
N VAL F 224 3.19 -8.92 17.52
CA VAL F 224 2.71 -10.23 17.05
C VAL F 224 3.56 -11.32 17.71
N MET F 225 2.90 -12.33 18.29
CA MET F 225 3.59 -13.49 18.80
C MET F 225 3.68 -14.57 17.74
N VAL F 226 4.89 -15.11 17.55
CA VAL F 226 5.13 -16.32 16.78
C VAL F 226 5.91 -17.27 17.68
N ALA F 227 5.75 -18.57 17.46
CA ALA F 227 6.31 -19.57 18.38
C ALA F 227 7.84 -19.65 18.38
N GLY F 228 8.47 -19.46 17.21
CA GLY F 228 9.91 -19.70 17.07
C GLY F 228 10.24 -21.19 17.21
N PRO F 229 11.47 -21.55 17.56
CA PRO F 229 12.57 -20.66 17.99
C PRO F 229 13.42 -20.05 16.87
N SER F 230 13.24 -20.50 15.63
CA SER F 230 13.98 -19.95 14.50
C SER F 230 13.46 -18.55 14.13
N PHE F 231 14.35 -17.70 13.64
CA PHE F 231 13.98 -16.34 13.23
C PHE F 231 13.27 -16.35 11.88
N GLU F 232 12.64 -15.23 11.54
CA GLU F 232 11.76 -15.13 10.39
C GLU F 232 12.54 -15.12 9.09
N THR F 233 11.91 -15.66 8.05
CA THR F 233 12.35 -15.43 6.68
C THR F 233 11.89 -14.04 6.23
N VAL F 234 12.40 -13.58 5.10
CA VAL F 234 11.98 -12.30 4.51
C VAL F 234 10.50 -12.34 4.17
N ALA F 235 10.05 -13.43 3.53
CA ALA F 235 8.63 -13.59 3.18
C ALA F 235 7.73 -13.55 4.43
N GLU F 236 8.17 -14.23 5.49
CA GLU F 236 7.47 -14.22 6.78
C GLU F 236 7.42 -12.83 7.40
N CYS F 237 8.55 -12.13 7.40
CA CYS F 237 8.58 -10.74 7.84
C CYS F 237 7.53 -9.89 7.11
N ARG F 238 7.45 -10.05 5.79
CA ARG F 238 6.46 -9.33 4.99
C ARG F 238 5.01 -9.74 5.30
N VAL F 239 4.77 -11.01 5.62
CA VAL F 239 3.47 -11.46 6.09
C VAL F 239 3.08 -10.66 7.34
N LEU F 240 3.98 -10.66 8.33
CA LEU F 240 3.71 -10.00 9.61
C LEU F 240 3.50 -8.49 9.44
N GLN F 241 4.26 -7.88 8.54
CA GLN F 241 4.06 -6.47 8.17
C GLN F 241 2.68 -6.24 7.54
N LYS F 242 2.32 -7.07 6.56
CA LYS F 242 0.98 -7.01 5.93
C LYS F 242 -0.16 -7.19 6.92
N LEU F 243 0.02 -8.05 7.91
CA LEU F 243 -0.98 -8.26 8.96
C LEU F 243 -1.14 -7.07 9.93
N GLY F 244 -0.22 -6.11 9.87
CA GLY F 244 -0.31 -4.88 10.66
C GLY F 244 0.46 -4.94 11.97
N ALA F 245 1.41 -5.87 12.08
CA ALA F 245 2.25 -5.97 13.26
C ALA F 245 3.42 -5.00 13.13
N ASP F 246 3.77 -4.36 14.24
CA ASP F 246 4.89 -3.41 14.31
C ASP F 246 6.15 -4.03 14.90
N ALA F 247 6.00 -5.04 15.77
CA ALA F 247 7.11 -5.77 16.34
C ALA F 247 6.74 -7.24 16.49
N VAL F 248 7.77 -8.10 16.48
CA VAL F 248 7.56 -9.55 16.59
C VAL F 248 8.43 -10.16 17.70
N GLY F 249 7.86 -11.12 18.42
CA GLY F 249 8.58 -11.89 19.42
C GLY F 249 7.95 -13.24 19.67
N MET F 250 8.44 -13.96 20.67
CA MET F 250 8.03 -15.35 20.92
C MET F 250 7.45 -15.56 22.31
N SER F 251 6.89 -14.51 22.90
CA SER F 251 6.47 -14.55 24.30
C SER F 251 5.28 -13.60 24.55
N THR F 252 5.01 -13.33 25.82
CA THR F 252 4.24 -12.16 26.28
C THR F 252 2.74 -12.32 26.18
N VAL F 253 2.26 -12.68 24.98
CA VAL F 253 0.83 -12.79 24.70
C VAL F 253 0.09 -13.79 25.60
N PRO F 254 0.68 -15.00 25.84
CA PRO F 254 0.04 -15.94 26.76
C PRO F 254 -0.14 -15.39 28.18
N GLU F 255 0.90 -14.73 28.68
CA GLU F 255 0.85 -14.09 30.01
C GLU F 255 -0.24 -13.03 30.08
N VAL F 256 -0.35 -12.21 29.03
CA VAL F 256 -1.36 -11.16 28.96
C VAL F 256 -2.78 -11.73 28.98
N ILE F 257 -3.00 -12.81 28.24
CA ILE F 257 -4.31 -13.48 28.22
C ILE F 257 -4.70 -14.00 29.60
N VAL F 258 -3.77 -14.67 30.27
CA VAL F 258 -4.02 -15.22 31.61
C VAL F 258 -4.22 -14.09 32.64
N ALA F 259 -3.44 -13.01 32.50
CA ALA F 259 -3.60 -11.84 33.35
C ALA F 259 -5.00 -11.23 33.23
N ARG F 260 -5.43 -10.99 32.00
CA ARG F 260 -6.76 -10.42 31.76
C ARG F 260 -7.88 -11.36 32.16
N HIS F 261 -7.67 -12.66 31.99
CA HIS F 261 -8.63 -13.67 32.44
C HIS F 261 -8.93 -13.54 33.94
N CYS F 262 -7.89 -13.30 34.76
CA CYS F 262 -8.07 -13.15 36.21
C CYS F 262 -8.19 -11.70 36.72
N GLY F 263 -8.40 -10.75 35.81
CA GLY F 263 -8.74 -9.37 36.18
C GLY F 263 -7.60 -8.38 36.40
N LEU F 264 -6.39 -8.80 36.11
CA LEU F 264 -5.20 -7.93 36.28
C LEU F 264 -5.18 -6.84 35.22
N ARG F 265 -4.82 -5.63 35.65
CA ARG F 265 -4.51 -4.54 34.72
C ARG F 265 -3.18 -4.88 34.05
N VAL F 266 -3.05 -4.61 32.76
CA VAL F 266 -1.87 -5.00 32.00
C VAL F 266 -1.26 -3.81 31.26
N PHE F 267 0.06 -3.65 31.40
CA PHE F 267 0.84 -2.70 30.61
C PHE F 267 1.98 -3.48 29.98
N GLY F 268 2.29 -3.17 28.71
CA GLY F 268 3.35 -3.87 28.00
C GLY F 268 4.25 -2.96 27.20
N PHE F 269 5.53 -3.31 27.12
CA PHE F 269 6.43 -2.65 26.18
C PHE F 269 7.52 -3.57 25.65
N SER F 270 7.99 -3.26 24.45
CA SER F 270 9.02 -4.00 23.75
C SER F 270 10.25 -3.12 23.58
N LEU F 271 11.41 -3.69 23.80
CA LEU F 271 12.66 -3.08 23.36
C LEU F 271 12.94 -3.60 21.97
N ILE F 272 13.05 -2.71 20.99
CA ILE F 272 13.36 -3.10 19.63
C ILE F 272 14.86 -3.41 19.56
N THR F 273 15.20 -4.69 19.56
CA THR F 273 16.60 -5.15 19.62
C THR F 273 17.26 -5.34 18.24
N ASN F 274 16.45 -5.41 17.20
CA ASN F 274 16.96 -5.61 15.84
C ASN F 274 15.86 -5.28 14.85
N LYS F 275 16.25 -4.88 13.65
CA LYS F 275 15.32 -4.67 12.56
C LYS F 275 15.25 -5.98 11.77
N VAL F 276 14.03 -6.51 11.63
CA VAL F 276 13.82 -7.79 10.98
C VAL F 276 14.20 -7.65 9.51
N ILE F 277 14.88 -8.65 8.96
CA ILE F 277 15.39 -8.57 7.59
C ILE F 277 14.19 -8.68 6.63
N MET F 278 14.02 -7.67 5.78
CA MET F 278 12.84 -7.55 4.91
C MET F 278 13.20 -7.45 3.42
N ASP F 279 14.45 -7.70 3.05
CA ASP F 279 14.85 -7.76 1.65
C ASP F 279 15.93 -8.81 1.41
N TYR F 280 15.98 -9.30 0.17
CA TYR F 280 16.90 -10.37 -0.21
C TYR F 280 18.33 -9.90 -0.51
N GLU F 281 18.53 -8.59 -0.64
CA GLU F 281 19.87 -8.03 -0.91
C GLU F 281 20.76 -8.05 0.32
N SER F 282 20.17 -7.85 1.51
CA SER F 282 20.94 -7.80 2.76
C SER F 282 21.64 -9.13 3.04
N LEU F 283 22.85 -9.04 3.58
CA LEU F 283 23.62 -10.20 4.06
C LEU F 283 23.49 -10.38 5.58
N GLU F 284 22.80 -9.44 6.23
CA GLU F 284 22.64 -9.46 7.69
C GLU F 284 21.61 -10.53 8.09
N LYS F 285 21.81 -11.08 9.29
CA LYS F 285 20.96 -12.12 9.84
C LYS F 285 20.66 -11.82 11.30
N ALA F 286 19.43 -12.09 11.72
CA ALA F 286 19.07 -12.01 13.13
C ALA F 286 19.87 -13.03 13.90
N ASN F 287 20.24 -12.70 15.12
CA ASN F 287 21.12 -13.55 15.97
C ASN F 287 20.87 -13.20 17.45
N HIS F 288 20.93 -14.21 18.31
CA HIS F 288 20.58 -14.05 19.72
C HIS F 288 21.58 -13.16 20.47
N GLU F 289 22.86 -13.28 20.14
CA GLU F 289 23.91 -12.51 20.80
C GLU F 289 23.71 -11.00 20.60
N GLU F 290 23.35 -10.60 19.37
CA GLU F 290 23.01 -9.19 19.10
C GLU F 290 21.78 -8.72 19.86
N VAL F 291 20.79 -9.61 20.02
CA VAL F 291 19.55 -9.30 20.77
C VAL F 291 19.87 -9.04 22.25
N LEU F 292 20.65 -9.92 22.88
CA LEU F 292 21.07 -9.73 24.29
C LEU F 292 21.86 -8.43 24.48
N ALA F 293 22.77 -8.15 23.53
CA ALA F 293 23.58 -6.95 23.60
C ALA F 293 22.75 -5.67 23.54
N ALA F 294 21.78 -5.63 22.63
CA ALA F 294 20.88 -4.48 22.50
C ALA F 294 20.07 -4.25 23.78
N GLY F 295 19.65 -5.36 24.41
CA GLY F 295 18.93 -5.30 25.68
C GLY F 295 19.74 -4.68 26.78
N LYS F 296 20.97 -5.16 26.96
CA LYS F 296 21.86 -4.65 28.00
C LYS F 296 22.24 -3.19 27.79
N GLN F 297 22.46 -2.78 26.54
CA GLN F 297 22.74 -1.37 26.22
C GLN F 297 21.57 -0.42 26.52
N ALA F 298 20.34 -0.90 26.41
CA ALA F 298 19.15 -0.09 26.67
C ALA F 298 18.60 -0.19 28.10
N ALA F 299 19.18 -1.09 28.91
CA ALA F 299 18.80 -1.27 30.33
C ALA F 299 19.04 0.02 31.14
N GLN F 300 20.18 0.66 30.89
CA GLN F 300 20.51 1.95 31.49
C GLN F 300 19.48 3.04 31.16
N LYS F 301 19.12 3.12 29.89
CA LYS F 301 18.15 4.10 29.40
C LYS F 301 16.74 3.85 29.93
N LEU F 302 16.37 2.58 30.15
CA LEU F 302 15.08 2.21 30.69
C LEU F 302 14.78 2.66 32.06
N GLU F 303 15.75 2.98 32.93
CA GLU F 303 15.47 3.56 34.23
C GLU F 303 14.54 4.78 34.27
N GLN F 304 14.75 5.76 33.38
CA GLN F 304 13.87 6.92 33.28
C GLN F 304 12.44 6.51 32.86
N PHE F 305 12.35 5.56 31.93
CA PHE F 305 11.05 5.09 31.46
C PHE F 305 10.30 4.29 32.54
N VAL F 306 11.02 3.42 33.26
CA VAL F 306 10.39 2.63 34.33
C VAL F 306 9.95 3.54 35.49
N SER F 307 10.71 4.63 35.74
CA SER F 307 10.30 5.65 36.72
C SER F 307 8.97 6.30 36.40
N ILE F 308 8.79 6.77 35.15
CA ILE F 308 7.52 7.34 34.70
C ILE F 308 6.42 6.28 34.75
N LEU F 309 6.76 5.02 34.44
CA LEU F 309 5.82 3.93 34.45
C LEU F 309 5.18 3.71 35.83
N MET F 310 6.00 3.69 36.88
CA MET F 310 5.48 3.45 38.25
C MET F 310 4.48 4.51 38.69
N ALA F 311 4.75 5.76 38.27
CA ALA F 311 3.90 6.90 38.59
C ALA F 311 2.51 6.80 37.94
N SER F 312 2.44 6.14 36.77
CA SER F 312 1.20 5.97 36.03
C SER F 312 0.34 4.76 36.48
N ILE F 313 0.79 4.00 37.49
CA ILE F 313 0.01 2.85 37.97
C ILE F 313 -0.91 3.25 39.12
N PRO F 314 -2.25 3.06 38.98
CA PRO F 314 -3.16 3.37 40.09
C PRO F 314 -2.88 2.58 41.36
N LEU F 315 -3.18 3.19 42.51
CA LEU F 315 -3.03 2.52 43.82
C LEU F 315 -4.23 1.60 44.06
N PRO F 316 -4.10 0.63 44.99
CA PRO F 316 -5.25 -0.27 45.27
C PRO F 316 -6.43 0.46 45.96
N ASP F 317 -7.52 -0.27 46.20
CA ASP F 317 -8.50 0.10 47.27
C ASP F 317 -7.81 0.04 48.63
P PO4 G . 8.89 11.70 -29.10
O1 PO4 G . 9.68 11.78 -30.36
O2 PO4 G . 9.35 10.54 -28.24
O3 PO4 G . 9.05 12.99 -28.33
O4 PO4 G . 7.43 11.52 -29.45
P PO4 H . 4.37 16.05 -3.41
O1 PO4 H . 4.46 15.80 -4.89
O2 PO4 H . 4.59 14.76 -2.65
O3 PO4 H . 5.42 17.03 -3.01
O4 PO4 H . 3.00 16.61 -3.09
P PO4 I . 25.99 13.59 -3.61
O1 PO4 I . 26.08 13.44 -5.11
O2 PO4 I . 25.62 12.25 -3.01
O3 PO4 I . 27.32 14.06 -3.06
O4 PO4 I . 24.98 14.63 -3.19
P PO4 J . 14.78 37.06 -30.87
O1 PO4 J . 15.24 35.61 -30.93
O2 PO4 J . 15.24 37.79 -32.12
O3 PO4 J . 15.38 37.73 -29.66
O4 PO4 J . 13.28 37.08 -30.79
P PO4 K . -13.11 31.32 -33.38
O1 PO4 K . -13.14 29.99 -34.11
O2 PO4 K . -12.41 32.34 -34.25
O3 PO4 K . -12.37 31.14 -32.07
O4 PO4 K . -14.51 31.78 -33.10
P PO4 L . 20.70 32.39 -31.72
O1 PO4 L . 21.91 32.95 -32.43
O2 PO4 L . 21.15 31.68 -30.47
O3 PO4 L . 19.70 33.48 -31.39
O4 PO4 L . 20.03 31.41 -32.66
P PO4 M . 29.37 24.86 -21.61
O1 PO4 M . 30.65 25.41 -22.20
O2 PO4 M . 28.67 24.03 -22.67
O3 PO4 M . 28.48 25.99 -21.14
O4 PO4 M . 29.70 23.98 -20.43
N1 IM5 N . 1.14 17.19 -29.99
C2 IM5 N . 1.96 16.75 -29.01
N2 IM5 N . 1.76 17.12 -27.73
N3 IM5 N . 2.99 15.90 -29.24
C4 IM5 N . 3.22 15.49 -30.51
C5 IM5 N . 2.41 15.94 -31.63
C6 IM5 N . 1.30 16.84 -31.29
O6 IM5 N . 0.53 17.27 -32.17
N7 IM5 N . 2.91 15.35 -32.72
C8 IM5 N . 3.98 14.57 -32.41
C9 IM5 N . 4.24 14.60 -31.05
N1' IM5 N . 5.01 12.60 -29.69
C10 IM5 N . 5.36 13.88 -30.32
C2' IM5 N . 4.03 12.66 -28.60
C3' IM5 N . 3.74 11.19 -28.38
O3' IM5 N . 4.80 10.55 -27.66
C4' IM5 N . 3.67 10.65 -29.80
C5' IM5 N . 2.26 10.72 -30.33
O5' IM5 N . 2.24 10.20 -31.67
C6' IM5 N . 4.57 11.55 -30.63
P PO4 O . -18.24 22.12 -10.05
O1 PO4 O . -17.10 22.11 -11.03
O2 PO4 O . -18.31 20.72 -9.48
O3 PO4 O . -17.99 23.03 -8.88
O4 PO4 O . -19.56 22.47 -10.70
P PO4 P . 5.42 11.10 -10.24
O1 PO4 P . 5.90 10.53 -11.54
O2 PO4 P . 5.31 12.60 -10.36
O3 PO4 P . 6.39 10.74 -9.14
O4 PO4 P . 4.05 10.53 -9.92
P PO4 Q . -3.89 47.88 -12.55
O1 PO4 Q . -2.77 46.87 -12.64
O2 PO4 Q . -5.21 47.20 -12.83
O3 PO4 Q . -3.67 48.96 -13.59
O4 PO4 Q . -3.91 48.50 -11.16
P PO4 R . -42.72 8.71 -11.45
O1 PO4 R . -42.20 7.98 -12.66
O2 PO4 R . -42.06 8.11 -10.23
O3 PO4 R . -42.40 10.18 -11.56
O4 PO4 R . -44.22 8.49 -11.39
P PO4 S . -6.90 -6.58 -15.71
O1 PO4 S . -6.56 -7.41 -16.93
O2 PO4 S . -6.05 -7.02 -14.54
O3 PO4 S . -6.63 -5.13 -16.01
O4 PO4 S . -8.36 -6.78 -15.37
N1 IM5 T . -13.12 30.10 -9.88
C2 IM5 T . -12.89 28.75 -9.95
N2 IM5 T . -11.64 28.26 -10.10
N3 IM5 T . -13.90 27.84 -9.86
C4 IM5 T . -15.16 28.30 -9.72
C5 IM5 T . -15.50 29.71 -9.64
C6 IM5 T . -14.35 30.64 -9.73
O6 IM5 T . -14.54 31.88 -9.65
N7 IM5 T . -16.82 29.80 -9.50
C8 IM5 T . -17.39 28.57 -9.47
C9 IM5 T . -16.43 27.56 -9.60
N1' IM5 T . -16.52 25.28 -8.43
C10 IM5 T . -16.67 26.07 -9.67
C2' IM5 T . -15.16 25.26 -7.88
C3' IM5 T . -15.42 24.64 -6.53
O3' IM5 T . -15.63 23.23 -6.74
C4' IM5 T . -16.70 25.31 -6.06
C5' IM5 T . -16.39 26.53 -5.23
O5' IM5 T . -17.56 27.32 -4.99
C6' IM5 T . -17.43 25.69 -7.34
P PO4 U . 13.80 32.51 -1.77
O1 PO4 U . 14.94 32.06 -2.67
O2 PO4 U . 13.66 31.55 -0.64
O3 PO4 U . 14.16 33.87 -1.23
O4 PO4 U . 12.50 32.56 -2.53
P PO4 V . -2.02 12.36 -7.25
O1 PO4 V . -2.25 11.51 -8.48
O2 PO4 V . -1.10 11.59 -6.33
O3 PO4 V . -1.35 13.64 -7.64
O4 PO4 V . -3.34 12.64 -6.56
P PO4 W . -3.86 48.55 -5.10
O1 PO4 W . -2.49 48.90 -5.63
O2 PO4 W . -3.90 47.06 -4.87
O3 PO4 W . -4.90 48.96 -6.12
O4 PO4 W . -4.13 49.26 -3.79
P PO4 X . -7.17 15.95 14.72
O1 PO4 X . -7.08 14.51 14.27
O2 PO4 X . -7.14 16.83 13.48
O3 PO4 X . -6.03 16.28 15.66
O4 PO4 X . -8.47 16.20 15.44
N1 IM5 Y . 14.52 32.79 -11.17
C2 IM5 Y . 13.83 32.10 -10.22
N2 IM5 Y . 12.92 31.18 -10.58
N3 IM5 Y . 14.03 32.29 -8.88
C4 IM5 Y . 14.92 33.21 -8.50
C5 IM5 Y . 15.69 34.00 -9.45
C6 IM5 Y . 15.43 33.74 -10.88
O6 IM5 Y . 16.05 34.35 -11.78
N7 IM5 Y . 16.49 34.80 -8.73
C8 IM5 Y . 16.30 34.60 -7.39
C9 IM5 Y . 15.35 33.62 -7.16
N1' IM5 Y . 15.47 31.92 -5.28
C10 IM5 Y . 14.85 33.13 -5.82
C2' IM5 Y . 15.21 30.70 -6.04
C3' IM5 Y . 16.12 29.73 -5.34
O3' IM5 Y . 15.46 29.31 -4.14
C4' IM5 Y . 17.38 30.55 -5.10
C5' IM5 Y . 18.34 30.30 -6.25
O5' IM5 Y . 19.43 31.21 -6.25
C6' IM5 Y . 16.94 31.99 -5.07
P PO4 Z . 5.12 -33.44 -1.64
O1 PO4 Z . 5.90 -33.23 -2.92
O2 PO4 Z . 3.71 -33.80 -2.04
O3 PO4 Z . 5.73 -34.53 -0.80
O4 PO4 Z . 5.11 -32.20 -0.78
P PO4 AA . 1.69 -28.67 24.16
O1 PO4 AA . 2.59 -29.75 23.61
O2 PO4 AA . 0.70 -28.24 23.11
O3 PO4 AA . 2.53 -27.49 24.55
O4 PO4 AA . 0.94 -29.18 25.36
P PO4 BA . 2.61 -33.70 17.16
O1 PO4 BA . 2.84 -34.76 16.11
O2 PO4 BA . 2.98 -32.36 16.59
O3 PO4 BA . 3.46 -33.97 18.39
O4 PO4 BA . 1.16 -33.67 17.57
P PO4 CA . 11.84 -8.34 -4.34
O1 PO4 CA . 11.83 -9.32 -5.49
O2 PO4 CA . 13.16 -8.46 -3.61
O3 PO4 CA . 11.69 -6.93 -4.88
O4 PO4 CA . 10.70 -8.65 -3.41
P PO4 DA . -16.16 -13.38 -5.57
O1 PO4 DA . -15.06 -13.92 -6.46
O2 PO4 DA . -17.30 -14.38 -5.54
O3 PO4 DA . -15.65 -13.15 -4.16
O4 PO4 DA . -16.65 -12.06 -6.16
P PO4 EA . 17.98 -13.08 -4.79
O1 PO4 EA . 18.73 -13.67 -5.97
O2 PO4 EA . 17.51 -14.19 -3.90
O3 PO4 EA . 18.91 -12.16 -4.03
O4 PO4 EA . 16.77 -12.30 -5.28
N1 IM5 FA . -2.42 -27.77 -2.30
C2 IM5 FA . -1.63 -28.26 -1.32
N2 IM5 FA . -1.84 -27.91 -0.01
N3 IM5 FA . -0.61 -29.12 -1.56
C4 IM5 FA . -0.36 -29.49 -2.82
C5 IM5 FA . -1.15 -29.02 -3.95
C6 IM5 FA . -2.26 -28.09 -3.61
O6 IM5 FA . -3.02 -27.62 -4.49
N7 IM5 FA . -0.63 -29.59 -5.04
C8 IM5 FA . 0.42 -30.39 -4.73
C9 IM5 FA . 0.66 -30.37 -3.36
N1' IM5 FA . 1.37 -32.45 -2.10
C10 IM5 FA . 1.74 -31.12 -2.61
C2' IM5 FA . 0.47 -32.42 -0.93
C3' IM5 FA . 0.11 -33.88 -0.80
O3' IM5 FA . 1.20 -34.59 -0.20
C4' IM5 FA . -0.11 -34.33 -2.23
C5' IM5 FA . -1.58 -34.28 -2.63
O5' IM5 FA . -1.76 -34.45 -4.04
C6' IM5 FA . 0.76 -33.39 -3.06
P PO4 GA . -21.00 -21.83 18.10
O1 PO4 GA . -20.01 -21.74 16.96
O2 PO4 GA . -21.06 -23.25 18.62
O3 PO4 GA . -20.58 -20.97 19.27
O4 PO4 GA . -22.35 -21.38 17.61
P PO4 HA . -5.00 -32.25 20.39
O1 PO4 HA . -4.95 -33.73 20.11
O2 PO4 HA . -4.93 -31.50 19.09
O3 PO4 HA . -3.83 -31.86 21.25
O4 PO4 HA . -6.28 -31.94 21.12
P PO4 IA . -46.49 -33.84 17.97
O1 PO4 IA . -46.23 -35.33 18.09
O2 PO4 IA . -46.92 -33.52 16.56
O3 PO4 IA . -45.24 -33.07 18.29
O4 PO4 IA . -47.59 -33.44 18.94
P PO4 JA . -21.51 -18.84 -5.95
O1 PO4 JA . -20.85 -18.57 -7.28
O2 PO4 JA . -20.87 -20.05 -5.29
O3 PO4 JA . -21.33 -17.65 -5.05
O4 PO4 JA . -22.99 -19.11 -6.16
P PO4 KA . -5.94 3.17 14.45
O1 PO4 KA . -5.02 1.99 14.30
O2 PO4 KA . -5.64 4.17 13.37
O3 PO4 KA . -5.75 3.78 15.83
O4 PO4 KA . -7.39 2.74 14.34
N1 IM5 LA . -15.66 -14.16 18.09
C2 IM5 LA . -15.48 -15.50 18.01
N2 IM5 LA . -14.25 -16.01 17.78
N3 IM5 LA . -16.50 -16.38 18.15
C4 IM5 LA . -17.74 -15.90 18.35
C5 IM5 LA . -18.04 -14.48 18.46
C6 IM5 LA . -16.86 -13.58 18.31
O6 IM5 LA . -16.98 -12.34 18.39
N7 IM5 LA . -19.34 -14.36 18.67
C8 IM5 LA . -19.94 -15.59 18.71
C9 IM5 LA . -19.01 -16.60 18.53
N1' IM5 LA . -19.07 -18.80 19.74
C10 IM5 LA . -19.26 -18.08 18.48
C2' IM5 LA . -17.69 -18.84 20.24
C3' IM5 LA . -17.93 -19.50 21.59
O3' IM5 LA . -18.19 -20.90 21.42
C4' IM5 LA . -19.16 -18.76 22.12
C5' IM5 LA . -18.76 -17.56 22.95
O5' IM5 LA . -19.83 -16.62 23.15
C6' IM5 LA . -19.92 -18.33 20.87
P PO4 MA . 11.71 -12.29 25.26
O1 PO4 MA . 12.74 -12.78 24.28
O2 PO4 MA . 11.73 -13.14 26.51
O3 PO4 MA . 12.00 -10.86 25.64
O4 PO4 MA . 10.35 -12.39 24.60
P PO4 NA . -6.15 4.14 22.56
O1 PO4 NA . -5.37 3.91 21.29
O2 PO4 NA . -6.44 2.80 23.21
O3 PO4 NA . -7.45 4.84 22.27
O4 PO4 NA . -5.34 5.00 23.50
N1 IM5 OA . 12.11 -12.21 15.81
C2 IM5 OA . 11.41 -12.83 16.79
N2 IM5 OA . 10.46 -13.74 16.49
N3 IM5 OA . 11.63 -12.62 18.10
C4 IM5 OA . 12.58 -11.72 18.46
C5 IM5 OA . 13.38 -10.99 17.48
C6 IM5 OA . 13.08 -11.31 16.06
O6 IM5 OA . 13.68 -10.76 15.11
N7 IM5 OA . 14.21 -10.19 18.18
C8 IM5 OA . 14.01 -10.35 19.53
C9 IM5 OA . 13.03 -11.28 19.79
N1' IM5 OA . 13.12 -12.97 21.66
C10 IM5 OA . 12.52 -11.73 21.12
C2' IM5 OA . 12.88 -14.19 20.89
C3' IM5 OA . 13.79 -15.16 21.60
O3' IM5 OA . 13.20 -15.52 22.85
C4' IM5 OA . 15.06 -14.34 21.80
C5' IM5 OA . 16.03 -14.53 20.64
O5' IM5 OA . 17.08 -13.55 20.68
C6' IM5 OA . 14.58 -12.90 21.88
#